data_7FV3
# 
_entry.id   7FV3 
# 
_audit_conform.dict_name       mmcif_pdbx.dic 
_audit_conform.dict_version    5.392 
_audit_conform.dict_location   http://mmcif.pdb.org/dictionaries/ascii/mmcif_pdbx.dic 
# 
loop_
_database_2.database_id 
_database_2.database_code 
_database_2.pdbx_database_accession 
_database_2.pdbx_DOI 
PDB   7FV3         pdb_00007fv3 10.2210/pdb7fv3/pdb 
WWPDB D_1001405384 ?            ?                   
# 
loop_
_pdbx_audit_revision_history.ordinal 
_pdbx_audit_revision_history.data_content_type 
_pdbx_audit_revision_history.major_revision 
_pdbx_audit_revision_history.minor_revision 
_pdbx_audit_revision_history.revision_date 
1 'Structure model' 1 0 2023-03-29 
2 'Structure model' 1 1 2024-05-22 
# 
_pdbx_audit_revision_details.ordinal             1 
_pdbx_audit_revision_details.revision_ordinal    1 
_pdbx_audit_revision_details.data_content_type   'Structure model' 
_pdbx_audit_revision_details.provider            repository 
_pdbx_audit_revision_details.type                'Initial release' 
_pdbx_audit_revision_details.description         ? 
_pdbx_audit_revision_details.details             ? 
# 
_pdbx_audit_revision_group.ordinal             1 
_pdbx_audit_revision_group.revision_ordinal    2 
_pdbx_audit_revision_group.data_content_type   'Structure model' 
_pdbx_audit_revision_group.group               'Data collection' 
# 
loop_
_pdbx_audit_revision_category.ordinal 
_pdbx_audit_revision_category.revision_ordinal 
_pdbx_audit_revision_category.data_content_type 
_pdbx_audit_revision_category.category 
1 2 'Structure model' chem_comp_atom 
2 2 'Structure model' chem_comp_bond 
# 
_pdbx_database_status.entry_id                        7FV3 
_pdbx_database_status.status_code                     REL 
_pdbx_database_status.status_code_sf                  REL 
_pdbx_database_status.status_code_mr                  ? 
_pdbx_database_status.status_code_cs                  ? 
_pdbx_database_status.recvd_initial_deposition_date   2023-03-09 
_pdbx_database_status.status_code_nmr_data            ? 
_pdbx_database_status.deposit_site                    RCSB 
_pdbx_database_status.process_site                    RCSB 
_pdbx_database_status.SG_entry                        ? 
_pdbx_database_status.pdb_format_compatible           Y 
_pdbx_database_status.methods_development_category    ? 
# 
_pdbx_contact_author.id                 1 
_pdbx_contact_author.email              frank.von-delft@diamond.ac.uk 
_pdbx_contact_author.name_first         Frank 
_pdbx_contact_author.name_last          'von Delft' 
_pdbx_contact_author.role               'principal investigator/group leader' 
_pdbx_contact_author.identifier_ORCID   0000-0003-0378-0017 
_pdbx_contact_author.name_mi            ? 
# 
loop_
_audit_author.name 
_audit_author.pdbx_ordinal 
'Grosjean, H.'   1 
'Tomlinson, C.'  2 
'Bradshaw, W.J.' 3 
'Koekemoer, L.'  4 
'Krojer, T.'     5 
'Fearon, D.'     6 
'Biggin, P.C.'   7 
'von Delft, F.'  8 
# 
_citation.id                        primary 
_citation.title                     'PanDDA analysis group deposition' 
_citation.journal_abbrev            'To Be Published' 
_citation.journal_volume            ? 
_citation.page_first                ? 
_citation.page_last                 ? 
_citation.year                      ? 
_citation.journal_id_ASTM           ? 
_citation.country                   ? 
_citation.journal_id_ISSN           ? 
_citation.journal_id_CSD            0353 
_citation.book_publisher            ? 
_citation.pdbx_database_id_PubMed   ? 
_citation.pdbx_database_id_DOI      ? 
# 
loop_
_citation_author.citation_id 
_citation_author.name 
_citation_author.identifier_ORCID 
_citation_author.ordinal 
primary 'Grosjean, H.'   ? 1 
primary 'Tomlinson, C.'  ? 2 
primary 'Bradshaw, W.J.' ? 3 
primary 'Koekemoer, L.'  ? 4 
primary 'Krojer, T.'     ? 5 
primary 'Fearon, D.'     ? 6 
primary 'Biggin, P.C.'   ? 7 
primary 'von Delft, F.'  ? 8 
# 
loop_
_entity.id 
_entity.type 
_entity.src_method 
_entity.pdbx_description 
_entity.formula_weight 
_entity.pdbx_number_of_molecules 
_entity.pdbx_ec 
_entity.pdbx_mutation 
_entity.pdbx_fragment 
_entity.details 
1 polymer     man 'PH-interacting protein'                                             17627.859 1   ? ? ? ? 
2 non-polymer syn '(2R)-N-butyl-4-(furan-2-carbonyl)-2-methylpiperazine-1-carboxamide' 293.361   1   ? ? ? ? 
3 water       nat water                                                                18.015    169 ? ? ? ? 
# 
_entity_name_com.entity_id   1 
_entity_name_com.name        
'PHIP,DDB1- and CUL4-associated factor 14,IRS-1 PH domain-binding protein,WD repeat-containing protein 11' 
# 
_entity_poly.entity_id                      1 
_entity_poly.type                           'polypeptide(L)' 
_entity_poly.nstd_linkage                   no 
_entity_poly.nstd_monomer                   no 
_entity_poly.pdbx_seq_one_letter_code       
;MHHHHHHSSGVDLGTENLYFQSMSYDIQAWKKQCEELLNLIFQCEDSEPFRQPVDLLEYPDYRDIIDTPMDFATVRETLE
AGNYESPMELCKDVRLIFSNSKAYTPSKRSRIYSMSLRLSAFFEEHISSVLSDYKSALRFHKRNTITKR
;
_entity_poly.pdbx_seq_one_letter_code_can   
;MHHHHHHSSGVDLGTENLYFQSMSYDIQAWKKQCEELLNLIFQCEDSEPFRQPVDLLEYPDYRDIIDTPMDFATVRETLE
AGNYESPMELCKDVRLIFSNSKAYTPSKRSRIYSMSLRLSAFFEEHISSVLSDYKSALRFHKRNTITKR
;
_entity_poly.pdbx_strand_id                 A 
_entity_poly.pdbx_target_identifier         ? 
# 
loop_
_pdbx_entity_nonpoly.entity_id 
_pdbx_entity_nonpoly.name 
_pdbx_entity_nonpoly.comp_id 
2 '(2R)-N-butyl-4-(furan-2-carbonyl)-2-methylpiperazine-1-carboxamide' ZKL 
3 water                                                                HOH 
# 
loop_
_entity_poly_seq.entity_id 
_entity_poly_seq.num 
_entity_poly_seq.mon_id 
_entity_poly_seq.hetero 
1 1   MET n 
1 2   HIS n 
1 3   HIS n 
1 4   HIS n 
1 5   HIS n 
1 6   HIS n 
1 7   HIS n 
1 8   SER n 
1 9   SER n 
1 10  GLY n 
1 11  VAL n 
1 12  ASP n 
1 13  LEU n 
1 14  GLY n 
1 15  THR n 
1 16  GLU n 
1 17  ASN n 
1 18  LEU n 
1 19  TYR n 
1 20  PHE n 
1 21  GLN n 
1 22  SER n 
1 23  MET n 
1 24  SER n 
1 25  TYR n 
1 26  ASP n 
1 27  ILE n 
1 28  GLN n 
1 29  ALA n 
1 30  TRP n 
1 31  LYS n 
1 32  LYS n 
1 33  GLN n 
1 34  CYS n 
1 35  GLU n 
1 36  GLU n 
1 37  LEU n 
1 38  LEU n 
1 39  ASN n 
1 40  LEU n 
1 41  ILE n 
1 42  PHE n 
1 43  GLN n 
1 44  CYS n 
1 45  GLU n 
1 46  ASP n 
1 47  SER n 
1 48  GLU n 
1 49  PRO n 
1 50  PHE n 
1 51  ARG n 
1 52  GLN n 
1 53  PRO n 
1 54  VAL n 
1 55  ASP n 
1 56  LEU n 
1 57  LEU n 
1 58  GLU n 
1 59  TYR n 
1 60  PRO n 
1 61  ASP n 
1 62  TYR n 
1 63  ARG n 
1 64  ASP n 
1 65  ILE n 
1 66  ILE n 
1 67  ASP n 
1 68  THR n 
1 69  PRO n 
1 70  MET n 
1 71  ASP n 
1 72  PHE n 
1 73  ALA n 
1 74  THR n 
1 75  VAL n 
1 76  ARG n 
1 77  GLU n 
1 78  THR n 
1 79  LEU n 
1 80  GLU n 
1 81  ALA n 
1 82  GLY n 
1 83  ASN n 
1 84  TYR n 
1 85  GLU n 
1 86  SER n 
1 87  PRO n 
1 88  MET n 
1 89  GLU n 
1 90  LEU n 
1 91  CYS n 
1 92  LYS n 
1 93  ASP n 
1 94  VAL n 
1 95  ARG n 
1 96  LEU n 
1 97  ILE n 
1 98  PHE n 
1 99  SER n 
1 100 ASN n 
1 101 SER n 
1 102 LYS n 
1 103 ALA n 
1 104 TYR n 
1 105 THR n 
1 106 PRO n 
1 107 SER n 
1 108 LYS n 
1 109 ARG n 
1 110 SER n 
1 111 ARG n 
1 112 ILE n 
1 113 TYR n 
1 114 SER n 
1 115 MET n 
1 116 SER n 
1 117 LEU n 
1 118 ARG n 
1 119 LEU n 
1 120 SER n 
1 121 ALA n 
1 122 PHE n 
1 123 PHE n 
1 124 GLU n 
1 125 GLU n 
1 126 HIS n 
1 127 ILE n 
1 128 SER n 
1 129 SER n 
1 130 VAL n 
1 131 LEU n 
1 132 SER n 
1 133 ASP n 
1 134 TYR n 
1 135 LYS n 
1 136 SER n 
1 137 ALA n 
1 138 LEU n 
1 139 ARG n 
1 140 PHE n 
1 141 HIS n 
1 142 LYS n 
1 143 ARG n 
1 144 ASN n 
1 145 THR n 
1 146 ILE n 
1 147 THR n 
1 148 LYS n 
1 149 ARG n 
# 
_entity_src_gen.entity_id                          1 
_entity_src_gen.pdbx_src_id                        1 
_entity_src_gen.pdbx_alt_source_flag               sample 
_entity_src_gen.pdbx_seq_type                      'Biological sequence' 
_entity_src_gen.pdbx_beg_seq_num                   1 
_entity_src_gen.pdbx_end_seq_num                   149 
_entity_src_gen.gene_src_common_name               human 
_entity_src_gen.gene_src_genus                     ? 
_entity_src_gen.pdbx_gene_src_gene                 'PHIP, DCAF14, WDR11' 
_entity_src_gen.gene_src_species                   ? 
_entity_src_gen.gene_src_strain                    ? 
_entity_src_gen.gene_src_tissue                    ? 
_entity_src_gen.gene_src_tissue_fraction           ? 
_entity_src_gen.gene_src_details                   ? 
_entity_src_gen.pdbx_gene_src_fragment             ? 
_entity_src_gen.pdbx_gene_src_scientific_name      'Homo sapiens' 
_entity_src_gen.pdbx_gene_src_ncbi_taxonomy_id     9606 
_entity_src_gen.pdbx_gene_src_variant              ? 
_entity_src_gen.pdbx_gene_src_cell_line            ? 
_entity_src_gen.pdbx_gene_src_atcc                 ? 
_entity_src_gen.pdbx_gene_src_organ                ? 
_entity_src_gen.pdbx_gene_src_organelle            ? 
_entity_src_gen.pdbx_gene_src_cell                 ? 
_entity_src_gen.pdbx_gene_src_cellular_location    ? 
_entity_src_gen.host_org_common_name               ? 
_entity_src_gen.pdbx_host_org_scientific_name      'Escherichia coli' 
_entity_src_gen.pdbx_host_org_ncbi_taxonomy_id     562 
_entity_src_gen.host_org_genus                     ? 
_entity_src_gen.pdbx_host_org_gene                 ? 
_entity_src_gen.pdbx_host_org_organ                ? 
_entity_src_gen.host_org_species                   ? 
_entity_src_gen.pdbx_host_org_tissue               ? 
_entity_src_gen.pdbx_host_org_tissue_fraction      ? 
_entity_src_gen.pdbx_host_org_strain               ? 
_entity_src_gen.pdbx_host_org_variant              ? 
_entity_src_gen.pdbx_host_org_cell_line            ? 
_entity_src_gen.pdbx_host_org_atcc                 ? 
_entity_src_gen.pdbx_host_org_culture_collection   ? 
_entity_src_gen.pdbx_host_org_cell                 ? 
_entity_src_gen.pdbx_host_org_organelle            ? 
_entity_src_gen.pdbx_host_org_cellular_location    ? 
_entity_src_gen.pdbx_host_org_vector_type          ? 
_entity_src_gen.pdbx_host_org_vector               ? 
_entity_src_gen.host_org_details                   ? 
_entity_src_gen.expression_system_id               ? 
_entity_src_gen.plasmid_name                       ? 
_entity_src_gen.plasmid_details                    ? 
_entity_src_gen.pdbx_description                   ? 
# 
loop_
_chem_comp.id 
_chem_comp.type 
_chem_comp.mon_nstd_flag 
_chem_comp.name 
_chem_comp.pdbx_synonyms 
_chem_comp.formula 
_chem_comp.formula_weight 
ALA 'L-peptide linking' y ALANINE                                                              ? 'C3 H7 N O2'     89.093  
ARG 'L-peptide linking' y ARGININE                                                             ? 'C6 H15 N4 O2 1' 175.209 
ASN 'L-peptide linking' y ASPARAGINE                                                           ? 'C4 H8 N2 O3'    132.118 
ASP 'L-peptide linking' y 'ASPARTIC ACID'                                                      ? 'C4 H7 N O4'     133.103 
CYS 'L-peptide linking' y CYSTEINE                                                             ? 'C3 H7 N O2 S'   121.158 
GLN 'L-peptide linking' y GLUTAMINE                                                            ? 'C5 H10 N2 O3'   146.144 
GLU 'L-peptide linking' y 'GLUTAMIC ACID'                                                      ? 'C5 H9 N O4'     147.129 
GLY 'peptide linking'   y GLYCINE                                                              ? 'C2 H5 N O2'     75.067  
HIS 'L-peptide linking' y HISTIDINE                                                            ? 'C6 H10 N3 O2 1' 156.162 
HOH non-polymer         . WATER                                                                ? 'H2 O'           18.015  
ILE 'L-peptide linking' y ISOLEUCINE                                                           ? 'C6 H13 N O2'    131.173 
LEU 'L-peptide linking' y LEUCINE                                                              ? 'C6 H13 N O2'    131.173 
LYS 'L-peptide linking' y LYSINE                                                               ? 'C6 H15 N2 O2 1' 147.195 
MET 'L-peptide linking' y METHIONINE                                                           ? 'C5 H11 N O2 S'  149.211 
PHE 'L-peptide linking' y PHENYLALANINE                                                        ? 'C9 H11 N O2'    165.189 
PRO 'L-peptide linking' y PROLINE                                                              ? 'C5 H9 N O2'     115.130 
SER 'L-peptide linking' y SERINE                                                               ? 'C3 H7 N O3'     105.093 
THR 'L-peptide linking' y THREONINE                                                            ? 'C4 H9 N O3'     119.119 
TRP 'L-peptide linking' y TRYPTOPHAN                                                           ? 'C11 H12 N2 O2'  204.225 
TYR 'L-peptide linking' y TYROSINE                                                             ? 'C9 H11 N O3'    181.189 
VAL 'L-peptide linking' y VALINE                                                               ? 'C5 H11 N O2'    117.146 
ZKL non-polymer         . '(2R)-N-butyl-4-(furan-2-carbonyl)-2-methylpiperazine-1-carboxamide' ? 'C15 H23 N3 O3'  293.361 
# 
loop_
_pdbx_poly_seq_scheme.asym_id 
_pdbx_poly_seq_scheme.entity_id 
_pdbx_poly_seq_scheme.seq_id 
_pdbx_poly_seq_scheme.mon_id 
_pdbx_poly_seq_scheme.ndb_seq_num 
_pdbx_poly_seq_scheme.pdb_seq_num 
_pdbx_poly_seq_scheme.auth_seq_num 
_pdbx_poly_seq_scheme.pdb_mon_id 
_pdbx_poly_seq_scheme.auth_mon_id 
_pdbx_poly_seq_scheme.pdb_strand_id 
_pdbx_poly_seq_scheme.pdb_ins_code 
_pdbx_poly_seq_scheme.hetero 
A 1 1   MET 1   1292 ?    ?   ?   A . n 
A 1 2   HIS 2   1293 ?    ?   ?   A . n 
A 1 3   HIS 3   1294 ?    ?   ?   A . n 
A 1 4   HIS 4   1295 ?    ?   ?   A . n 
A 1 5   HIS 5   1296 ?    ?   ?   A . n 
A 1 6   HIS 6   1297 ?    ?   ?   A . n 
A 1 7   HIS 7   1298 ?    ?   ?   A . n 
A 1 8   SER 8   1299 ?    ?   ?   A . n 
A 1 9   SER 9   1300 ?    ?   ?   A . n 
A 1 10  GLY 10  1301 ?    ?   ?   A . n 
A 1 11  VAL 11  1302 ?    ?   ?   A . n 
A 1 12  ASP 12  1303 ?    ?   ?   A . n 
A 1 13  LEU 13  1304 ?    ?   ?   A . n 
A 1 14  GLY 14  1305 ?    ?   ?   A . n 
A 1 15  THR 15  1306 ?    ?   ?   A . n 
A 1 16  GLU 16  1307 ?    ?   ?   A . n 
A 1 17  ASN 17  1308 ?    ?   ?   A . n 
A 1 18  LEU 18  1309 ?    ?   ?   A . n 
A 1 19  TYR 19  1310 ?    ?   ?   A . n 
A 1 20  PHE 20  1311 ?    ?   ?   A . n 
A 1 21  GLN 21  1312 ?    ?   ?   A . n 
A 1 22  SER 22  1313 ?    ?   ?   A . n 
A 1 23  MET 23  1314 ?    ?   ?   A . n 
A 1 24  SER 24  1315 1315 SER SER A . n 
A 1 25  TYR 25  1316 1316 TYR TYR A . n 
A 1 26  ASP 26  1317 1317 ASP ASP A . n 
A 1 27  ILE 27  1318 1318 ILE ILE A . n 
A 1 28  GLN 28  1319 1319 GLN GLN A . n 
A 1 29  ALA 29  1320 1320 ALA ALA A . n 
A 1 30  TRP 30  1321 1321 TRP TRP A . n 
A 1 31  LYS 31  1322 1322 LYS LYS A . n 
A 1 32  LYS 32  1323 1323 LYS LYS A . n 
A 1 33  GLN 33  1324 1324 GLN GLN A . n 
A 1 34  CYS 34  1325 1325 CYS CYS A . n 
A 1 35  GLU 35  1326 1326 GLU GLU A . n 
A 1 36  GLU 36  1327 1327 GLU GLU A . n 
A 1 37  LEU 37  1328 1328 LEU LEU A . n 
A 1 38  LEU 38  1329 1329 LEU LEU A . n 
A 1 39  ASN 39  1330 1330 ASN ASN A . n 
A 1 40  LEU 40  1331 1331 LEU LEU A . n 
A 1 41  ILE 41  1332 1332 ILE ILE A . n 
A 1 42  PHE 42  1333 1333 PHE PHE A . n 
A 1 43  GLN 43  1334 1334 GLN GLN A . n 
A 1 44  CYS 44  1335 1335 CYS CYS A . n 
A 1 45  GLU 45  1336 1336 GLU GLU A . n 
A 1 46  ASP 46  1337 1337 ASP ASP A . n 
A 1 47  SER 47  1338 1338 SER SER A . n 
A 1 48  GLU 48  1339 1339 GLU GLU A . n 
A 1 49  PRO 49  1340 1340 PRO PRO A . n 
A 1 50  PHE 50  1341 1341 PHE PHE A . n 
A 1 51  ARG 51  1342 1342 ARG ARG A . n 
A 1 52  GLN 52  1343 1343 GLN GLN A . n 
A 1 53  PRO 53  1344 1344 PRO PRO A . n 
A 1 54  VAL 54  1345 1345 VAL VAL A . n 
A 1 55  ASP 55  1346 1346 ASP ASP A . n 
A 1 56  LEU 56  1347 1347 LEU LEU A . n 
A 1 57  LEU 57  1348 1348 LEU LEU A . n 
A 1 58  GLU 58  1349 1349 GLU GLU A . n 
A 1 59  TYR 59  1350 1350 TYR TYR A . n 
A 1 60  PRO 60  1351 1351 PRO PRO A . n 
A 1 61  ASP 61  1352 1352 ASP ASP A . n 
A 1 62  TYR 62  1353 1353 TYR TYR A . n 
A 1 63  ARG 63  1354 1354 ARG ARG A . n 
A 1 64  ASP 64  1355 1355 ASP ASP A . n 
A 1 65  ILE 65  1356 1356 ILE ILE A . n 
A 1 66  ILE 66  1357 1357 ILE ILE A . n 
A 1 67  ASP 67  1358 1358 ASP ASP A . n 
A 1 68  THR 68  1359 1359 THR THR A . n 
A 1 69  PRO 69  1360 1360 PRO PRO A . n 
A 1 70  MET 70  1361 1361 MET MET A . n 
A 1 71  ASP 71  1362 1362 ASP ASP A . n 
A 1 72  PHE 72  1363 1363 PHE PHE A . n 
A 1 73  ALA 73  1364 1364 ALA ALA A . n 
A 1 74  THR 74  1365 1365 THR THR A . n 
A 1 75  VAL 75  1366 1366 VAL VAL A . n 
A 1 76  ARG 76  1367 1367 ARG ARG A . n 
A 1 77  GLU 77  1368 1368 GLU GLU A . n 
A 1 78  THR 78  1369 1369 THR THR A . n 
A 1 79  LEU 79  1370 1370 LEU LEU A . n 
A 1 80  GLU 80  1371 1371 GLU GLU A . n 
A 1 81  ALA 81  1372 1372 ALA ALA A . n 
A 1 82  GLY 82  1373 1373 GLY GLY A . n 
A 1 83  ASN 83  1374 1374 ASN ASN A . n 
A 1 84  TYR 84  1375 1375 TYR TYR A . n 
A 1 85  GLU 85  1376 1376 GLU GLU A . n 
A 1 86  SER 86  1377 1377 SER SER A . n 
A 1 87  PRO 87  1378 1378 PRO PRO A . n 
A 1 88  MET 88  1379 1379 MET MET A . n 
A 1 89  GLU 89  1380 1380 GLU GLU A . n 
A 1 90  LEU 90  1381 1381 LEU LEU A . n 
A 1 91  CYS 91  1382 1382 CYS CYS A . n 
A 1 92  LYS 92  1383 1383 LYS LYS A . n 
A 1 93  ASP 93  1384 1384 ASP ASP A . n 
A 1 94  VAL 94  1385 1385 VAL VAL A . n 
A 1 95  ARG 95  1386 1386 ARG ARG A . n 
A 1 96  LEU 96  1387 1387 LEU LEU A . n 
A 1 97  ILE 97  1388 1388 ILE ILE A . n 
A 1 98  PHE 98  1389 1389 PHE PHE A . n 
A 1 99  SER 99  1390 1390 SER SER A . n 
A 1 100 ASN 100 1391 1391 ASN ASN A . n 
A 1 101 SER 101 1392 1392 SER SER A . n 
A 1 102 LYS 102 1393 1393 LYS LYS A . n 
A 1 103 ALA 103 1394 1394 ALA ALA A . n 
A 1 104 TYR 104 1395 1395 TYR TYR A . n 
A 1 105 THR 105 1396 1396 THR THR A . n 
A 1 106 PRO 106 1397 1397 PRO PRO A . n 
A 1 107 SER 107 1398 1398 SER SER A . n 
A 1 108 LYS 108 1399 1399 LYS LYS A . n 
A 1 109 ARG 109 1400 1400 ARG ARG A . n 
A 1 110 SER 110 1401 1401 SER SER A . n 
A 1 111 ARG 111 1402 1402 ARG ARG A . n 
A 1 112 ILE 112 1403 1403 ILE ILE A . n 
A 1 113 TYR 113 1404 1404 TYR TYR A . n 
A 1 114 SER 114 1405 1405 SER SER A . n 
A 1 115 MET 115 1406 1406 MET MET A . n 
A 1 116 SER 116 1407 1407 SER SER A . n 
A 1 117 LEU 117 1408 1408 LEU LEU A . n 
A 1 118 ARG 118 1409 1409 ARG ARG A . n 
A 1 119 LEU 119 1410 1410 LEU LEU A . n 
A 1 120 SER 120 1411 1411 SER SER A . n 
A 1 121 ALA 121 1412 1412 ALA ALA A . n 
A 1 122 PHE 122 1413 1413 PHE PHE A . n 
A 1 123 PHE 123 1414 1414 PHE PHE A . n 
A 1 124 GLU 124 1415 1415 GLU GLU A . n 
A 1 125 GLU 125 1416 1416 GLU GLU A . n 
A 1 126 HIS 126 1417 1417 HIS HIS A . n 
A 1 127 ILE 127 1418 1418 ILE ILE A . n 
A 1 128 SER 128 1419 1419 SER SER A . n 
A 1 129 SER 129 1420 1420 SER SER A . n 
A 1 130 VAL 130 1421 1421 VAL VAL A . n 
A 1 131 LEU 131 1422 1422 LEU LEU A . n 
A 1 132 SER 132 1423 1423 SER SER A . n 
A 1 133 ASP 133 1424 1424 ASP ASP A . n 
A 1 134 TYR 134 1425 1425 TYR TYR A . n 
A 1 135 LYS 135 1426 1426 LYS LYS A . n 
A 1 136 SER 136 1427 1427 SER SER A . n 
A 1 137 ALA 137 1428 1428 ALA ALA A . n 
A 1 138 LEU 138 1429 1429 LEU LEU A . n 
A 1 139 ARG 139 1430 1430 ARG ARG A . n 
A 1 140 PHE 140 1431 1431 PHE PHE A . n 
A 1 141 HIS 141 1432 1432 HIS HIS A . n 
A 1 142 LYS 142 1433 1433 LYS LYS A . n 
A 1 143 ARG 143 1434 1434 ARG ARG A . n 
A 1 144 ASN 144 1435 ?    ?   ?   A . n 
A 1 145 THR 145 1436 ?    ?   ?   A . n 
A 1 146 ILE 146 1437 ?    ?   ?   A . n 
A 1 147 THR 147 1438 ?    ?   ?   A . n 
A 1 148 LYS 148 1439 ?    ?   ?   A . n 
A 1 149 ARG 149 1440 ?    ?   ?   A . n 
# 
loop_
_pdbx_nonpoly_scheme.asym_id 
_pdbx_nonpoly_scheme.entity_id 
_pdbx_nonpoly_scheme.mon_id 
_pdbx_nonpoly_scheme.ndb_seq_num 
_pdbx_nonpoly_scheme.pdb_seq_num 
_pdbx_nonpoly_scheme.auth_seq_num 
_pdbx_nonpoly_scheme.pdb_mon_id 
_pdbx_nonpoly_scheme.auth_mon_id 
_pdbx_nonpoly_scheme.pdb_strand_id 
_pdbx_nonpoly_scheme.pdb_ins_code 
B 2 ZKL 1   1901 1901 ZKL LIG A . 
C 3 HOH 1   2001 40   HOH HOH A . 
C 3 HOH 2   2002 24   HOH HOH A . 
C 3 HOH 3   2003 47   HOH HOH A . 
C 3 HOH 4   2004 1648 HOH HOH A . 
C 3 HOH 5   2005 1610 HOH HOH A . 
C 3 HOH 6   2006 44   HOH HOH A . 
C 3 HOH 7   2007 1630 HOH HOH A . 
C 3 HOH 8   2008 1695 HOH HOH A . 
C 3 HOH 9   2009 1613 HOH HOH A . 
C 3 HOH 10  2010 46   HOH HOH A . 
C 3 HOH 11  2011 1624 HOH HOH A . 
C 3 HOH 12  2012 1607 HOH HOH A . 
C 3 HOH 13  2013 37   HOH HOH A . 
C 3 HOH 14  2014 1712 HOH HOH A . 
C 3 HOH 15  2015 1629 HOH HOH A . 
C 3 HOH 16  2016 1602 HOH HOH A . 
C 3 HOH 17  2017 1622 HOH HOH A . 
C 3 HOH 18  2018 1603 HOH HOH A . 
C 3 HOH 19  2019 1615 HOH HOH A . 
C 3 HOH 20  2020 1620 HOH HOH A . 
C 3 HOH 21  2021 38   HOH HOH A . 
C 3 HOH 22  2022 1771 HOH HOH A . 
C 3 HOH 23  2023 1767 HOH HOH A . 
C 3 HOH 24  2024 1617 HOH HOH A . 
C 3 HOH 25  2025 1676 HOH HOH A . 
C 3 HOH 26  2026 1679 HOH HOH A . 
C 3 HOH 27  2027 1696 HOH HOH A . 
C 3 HOH 28  2028 1658 HOH HOH A . 
C 3 HOH 29  2029 1644 HOH HOH A . 
C 3 HOH 30  2030 4    HOH HOH A . 
C 3 HOH 31  2031 28   HOH HOH A . 
C 3 HOH 32  2032 1663 HOH HOH A . 
C 3 HOH 33  2033 8    HOH HOH A . 
C 3 HOH 34  2034 1678 HOH HOH A . 
C 3 HOH 35  2035 1625 HOH HOH A . 
C 3 HOH 36  2036 1655 HOH HOH A . 
C 3 HOH 37  2037 1673 HOH HOH A . 
C 3 HOH 38  2038 1686 HOH HOH A . 
C 3 HOH 39  2039 1666 HOH HOH A . 
C 3 HOH 40  2040 1645 HOH HOH A . 
C 3 HOH 41  2041 12   HOH HOH A . 
C 3 HOH 42  2042 1632 HOH HOH A . 
C 3 HOH 43  2043 1734 HOH HOH A . 
C 3 HOH 44  2044 1674 HOH HOH A . 
C 3 HOH 45  2045 1677 HOH HOH A . 
C 3 HOH 46  2046 1661 HOH HOH A . 
C 3 HOH 47  2047 1699 HOH HOH A . 
C 3 HOH 48  2048 1634 HOH HOH A . 
C 3 HOH 49  2049 1619 HOH HOH A . 
C 3 HOH 50  2050 1672 HOH HOH A . 
C 3 HOH 51  2051 1654 HOH HOH A . 
C 3 HOH 52  2052 1628 HOH HOH A . 
C 3 HOH 53  2053 1733 HOH HOH A . 
C 3 HOH 54  2054 1720 HOH HOH A . 
C 3 HOH 55  2055 1682 HOH HOH A . 
C 3 HOH 56  2056 1671 HOH HOH A . 
C 3 HOH 57  2057 1669 HOH HOH A . 
C 3 HOH 58  2058 1637 HOH HOH A . 
C 3 HOH 59  2059 10   HOH HOH A . 
C 3 HOH 60  2060 25   HOH HOH A . 
C 3 HOH 61  2061 1687 HOH HOH A . 
C 3 HOH 62  2062 1681 HOH HOH A . 
C 3 HOH 63  2063 1689 HOH HOH A . 
C 3 HOH 64  2064 1701 HOH HOH A . 
C 3 HOH 65  2065 1693 HOH HOH A . 
C 3 HOH 66  2066 1652 HOH HOH A . 
C 3 HOH 67  2067 32   HOH HOH A . 
C 3 HOH 68  2068 39   HOH HOH A . 
C 3 HOH 69  2069 1675 HOH HOH A . 
C 3 HOH 70  2070 26   HOH HOH A . 
C 3 HOH 71  2071 1668 HOH HOH A . 
C 3 HOH 72  2072 1650 HOH HOH A . 
C 3 HOH 73  2073 1646 HOH HOH A . 
C 3 HOH 74  2074 1643 HOH HOH A . 
C 3 HOH 75  2075 14   HOH HOH A . 
C 3 HOH 76  2076 29   HOH HOH A . 
C 3 HOH 77  2077 1688 HOH HOH A . 
C 3 HOH 78  2078 1685 HOH HOH A . 
C 3 HOH 79  2079 20   HOH HOH A . 
C 3 HOH 80  2080 1694 HOH HOH A . 
C 3 HOH 81  2081 1708 HOH HOH A . 
C 3 HOH 82  2082 1723 HOH HOH A . 
C 3 HOH 83  2083 1649 HOH HOH A . 
C 3 HOH 84  2084 1601 HOH HOH A . 
C 3 HOH 85  2085 1721 HOH HOH A . 
C 3 HOH 86  2086 1700 HOH HOH A . 
C 3 HOH 87  2087 1651 HOH HOH A . 
C 3 HOH 88  2088 1690 HOH HOH A . 
C 3 HOH 89  2089 1709 HOH HOH A . 
C 3 HOH 90  2090 1738 HOH HOH A . 
C 3 HOH 91  2091 1704 HOH HOH A . 
C 3 HOH 92  2092 1714 HOH HOH A . 
C 3 HOH 93  2093 1728 HOH HOH A . 
C 3 HOH 94  2094 16   HOH HOH A . 
C 3 HOH 95  2095 1719 HOH HOH A . 
C 3 HOH 96  2096 1741 HOH HOH A . 
C 3 HOH 97  2097 1740 HOH HOH A . 
C 3 HOH 98  2098 6    HOH HOH A . 
C 3 HOH 99  2099 1706 HOH HOH A . 
C 3 HOH 100 2100 19   HOH HOH A . 
C 3 HOH 101 2101 1713 HOH HOH A . 
C 3 HOH 102 2102 1640 HOH HOH A . 
C 3 HOH 103 2103 1715 HOH HOH A . 
C 3 HOH 104 2104 1730 HOH HOH A . 
C 3 HOH 105 2105 1737 HOH HOH A . 
C 3 HOH 106 2106 1697 HOH HOH A . 
C 3 HOH 107 2107 1724 HOH HOH A . 
C 3 HOH 108 2108 1611 HOH HOH A . 
C 3 HOH 109 2109 1757 HOH HOH A . 
C 3 HOH 110 2110 1710 HOH HOH A . 
C 3 HOH 111 2111 1727 HOH HOH A . 
C 3 HOH 112 2112 1801 HOH HOH A . 
C 3 HOH 113 2113 1725 HOH HOH A . 
C 3 HOH 114 2114 1744 HOH HOH A . 
C 3 HOH 115 2115 1726 HOH HOH A . 
C 3 HOH 116 2116 15   HOH HOH A . 
C 3 HOH 117 2117 33   HOH HOH A . 
C 3 HOH 118 2118 1703 HOH HOH A . 
C 3 HOH 119 2119 1722 HOH HOH A . 
C 3 HOH 120 2120 1772 HOH HOH A . 
C 3 HOH 121 2121 1731 HOH HOH A . 
C 3 HOH 122 2122 43   HOH HOH A . 
C 3 HOH 123 2123 1752 HOH HOH A . 
C 3 HOH 124 2124 31   HOH HOH A . 
C 3 HOH 125 2125 1756 HOH HOH A . 
C 3 HOH 126 2126 1753 HOH HOH A . 
C 3 HOH 127 2127 1751 HOH HOH A . 
C 3 HOH 128 2128 1698 HOH HOH A . 
C 3 HOH 129 2129 1755 HOH HOH A . 
C 3 HOH 130 2130 13   HOH HOH A . 
C 3 HOH 131 2131 45   HOH HOH A . 
C 3 HOH 132 2132 1769 HOH HOH A . 
C 3 HOH 133 2133 1766 HOH HOH A . 
C 3 HOH 134 2134 1742 HOH HOH A . 
C 3 HOH 135 2135 1754 HOH HOH A . 
C 3 HOH 136 2136 1743 HOH HOH A . 
C 3 HOH 137 2137 1784 HOH HOH A . 
C 3 HOH 138 2138 1763 HOH HOH A . 
C 3 HOH 139 2139 41   HOH HOH A . 
C 3 HOH 140 2140 34   HOH HOH A . 
C 3 HOH 141 2141 1770 HOH HOH A . 
C 3 HOH 142 2142 1765 HOH HOH A . 
C 3 HOH 143 2143 1779 HOH HOH A . 
C 3 HOH 144 2144 9    HOH HOH A . 
C 3 HOH 145 2145 1780 HOH HOH A . 
C 3 HOH 146 2146 1777 HOH HOH A . 
C 3 HOH 147 2147 1794 HOH HOH A . 
C 3 HOH 148 2148 1795 HOH HOH A . 
C 3 HOH 149 2149 1778 HOH HOH A . 
C 3 HOH 150 2150 1761 HOH HOH A . 
C 3 HOH 151 2151 1796 HOH HOH A . 
C 3 HOH 152 2152 1762 HOH HOH A . 
C 3 HOH 153 2153 36   HOH HOH A . 
C 3 HOH 154 2154 23   HOH HOH A . 
C 3 HOH 155 2155 1775 HOH HOH A . 
C 3 HOH 156 2156 35   HOH HOH A . 
C 3 HOH 157 2157 1782 HOH HOH A . 
C 3 HOH 158 2158 1781 HOH HOH A . 
C 3 HOH 159 2159 11   HOH HOH A . 
C 3 HOH 160 2160 1783 HOH HOH A . 
C 3 HOH 161 2161 42   HOH HOH A . 
C 3 HOH 162 2162 17   HOH HOH A . 
C 3 HOH 163 2163 1790 HOH HOH A . 
C 3 HOH 164 2164 1792 HOH HOH A . 
C 3 HOH 165 2165 7    HOH HOH A . 
C 3 HOH 166 2166 21   HOH HOH A . 
C 3 HOH 167 2167 1798 HOH HOH A . 
C 3 HOH 168 2168 1799 HOH HOH A . 
C 3 HOH 169 2169 1800 HOH HOH A . 
# 
loop_
_pdbx_unobs_or_zero_occ_atoms.id 
_pdbx_unobs_or_zero_occ_atoms.PDB_model_num 
_pdbx_unobs_or_zero_occ_atoms.polymer_flag 
_pdbx_unobs_or_zero_occ_atoms.occupancy_flag 
_pdbx_unobs_or_zero_occ_atoms.auth_asym_id 
_pdbx_unobs_or_zero_occ_atoms.auth_comp_id 
_pdbx_unobs_or_zero_occ_atoms.auth_seq_id 
_pdbx_unobs_or_zero_occ_atoms.PDB_ins_code 
_pdbx_unobs_or_zero_occ_atoms.auth_atom_id 
_pdbx_unobs_or_zero_occ_atoms.label_alt_id 
_pdbx_unobs_or_zero_occ_atoms.label_asym_id 
_pdbx_unobs_or_zero_occ_atoms.label_comp_id 
_pdbx_unobs_or_zero_occ_atoms.label_seq_id 
_pdbx_unobs_or_zero_occ_atoms.label_atom_id 
1 1 Y 1 A GLN 1334 ? CD  ? A GLN 43 CD  
2 1 Y 1 A GLN 1334 ? OE1 ? A GLN 43 OE1 
3 1 Y 1 A GLN 1334 ? NE2 ? A GLN 43 NE2 
# 
loop_
_software.pdbx_ordinal 
_software.name 
_software.version 
_software.date 
_software.type 
_software.contact_author 
_software.contact_author_email 
_software.classification 
_software.location 
_software.language 
_software.citation_id 
1 REFMAC      5.8.0267 ?               program 'Garib N. Murshudov' garib@ysbl.york.ac.uk    refinement        
http://www.ccp4.ac.uk/dist/html/refmac5.html        Fortran_77 ? 
2 Aimless     0.7.7    23/04/21        program 'Phil Evans'         ?                        'data scaling'    
http://www.mrc-lmb.cam.ac.uk/harry/pre/aimless.html ?          ? 
3 PDB_EXTRACT 3.23     'SEP. 23, 2016' package PDB                  deposit@deposit.rcsb.org 'data extraction' 
http://sw-tools.pdb.org/apps/PDB_EXTRACT/           C++        ? 
4 XDS         .        ?               program ?                    ?                        'data reduction'  ? ?          ? 
5 REFMAC      .        ?               program ?                    ?                        phasing           ? ?          ? 
# 
_cell.entry_id           7FV3 
_cell.length_a           81.800 
_cell.length_b           27.434 
_cell.length_c           56.297 
_cell.angle_alpha        90.000 
_cell.angle_beta         99.970 
_cell.angle_gamma        90.000 
_cell.Z_PDB              4 
_cell.pdbx_unique_axis   ? 
# 
_symmetry.entry_id                         7FV3 
_symmetry.space_group_name_H-M             'C 1 2 1' 
_symmetry.pdbx_full_space_group_name_H-M   ? 
_symmetry.cell_setting                     ? 
_symmetry.Int_Tables_number                5 
# 
_exptl.crystals_number   1 
_exptl.entry_id          7FV3 
_exptl.method            'X-RAY DIFFRACTION' 
# 
_exptl_crystal.id                    1 
_exptl_crystal.pdbx_mosaicity        0.000 
_exptl_crystal.pdbx_mosaicity_esd    ? 
_exptl_crystal.density_Matthews      1.76 
_exptl_crystal.density_diffrn        ? 
_exptl_crystal.density_meas          ? 
_exptl_crystal.density_meas_temp     ? 
_exptl_crystal.density_percent_sol   30.30 
_exptl_crystal.size_max              ? 
_exptl_crystal.size_mid              ? 
_exptl_crystal.size_min              ? 
_exptl_crystal.size_rad              ? 
_exptl_crystal.description           ? 
# 
_exptl_crystal_grow.crystal_id      1 
_exptl_crystal_grow.method          'VAPOR DIFFUSION, SITTING DROP' 
_exptl_crystal_grow.pH              5.6 
_exptl_crystal_grow.temp            277 
_exptl_crystal_grow.pdbx_details    '20% PEG 8000, 0.04M potassium phosphate' 
_exptl_crystal_grow.temp_details    ? 
_exptl_crystal_grow.pdbx_pH_range   ? 
# 
_diffrn.id                     1 
_diffrn.ambient_temp           100 
_diffrn.crystal_id             1 
_diffrn.ambient_temp_details   ? 
# 
_diffrn_detector.detector               PIXEL 
_diffrn_detector.type                   'DECTRIS PILATUS 6M' 
_diffrn_detector.pdbx_collection_date   2022-09-24 
_diffrn_detector.diffrn_id              1 
_diffrn_detector.details                ? 
# 
_diffrn_radiation.diffrn_id                        1 
_diffrn_radiation.wavelength_id                    1 
_diffrn_radiation.pdbx_diffrn_protocol             'SINGLE WAVELENGTH' 
_diffrn_radiation.pdbx_monochromatic_or_laue_m_l   ? 
_diffrn_radiation.monochromator                    ? 
_diffrn_radiation.pdbx_scattering_type             x-ray 
# 
_diffrn_radiation_wavelength.id           1 
_diffrn_radiation_wavelength.wavelength   0.92124 
_diffrn_radiation_wavelength.wt           1.0 
# 
_diffrn_source.diffrn_id                   1 
_diffrn_source.source                      SYNCHROTRON 
_diffrn_source.type                        'DIAMOND BEAMLINE I04-1' 
_diffrn_source.pdbx_wavelength_list        0.92124 
_diffrn_source.pdbx_synchrotron_site       Diamond 
_diffrn_source.pdbx_synchrotron_beamline   I04-1 
_diffrn_source.pdbx_wavelength             ? 
# 
_reflns.entry_id                     7FV3 
_reflns.pdbx_diffrn_id               1 
_reflns.pdbx_ordinal                 1 
_reflns.observed_criterion_sigma_I   ? 
_reflns.observed_criterion_sigma_F   ? 
_reflns.d_resolution_low             55.470 
_reflns.d_resolution_high            1.150 
_reflns.number_obs                   33187 
_reflns.number_all                   ? 
_reflns.percent_possible_obs         75.400 
_reflns.pdbx_Rmerge_I_obs            0.047 
_reflns.pdbx_Rsym_value              ? 
_reflns.pdbx_netI_over_sigmaI        25.300 
_reflns.B_iso_Wilson_estimate        ? 
_reflns.pdbx_redundancy              5.200 
_reflns.pdbx_Rrim_I_all              0.051 
_reflns.pdbx_Rpim_I_all              0.021 
_reflns.pdbx_CC_half                 0.995 
_reflns.pdbx_netI_over_av_sigmaI     ? 
_reflns.pdbx_number_measured_all     174074 
_reflns.pdbx_scaling_rejects         0 
_reflns.pdbx_chi_squared             ? 
_reflns.Rmerge_F_all                 ? 
_reflns.Rmerge_F_obs                 ? 
_reflns.observed_criterion_F_max     ? 
_reflns.observed_criterion_F_min     ? 
_reflns.observed_criterion_I_max     ? 
_reflns.observed_criterion_I_min     ? 
_reflns.pdbx_d_res_high_opt          ? 
_reflns.pdbx_d_res_low_opt           ? 
_reflns.details                      ? 
# 
loop_
_reflns_shell.pdbx_diffrn_id 
_reflns_shell.pdbx_ordinal 
_reflns_shell.d_res_high 
_reflns_shell.d_res_low 
_reflns_shell.number_measured_obs 
_reflns_shell.number_measured_all 
_reflns_shell.number_unique_obs 
_reflns_shell.pdbx_rejects 
_reflns_shell.Rmerge_I_obs 
_reflns_shell.meanI_over_sigI_obs 
_reflns_shell.pdbx_Rsym_value 
_reflns_shell.pdbx_chi_squared 
_reflns_shell.pdbx_redundancy 
_reflns_shell.percent_possible_obs 
_reflns_shell.pdbx_netI_over_sigmaI_obs 
_reflns_shell.number_possible 
_reflns_shell.number_unique_all 
_reflns_shell.Rmerge_F_all 
_reflns_shell.Rmerge_F_obs 
_reflns_shell.Rmerge_I_all 
_reflns_shell.meanI_over_sigI_all 
_reflns_shell.percent_possible_all 
_reflns_shell.pdbx_Rrim_I_all 
_reflns_shell.pdbx_Rpim_I_all 
_reflns_shell.pdbx_CC_half 
1 1 1.150 1.170  ? 142  ? ? ?     ? ? ? 1.000 ? 1.300  ? 141 ? ? ? ? 6.100  ?     ?     ?     
1 2 6.090 55.470 ? 1936 ? ? 0.083 ? ? ? 5.700 ? 51.400 ? 340 ? ? ? ? 99.800 0.092 0.040 0.981 
# 
_refine.entry_id                                 7FV3 
_refine.pdbx_refine_id                           'X-RAY DIFFRACTION' 
_refine.ls_d_res_high                            1.1500 
_refine.ls_d_res_low                             55.4500 
_refine.pdbx_ls_sigma_F                          0.000 
_refine.pdbx_data_cutoff_high_absF               ? 
_refine.pdbx_data_cutoff_low_absF                ? 
_refine.ls_percent_reflns_obs                    75.1800 
_refine.ls_number_reflns_obs                     31518 
_refine.ls_number_reflns_all                     ? 
_refine.pdbx_ls_cross_valid_method               THROUGHOUT 
_refine.ls_matrix_type                           ? 
_refine.pdbx_R_Free_selection_details            RANDOM 
_refine.details                                  
'HYDROGENS HAVE BEEN ADDED IN THE RIDING POSITIONS U VALUES      : REFINED INDIVIDUALLY' 
_refine.ls_R_factor_all                          ? 
_refine.ls_R_factor_obs                          0.1795 
_refine.ls_R_factor_R_work                       0.1790 
_refine.ls_wR_factor_R_work                      ? 
_refine.ls_R_factor_R_free                       0.1902 
_refine.ls_wR_factor_R_free                      ? 
_refine.ls_percent_reflns_R_free                 5.0000 
_refine.ls_number_reflns_R_free                  1669 
_refine.ls_number_reflns_R_work                  ? 
_refine.ls_R_factor_R_free_error                 ? 
_refine.B_iso_mean                               20.4430 
_refine.solvent_model_param_bsol                 ? 
_refine.solvent_model_param_ksol                 ? 
_refine.pdbx_isotropic_thermal_model             ? 
_refine.aniso_B[1][1]                            -0.2800 
_refine.aniso_B[2][2]                            1.1500 
_refine.aniso_B[3][3]                            -0.8900 
_refine.aniso_B[1][2]                            -0.0000 
_refine.aniso_B[1][3]                            0.2100 
_refine.aniso_B[2][3]                            0.0000 
_refine.correlation_coeff_Fo_to_Fc               0.9580 
_refine.correlation_coeff_Fo_to_Fc_free          0.9630 
_refine.overall_SU_R_Cruickshank_DPI             ? 
_refine.pdbx_overall_SU_R_free_Cruickshank_DPI   ? 
_refine.pdbx_overall_SU_R_Blow_DPI               ? 
_refine.pdbx_overall_SU_R_free_Blow_DPI          ? 
_refine.overall_SU_R_free                        ? 
_refine.pdbx_overall_ESU_R                       0.0830 
_refine.pdbx_overall_ESU_R_Free                  0.0710 
_refine.overall_SU_ML                            0.0510 
_refine.overall_SU_B                             1.1310 
_refine.solvent_model_details                    MASK 
_refine.pdbx_solvent_vdw_probe_radii             1.2000 
_refine.pdbx_solvent_ion_probe_radii             0.8000 
_refine.pdbx_solvent_shrinkage_radii             0.8000 
_refine.ls_number_parameters                     ? 
_refine.ls_number_restraints                     ? 
_refine.pdbx_starting_model                      7av9 
_refine.pdbx_method_to_determine_struct          'FOURIER SYNTHESIS' 
_refine.pdbx_stereochemistry_target_values       'MAXIMUM LIKELIHOOD' 
_refine.pdbx_stereochem_target_val_spec_case     ? 
_refine.overall_FOM_work_R_set                   ? 
_refine.B_iso_max                                73.360 
_refine.B_iso_min                                10.480 
_refine.pdbx_overall_phase_error                 ? 
_refine.occupancy_max                            ? 
_refine.occupancy_min                            ? 
_refine.pdbx_diffrn_id                           1 
_refine.pdbx_TLS_residual_ADP_flag               ? 
_refine.pdbx_ls_sigma_I                          ? 
_refine.pdbx_data_cutoff_high_rms_absF           ? 
_refine.ls_R_factor_R_free_error_details         ? 
# 
_refine_hist.cycle_id                         final 
_refine_hist.pdbx_refine_id                   'X-RAY DIFFRACTION' 
_refine_hist.d_res_high                       1.1500 
_refine_hist.d_res_low                        55.4500 
_refine_hist.pdbx_number_atoms_ligand         21 
_refine_hist.number_atoms_solvent             169 
_refine_hist.number_atoms_total               1185 
_refine_hist.pdbx_number_residues_total       120 
_refine_hist.pdbx_B_iso_mean_ligand           38.78 
_refine_hist.pdbx_B_iso_mean_solvent          27.74 
_refine_hist.pdbx_number_atoms_protein        995 
_refine_hist.pdbx_number_atoms_nucleic_acid   0 
# 
loop_
_refine_ls_restr.pdbx_refine_id 
_refine_ls_restr.type 
_refine_ls_restr.number 
_refine_ls_restr.dev_ideal 
_refine_ls_restr.dev_ideal_target 
_refine_ls_restr.weight 
_refine_ls_restr.pdbx_restraint_function 
'X-RAY DIFFRACTION' r_bond_refined_d       3329 0.008  0.015  ? ? 
'X-RAY DIFFRACTION' r_bond_other_d         2178 0.001  0.014  ? ? 
'X-RAY DIFFRACTION' r_angle_refined_deg    3265 1.641  1.675  ? ? 
'X-RAY DIFFRACTION' r_angle_other_deg      5088 1.415  1.586  ? ? 
'X-RAY DIFFRACTION' r_dihedral_angle_1_deg 301  5.812  5.000  ? ? 
'X-RAY DIFFRACTION' r_dihedral_angle_2_deg 138  27.173 20.507 ? ? 
'X-RAY DIFFRACTION' r_dihedral_angle_3_deg 405  14.235 15.000 ? ? 
'X-RAY DIFFRACTION' r_dihedral_angle_4_deg 21   12.652 15.000 ? ? 
'X-RAY DIFFRACTION' r_chiral_restr         308  0.083  0.200  ? ? 
'X-RAY DIFFRACTION' r_gen_planes_refined   2788 0.008  0.020  ? ? 
'X-RAY DIFFRACTION' r_gen_planes_other     572  0.003  0.020  ? ? 
'X-RAY DIFFRACTION' r_mcbond_it            1621 1.497  1.978  ? ? 
'X-RAY DIFFRACTION' r_mcbond_other         1497 1.556  1.874  ? ? 
'X-RAY DIFFRACTION' r_mcangle_it           1447 3.033  2.710  ? ? 
# 
_refine_ls_shell.d_res_high                       1.1510 
_refine_ls_shell.d_res_low                        1.1800 
_refine_ls_shell.pdbx_total_number_of_bins_used   20 
_refine_ls_shell.percent_reflns_obs               7.8200 
_refine_ls_shell.number_reflns_R_work             236 
_refine_ls_shell.R_factor_all                     ? 
_refine_ls_shell.R_factor_R_work                  0.3270 
_refine_ls_shell.R_factor_R_free                  0.2940 
_refine_ls_shell.percent_reflns_R_free            ? 
_refine_ls_shell.number_reflns_R_free             17 
_refine_ls_shell.R_factor_R_free_error            ? 
_refine_ls_shell.number_reflns_all                253 
_refine_ls_shell.number_reflns_obs                ? 
_refine_ls_shell.pdbx_refine_id                   'X-RAY DIFFRACTION' 
# 
_struct.entry_id                  7FV3 
_struct.title                     'PanDDA analysis group deposition -- PHIP in complex with Z4912742924' 
_struct.pdbx_model_details        ? 
_struct.pdbx_CASP_flag            ? 
_struct.pdbx_model_type_details   ? 
# 
_struct_keywords.entry_id        7FV3 
_struct_keywords.text            
'False negatives, ligand features, rescreening, catalogue, fragment follow-ups, automated chemistry, SIGNALING PROTEIN' 
_struct_keywords.pdbx_keywords   'SIGNALING PROTEIN' 
# 
loop_
_struct_asym.id 
_struct_asym.pdbx_blank_PDB_chainid_flag 
_struct_asym.pdbx_modified 
_struct_asym.entity_id 
_struct_asym.details 
A N N 1 ? 
B N N 2 ? 
C N N 3 ? 
# 
_struct_ref.id                         1 
_struct_ref.db_name                    UNP 
_struct_ref.db_code                    PHIP_HUMAN 
_struct_ref.pdbx_db_accession          Q8WWQ0 
_struct_ref.pdbx_db_isoform            ? 
_struct_ref.entity_id                  1 
_struct_ref.pdbx_seq_one_letter_code   
;SYDIQAWKKQCEELLNLIFQCEDSEPFRQPVDLLEYPDYRDIIDTPMDFATVRETLEAGNYESPMELCKDVRLIFSNSKA
YTPSKRSRIYSMSLRLSAFFEEHISSVLSDYKSALRFHKRNTITKR
;
_struct_ref.pdbx_align_begin           1315 
# 
_struct_ref_seq.align_id                      1 
_struct_ref_seq.ref_id                        1 
_struct_ref_seq.pdbx_PDB_id_code              7FV3 
_struct_ref_seq.pdbx_strand_id                A 
_struct_ref_seq.seq_align_beg                 24 
_struct_ref_seq.pdbx_seq_align_beg_ins_code   ? 
_struct_ref_seq.seq_align_end                 149 
_struct_ref_seq.pdbx_seq_align_end_ins_code   ? 
_struct_ref_seq.pdbx_db_accession             Q8WWQ0 
_struct_ref_seq.db_align_beg                  1315 
_struct_ref_seq.pdbx_db_align_beg_ins_code    ? 
_struct_ref_seq.db_align_end                  1440 
_struct_ref_seq.pdbx_db_align_end_ins_code    ? 
_struct_ref_seq.pdbx_auth_seq_align_beg       1315 
_struct_ref_seq.pdbx_auth_seq_align_end       1440 
# 
loop_
_struct_ref_seq_dif.align_id 
_struct_ref_seq_dif.pdbx_pdb_id_code 
_struct_ref_seq_dif.mon_id 
_struct_ref_seq_dif.pdbx_pdb_strand_id 
_struct_ref_seq_dif.seq_num 
_struct_ref_seq_dif.pdbx_pdb_ins_code 
_struct_ref_seq_dif.pdbx_seq_db_name 
_struct_ref_seq_dif.pdbx_seq_db_accession_code 
_struct_ref_seq_dif.db_mon_id 
_struct_ref_seq_dif.pdbx_seq_db_seq_num 
_struct_ref_seq_dif.details 
_struct_ref_seq_dif.pdbx_auth_seq_num 
_struct_ref_seq_dif.pdbx_ordinal 
1 7FV3 MET A 1  ? UNP Q8WWQ0 ? ? 'initiating methionine' 1292 1  
1 7FV3 HIS A 2  ? UNP Q8WWQ0 ? ? 'expression tag'        1293 2  
1 7FV3 HIS A 3  ? UNP Q8WWQ0 ? ? 'expression tag'        1294 3  
1 7FV3 HIS A 4  ? UNP Q8WWQ0 ? ? 'expression tag'        1295 4  
1 7FV3 HIS A 5  ? UNP Q8WWQ0 ? ? 'expression tag'        1296 5  
1 7FV3 HIS A 6  ? UNP Q8WWQ0 ? ? 'expression tag'        1297 6  
1 7FV3 HIS A 7  ? UNP Q8WWQ0 ? ? 'expression tag'        1298 7  
1 7FV3 SER A 8  ? UNP Q8WWQ0 ? ? 'expression tag'        1299 8  
1 7FV3 SER A 9  ? UNP Q8WWQ0 ? ? 'expression tag'        1300 9  
1 7FV3 GLY A 10 ? UNP Q8WWQ0 ? ? 'expression tag'        1301 10 
1 7FV3 VAL A 11 ? UNP Q8WWQ0 ? ? 'expression tag'        1302 11 
1 7FV3 ASP A 12 ? UNP Q8WWQ0 ? ? 'expression tag'        1303 12 
1 7FV3 LEU A 13 ? UNP Q8WWQ0 ? ? 'expression tag'        1304 13 
1 7FV3 GLY A 14 ? UNP Q8WWQ0 ? ? 'expression tag'        1305 14 
1 7FV3 THR A 15 ? UNP Q8WWQ0 ? ? 'expression tag'        1306 15 
1 7FV3 GLU A 16 ? UNP Q8WWQ0 ? ? 'expression tag'        1307 16 
1 7FV3 ASN A 17 ? UNP Q8WWQ0 ? ? 'expression tag'        1308 17 
1 7FV3 LEU A 18 ? UNP Q8WWQ0 ? ? 'expression tag'        1309 18 
1 7FV3 TYR A 19 ? UNP Q8WWQ0 ? ? 'expression tag'        1310 19 
1 7FV3 PHE A 20 ? UNP Q8WWQ0 ? ? 'expression tag'        1311 20 
1 7FV3 GLN A 21 ? UNP Q8WWQ0 ? ? 'expression tag'        1312 21 
1 7FV3 SER A 22 ? UNP Q8WWQ0 ? ? 'expression tag'        1313 22 
1 7FV3 MET A 23 ? UNP Q8WWQ0 ? ? 'expression tag'        1314 23 
# 
_pdbx_struct_assembly.id                   1 
_pdbx_struct_assembly.details              author_and_software_defined_assembly 
_pdbx_struct_assembly.method_details       PISA 
_pdbx_struct_assembly.oligomeric_details   monomeric 
_pdbx_struct_assembly.oligomeric_count     1 
# 
_pdbx_struct_assembly_gen.assembly_id       1 
_pdbx_struct_assembly_gen.oper_expression   1 
_pdbx_struct_assembly_gen.asym_id_list      A,B,C 
# 
_pdbx_struct_oper_list.id                   1 
_pdbx_struct_oper_list.type                 'identity operation' 
_pdbx_struct_oper_list.name                 1_555 
_pdbx_struct_oper_list.symmetry_operation   x,y,z 
_pdbx_struct_oper_list.matrix[1][1]         1.0000000000 
_pdbx_struct_oper_list.matrix[1][2]         0.0000000000 
_pdbx_struct_oper_list.matrix[1][3]         0.0000000000 
_pdbx_struct_oper_list.vector[1]            0.0000000000 
_pdbx_struct_oper_list.matrix[2][1]         0.0000000000 
_pdbx_struct_oper_list.matrix[2][2]         1.0000000000 
_pdbx_struct_oper_list.matrix[2][3]         0.0000000000 
_pdbx_struct_oper_list.vector[2]            0.0000000000 
_pdbx_struct_oper_list.matrix[3][1]         0.0000000000 
_pdbx_struct_oper_list.matrix[3][2]         0.0000000000 
_pdbx_struct_oper_list.matrix[3][3]         1.0000000000 
_pdbx_struct_oper_list.vector[3]            0.0000000000 
# 
loop_
_struct_conf.conf_type_id 
_struct_conf.id 
_struct_conf.pdbx_PDB_helix_id 
_struct_conf.beg_label_comp_id 
_struct_conf.beg_label_asym_id 
_struct_conf.beg_label_seq_id 
_struct_conf.pdbx_beg_PDB_ins_code 
_struct_conf.end_label_comp_id 
_struct_conf.end_label_asym_id 
_struct_conf.end_label_seq_id 
_struct_conf.pdbx_end_PDB_ins_code 
_struct_conf.beg_auth_comp_id 
_struct_conf.beg_auth_asym_id 
_struct_conf.beg_auth_seq_id 
_struct_conf.end_auth_comp_id 
_struct_conf.end_auth_asym_id 
_struct_conf.end_auth_seq_id 
_struct_conf.pdbx_PDB_helix_class 
_struct_conf.details 
_struct_conf.pdbx_PDB_helix_length 
HELX_P HELX_P1 AA1 ALA A 29  ? CYS A 44  ? ALA A 1320 CYS A 1335 1 ? 16 
HELX_P HELX_P2 AA2 GLU A 45  ? ARG A 51  ? GLU A 1336 ARG A 1342 5 ? 7  
HELX_P HELX_P3 AA3 ASP A 61  ? ILE A 66  ? ASP A 1352 ILE A 1357 1 ? 6  
HELX_P HELX_P4 AA4 ASP A 71  ? ALA A 81  ? ASP A 1362 ALA A 1372 1 ? 11 
HELX_P HELX_P5 AA5 SER A 86  ? THR A 105 ? SER A 1377 THR A 1396 1 ? 20 
HELX_P HELX_P6 AA6 SER A 110 ? ARG A 143 ? SER A 1401 ARG A 1434 1 ? 34 
# 
_struct_conf_type.id          HELX_P 
_struct_conf_type.criteria    ? 
_struct_conf_type.reference   ? 
# 
loop_
_pdbx_validate_close_contact.id 
_pdbx_validate_close_contact.PDB_model_num 
_pdbx_validate_close_contact.auth_atom_id_1 
_pdbx_validate_close_contact.auth_asym_id_1 
_pdbx_validate_close_contact.auth_comp_id_1 
_pdbx_validate_close_contact.auth_seq_id_1 
_pdbx_validate_close_contact.PDB_ins_code_1 
_pdbx_validate_close_contact.label_alt_id_1 
_pdbx_validate_close_contact.auth_atom_id_2 
_pdbx_validate_close_contact.auth_asym_id_2 
_pdbx_validate_close_contact.auth_comp_id_2 
_pdbx_validate_close_contact.auth_seq_id_2 
_pdbx_validate_close_contact.PDB_ins_code_2 
_pdbx_validate_close_contact.label_alt_id_2 
_pdbx_validate_close_contact.dist 
1 1 O  A HOH 2086 ? ? O A HOH 2090 ? ? 1.96 
2 1 NZ A LYS 1433 ? ? O A HOH 2001 ? ? 2.14 
# 
_pdbx_validate_symm_contact.id                1 
_pdbx_validate_symm_contact.PDB_model_num     1 
_pdbx_validate_symm_contact.auth_atom_id_1    O 
_pdbx_validate_symm_contact.auth_asym_id_1    A 
_pdbx_validate_symm_contact.auth_comp_id_1    HOH 
_pdbx_validate_symm_contact.auth_seq_id_1     2022 
_pdbx_validate_symm_contact.PDB_ins_code_1    ? 
_pdbx_validate_symm_contact.label_alt_id_1    ? 
_pdbx_validate_symm_contact.site_symmetry_1   1_555 
_pdbx_validate_symm_contact.auth_atom_id_2    O 
_pdbx_validate_symm_contact.auth_asym_id_2    A 
_pdbx_validate_symm_contact.auth_comp_id_2    HOH 
_pdbx_validate_symm_contact.auth_seq_id_2     2042 
_pdbx_validate_symm_contact.PDB_ins_code_2    ? 
_pdbx_validate_symm_contact.label_alt_id_2    ? 
_pdbx_validate_symm_contact.site_symmetry_2   4_445 
_pdbx_validate_symm_contact.dist              2.15 
# 
_pdbx_validate_rmsd_bond.id                        1 
_pdbx_validate_rmsd_bond.PDB_model_num             1 
_pdbx_validate_rmsd_bond.auth_atom_id_1            CD 
_pdbx_validate_rmsd_bond.auth_asym_id_1            A 
_pdbx_validate_rmsd_bond.auth_comp_id_1            GLU 
_pdbx_validate_rmsd_bond.auth_seq_id_1             1380 
_pdbx_validate_rmsd_bond.PDB_ins_code_1            ? 
_pdbx_validate_rmsd_bond.label_alt_id_1            ? 
_pdbx_validate_rmsd_bond.auth_atom_id_2            OE1 
_pdbx_validate_rmsd_bond.auth_asym_id_2            A 
_pdbx_validate_rmsd_bond.auth_comp_id_2            GLU 
_pdbx_validate_rmsd_bond.auth_seq_id_2             1380 
_pdbx_validate_rmsd_bond.PDB_ins_code_2            ? 
_pdbx_validate_rmsd_bond.label_alt_id_2            ? 
_pdbx_validate_rmsd_bond.bond_value                1.183 
_pdbx_validate_rmsd_bond.bond_target_value         1.252 
_pdbx_validate_rmsd_bond.bond_deviation            -0.069 
_pdbx_validate_rmsd_bond.bond_standard_deviation   0.011 
_pdbx_validate_rmsd_bond.linker_flag               N 
# 
_pdbx_struct_special_symmetry.id              1 
_pdbx_struct_special_symmetry.PDB_model_num   1 
_pdbx_struct_special_symmetry.auth_asym_id    A 
_pdbx_struct_special_symmetry.auth_comp_id    HOH 
_pdbx_struct_special_symmetry.auth_seq_id     2163 
_pdbx_struct_special_symmetry.PDB_ins_code    ? 
_pdbx_struct_special_symmetry.label_asym_id   C 
_pdbx_struct_special_symmetry.label_comp_id   HOH 
_pdbx_struct_special_symmetry.label_seq_id    . 
# 
_phasing.method   MR 
# 
_pdbx_entry_details.entry_id                 7FV3 
_pdbx_entry_details.compound_details         ? 
_pdbx_entry_details.source_details           ? 
_pdbx_entry_details.nonpolymer_details       ? 
_pdbx_entry_details.sequence_details         ? 
_pdbx_entry_details.has_ligand_of_interest   Y 
# 
loop_
_pdbx_unobs_or_zero_occ_residues.id 
_pdbx_unobs_or_zero_occ_residues.PDB_model_num 
_pdbx_unobs_or_zero_occ_residues.polymer_flag 
_pdbx_unobs_or_zero_occ_residues.occupancy_flag 
_pdbx_unobs_or_zero_occ_residues.auth_asym_id 
_pdbx_unobs_or_zero_occ_residues.auth_comp_id 
_pdbx_unobs_or_zero_occ_residues.auth_seq_id 
_pdbx_unobs_or_zero_occ_residues.PDB_ins_code 
_pdbx_unobs_or_zero_occ_residues.label_asym_id 
_pdbx_unobs_or_zero_occ_residues.label_comp_id 
_pdbx_unobs_or_zero_occ_residues.label_seq_id 
1  1 Y 1 A MET 1292 ? A MET 1   
2  1 Y 1 A HIS 1293 ? A HIS 2   
3  1 Y 1 A HIS 1294 ? A HIS 3   
4  1 Y 1 A HIS 1295 ? A HIS 4   
5  1 Y 1 A HIS 1296 ? A HIS 5   
6  1 Y 1 A HIS 1297 ? A HIS 6   
7  1 Y 1 A HIS 1298 ? A HIS 7   
8  1 Y 1 A SER 1299 ? A SER 8   
9  1 Y 1 A SER 1300 ? A SER 9   
10 1 Y 1 A GLY 1301 ? A GLY 10  
11 1 Y 1 A VAL 1302 ? A VAL 11  
12 1 Y 1 A ASP 1303 ? A ASP 12  
13 1 Y 1 A LEU 1304 ? A LEU 13  
14 1 Y 1 A GLY 1305 ? A GLY 14  
15 1 Y 1 A THR 1306 ? A THR 15  
16 1 Y 1 A GLU 1307 ? A GLU 16  
17 1 Y 1 A ASN 1308 ? A ASN 17  
18 1 Y 1 A LEU 1309 ? A LEU 18  
19 1 Y 1 A TYR 1310 ? A TYR 19  
20 1 Y 1 A PHE 1311 ? A PHE 20  
21 1 Y 1 A GLN 1312 ? A GLN 21  
22 1 Y 1 A SER 1313 ? A SER 22  
23 1 Y 1 A MET 1314 ? A MET 23  
24 1 Y 1 A ASN 1435 ? A ASN 144 
25 1 Y 1 A THR 1436 ? A THR 145 
26 1 Y 1 A ILE 1437 ? A ILE 146 
27 1 Y 1 A THR 1438 ? A THR 147 
28 1 Y 1 A LYS 1439 ? A LYS 148 
29 1 Y 1 A ARG 1440 ? A ARG 149 
# 
loop_
_chem_comp_atom.comp_id 
_chem_comp_atom.atom_id 
_chem_comp_atom.type_symbol 
_chem_comp_atom.pdbx_aromatic_flag 
_chem_comp_atom.pdbx_stereo_config 
_chem_comp_atom.pdbx_ordinal 
ALA N    N N N 1   
ALA CA   C N S 2   
ALA C    C N N 3   
ALA O    O N N 4   
ALA CB   C N N 5   
ALA OXT  O N N 6   
ALA H    H N N 7   
ALA H2   H N N 8   
ALA HA   H N N 9   
ALA HB1  H N N 10  
ALA HB2  H N N 11  
ALA HB3  H N N 12  
ALA HXT  H N N 13  
ARG N    N N N 14  
ARG CA   C N S 15  
ARG C    C N N 16  
ARG O    O N N 17  
ARG CB   C N N 18  
ARG CG   C N N 19  
ARG CD   C N N 20  
ARG NE   N N N 21  
ARG CZ   C N N 22  
ARG NH1  N N N 23  
ARG NH2  N N N 24  
ARG OXT  O N N 25  
ARG H    H N N 26  
ARG H2   H N N 27  
ARG HA   H N N 28  
ARG HB2  H N N 29  
ARG HB3  H N N 30  
ARG HG2  H N N 31  
ARG HG3  H N N 32  
ARG HD2  H N N 33  
ARG HD3  H N N 34  
ARG HE   H N N 35  
ARG HH11 H N N 36  
ARG HH12 H N N 37  
ARG HH21 H N N 38  
ARG HH22 H N N 39  
ARG HXT  H N N 40  
ASN N    N N N 41  
ASN CA   C N S 42  
ASN C    C N N 43  
ASN O    O N N 44  
ASN CB   C N N 45  
ASN CG   C N N 46  
ASN OD1  O N N 47  
ASN ND2  N N N 48  
ASN OXT  O N N 49  
ASN H    H N N 50  
ASN H2   H N N 51  
ASN HA   H N N 52  
ASN HB2  H N N 53  
ASN HB3  H N N 54  
ASN HD21 H N N 55  
ASN HD22 H N N 56  
ASN HXT  H N N 57  
ASP N    N N N 58  
ASP CA   C N S 59  
ASP C    C N N 60  
ASP O    O N N 61  
ASP CB   C N N 62  
ASP CG   C N N 63  
ASP OD1  O N N 64  
ASP OD2  O N N 65  
ASP OXT  O N N 66  
ASP H    H N N 67  
ASP H2   H N N 68  
ASP HA   H N N 69  
ASP HB2  H N N 70  
ASP HB3  H N N 71  
ASP HD2  H N N 72  
ASP HXT  H N N 73  
CYS N    N N N 74  
CYS CA   C N R 75  
CYS C    C N N 76  
CYS O    O N N 77  
CYS CB   C N N 78  
CYS SG   S N N 79  
CYS OXT  O N N 80  
CYS H    H N N 81  
CYS H2   H N N 82  
CYS HA   H N N 83  
CYS HB2  H N N 84  
CYS HB3  H N N 85  
CYS HG   H N N 86  
CYS HXT  H N N 87  
GLN N    N N N 88  
GLN CA   C N S 89  
GLN C    C N N 90  
GLN O    O N N 91  
GLN CB   C N N 92  
GLN CG   C N N 93  
GLN CD   C N N 94  
GLN OE1  O N N 95  
GLN NE2  N N N 96  
GLN OXT  O N N 97  
GLN H    H N N 98  
GLN H2   H N N 99  
GLN HA   H N N 100 
GLN HB2  H N N 101 
GLN HB3  H N N 102 
GLN HG2  H N N 103 
GLN HG3  H N N 104 
GLN HE21 H N N 105 
GLN HE22 H N N 106 
GLN HXT  H N N 107 
GLU N    N N N 108 
GLU CA   C N S 109 
GLU C    C N N 110 
GLU O    O N N 111 
GLU CB   C N N 112 
GLU CG   C N N 113 
GLU CD   C N N 114 
GLU OE1  O N N 115 
GLU OE2  O N N 116 
GLU OXT  O N N 117 
GLU H    H N N 118 
GLU H2   H N N 119 
GLU HA   H N N 120 
GLU HB2  H N N 121 
GLU HB3  H N N 122 
GLU HG2  H N N 123 
GLU HG3  H N N 124 
GLU HE2  H N N 125 
GLU HXT  H N N 126 
GLY N    N N N 127 
GLY CA   C N N 128 
GLY C    C N N 129 
GLY O    O N N 130 
GLY OXT  O N N 131 
GLY H    H N N 132 
GLY H2   H N N 133 
GLY HA2  H N N 134 
GLY HA3  H N N 135 
GLY HXT  H N N 136 
HIS N    N N N 137 
HIS CA   C N S 138 
HIS C    C N N 139 
HIS O    O N N 140 
HIS CB   C N N 141 
HIS CG   C Y N 142 
HIS ND1  N Y N 143 
HIS CD2  C Y N 144 
HIS CE1  C Y N 145 
HIS NE2  N Y N 146 
HIS OXT  O N N 147 
HIS H    H N N 148 
HIS H2   H N N 149 
HIS HA   H N N 150 
HIS HB2  H N N 151 
HIS HB3  H N N 152 
HIS HD1  H N N 153 
HIS HD2  H N N 154 
HIS HE1  H N N 155 
HIS HE2  H N N 156 
HIS HXT  H N N 157 
HOH O    O N N 158 
HOH H1   H N N 159 
HOH H2   H N N 160 
ILE N    N N N 161 
ILE CA   C N S 162 
ILE C    C N N 163 
ILE O    O N N 164 
ILE CB   C N S 165 
ILE CG1  C N N 166 
ILE CG2  C N N 167 
ILE CD1  C N N 168 
ILE OXT  O N N 169 
ILE H    H N N 170 
ILE H2   H N N 171 
ILE HA   H N N 172 
ILE HB   H N N 173 
ILE HG12 H N N 174 
ILE HG13 H N N 175 
ILE HG21 H N N 176 
ILE HG22 H N N 177 
ILE HG23 H N N 178 
ILE HD11 H N N 179 
ILE HD12 H N N 180 
ILE HD13 H N N 181 
ILE HXT  H N N 182 
LEU N    N N N 183 
LEU CA   C N S 184 
LEU C    C N N 185 
LEU O    O N N 186 
LEU CB   C N N 187 
LEU CG   C N N 188 
LEU CD1  C N N 189 
LEU CD2  C N N 190 
LEU OXT  O N N 191 
LEU H    H N N 192 
LEU H2   H N N 193 
LEU HA   H N N 194 
LEU HB2  H N N 195 
LEU HB3  H N N 196 
LEU HG   H N N 197 
LEU HD11 H N N 198 
LEU HD12 H N N 199 
LEU HD13 H N N 200 
LEU HD21 H N N 201 
LEU HD22 H N N 202 
LEU HD23 H N N 203 
LEU HXT  H N N 204 
LYS N    N N N 205 
LYS CA   C N S 206 
LYS C    C N N 207 
LYS O    O N N 208 
LYS CB   C N N 209 
LYS CG   C N N 210 
LYS CD   C N N 211 
LYS CE   C N N 212 
LYS NZ   N N N 213 
LYS OXT  O N N 214 
LYS H    H N N 215 
LYS H2   H N N 216 
LYS HA   H N N 217 
LYS HB2  H N N 218 
LYS HB3  H N N 219 
LYS HG2  H N N 220 
LYS HG3  H N N 221 
LYS HD2  H N N 222 
LYS HD3  H N N 223 
LYS HE2  H N N 224 
LYS HE3  H N N 225 
LYS HZ1  H N N 226 
LYS HZ2  H N N 227 
LYS HZ3  H N N 228 
LYS HXT  H N N 229 
MET N    N N N 230 
MET CA   C N S 231 
MET C    C N N 232 
MET O    O N N 233 
MET CB   C N N 234 
MET CG   C N N 235 
MET SD   S N N 236 
MET CE   C N N 237 
MET OXT  O N N 238 
MET H    H N N 239 
MET H2   H N N 240 
MET HA   H N N 241 
MET HB2  H N N 242 
MET HB3  H N N 243 
MET HG2  H N N 244 
MET HG3  H N N 245 
MET HE1  H N N 246 
MET HE2  H N N 247 
MET HE3  H N N 248 
MET HXT  H N N 249 
PHE N    N N N 250 
PHE CA   C N S 251 
PHE C    C N N 252 
PHE O    O N N 253 
PHE CB   C N N 254 
PHE CG   C Y N 255 
PHE CD1  C Y N 256 
PHE CD2  C Y N 257 
PHE CE1  C Y N 258 
PHE CE2  C Y N 259 
PHE CZ   C Y N 260 
PHE OXT  O N N 261 
PHE H    H N N 262 
PHE H2   H N N 263 
PHE HA   H N N 264 
PHE HB2  H N N 265 
PHE HB3  H N N 266 
PHE HD1  H N N 267 
PHE HD2  H N N 268 
PHE HE1  H N N 269 
PHE HE2  H N N 270 
PHE HZ   H N N 271 
PHE HXT  H N N 272 
PRO N    N N N 273 
PRO CA   C N S 274 
PRO C    C N N 275 
PRO O    O N N 276 
PRO CB   C N N 277 
PRO CG   C N N 278 
PRO CD   C N N 279 
PRO OXT  O N N 280 
PRO H    H N N 281 
PRO HA   H N N 282 
PRO HB2  H N N 283 
PRO HB3  H N N 284 
PRO HG2  H N N 285 
PRO HG3  H N N 286 
PRO HD2  H N N 287 
PRO HD3  H N N 288 
PRO HXT  H N N 289 
SER N    N N N 290 
SER CA   C N S 291 
SER C    C N N 292 
SER O    O N N 293 
SER CB   C N N 294 
SER OG   O N N 295 
SER OXT  O N N 296 
SER H    H N N 297 
SER H2   H N N 298 
SER HA   H N N 299 
SER HB2  H N N 300 
SER HB3  H N N 301 
SER HG   H N N 302 
SER HXT  H N N 303 
THR N    N N N 304 
THR CA   C N S 305 
THR C    C N N 306 
THR O    O N N 307 
THR CB   C N R 308 
THR OG1  O N N 309 
THR CG2  C N N 310 
THR OXT  O N N 311 
THR H    H N N 312 
THR H2   H N N 313 
THR HA   H N N 314 
THR HB   H N N 315 
THR HG1  H N N 316 
THR HG21 H N N 317 
THR HG22 H N N 318 
THR HG23 H N N 319 
THR HXT  H N N 320 
TRP N    N N N 321 
TRP CA   C N S 322 
TRP C    C N N 323 
TRP O    O N N 324 
TRP CB   C N N 325 
TRP CG   C Y N 326 
TRP CD1  C Y N 327 
TRP CD2  C Y N 328 
TRP NE1  N Y N 329 
TRP CE2  C Y N 330 
TRP CE3  C Y N 331 
TRP CZ2  C Y N 332 
TRP CZ3  C Y N 333 
TRP CH2  C Y N 334 
TRP OXT  O N N 335 
TRP H    H N N 336 
TRP H2   H N N 337 
TRP HA   H N N 338 
TRP HB2  H N N 339 
TRP HB3  H N N 340 
TRP HD1  H N N 341 
TRP HE1  H N N 342 
TRP HE3  H N N 343 
TRP HZ2  H N N 344 
TRP HZ3  H N N 345 
TRP HH2  H N N 346 
TRP HXT  H N N 347 
TYR N    N N N 348 
TYR CA   C N S 349 
TYR C    C N N 350 
TYR O    O N N 351 
TYR CB   C N N 352 
TYR CG   C Y N 353 
TYR CD1  C Y N 354 
TYR CD2  C Y N 355 
TYR CE1  C Y N 356 
TYR CE2  C Y N 357 
TYR CZ   C Y N 358 
TYR OH   O N N 359 
TYR OXT  O N N 360 
TYR H    H N N 361 
TYR H2   H N N 362 
TYR HA   H N N 363 
TYR HB2  H N N 364 
TYR HB3  H N N 365 
TYR HD1  H N N 366 
TYR HD2  H N N 367 
TYR HE1  H N N 368 
TYR HE2  H N N 369 
TYR HH   H N N 370 
TYR HXT  H N N 371 
VAL N    N N N 372 
VAL CA   C N S 373 
VAL C    C N N 374 
VAL O    O N N 375 
VAL CB   C N N 376 
VAL CG1  C N N 377 
VAL CG2  C N N 378 
VAL OXT  O N N 379 
VAL H    H N N 380 
VAL H2   H N N 381 
VAL HA   H N N 382 
VAL HB   H N N 383 
VAL HG11 H N N 384 
VAL HG12 H N N 385 
VAL HG13 H N N 386 
VAL HG21 H N N 387 
VAL HG22 H N N 388 
VAL HG23 H N N 389 
VAL HXT  H N N 390 
ZKL N1   N N N 391 
ZKL N3   N N N 392 
ZKL C4   C N N 393 
ZKL C5   C N N 394 
ZKL C6   C N N 395 
ZKL C7   C N N 396 
ZKL C8   C N N 397 
ZKL C10  C N N 398 
ZKL C13  C Y N 399 
ZKL C15  C Y N 400 
ZKL C1   C N N 401 
ZKL C11  C N N 402 
ZKL C12  C Y N 403 
ZKL C14  C Y N 404 
ZKL C2   C N N 405 
ZKL C3   C N N 406 
ZKL C9   C N S 407 
ZKL N2   N N N 408 
ZKL O1   O N N 409 
ZKL O2   O N N 410 
ZKL O3   O Y N 411 
ZKL H10  H N N 412 
ZKL H8   H N N 413 
ZKL H9   H N N 414 
ZKL H12  H N N 415 
ZKL H11  H N N 416 
ZKL H14  H N N 417 
ZKL H13  H N N 418 
ZKL H16  H N N 419 
ZKL H15  H N N 420 
ZKL H18  H N N 421 
ZKL H19  H N N 422 
ZKL H20  H N N 423 
ZKL H21  H N N 424 
ZKL H23  H N N 425 
ZKL H2   H N N 426 
ZKL H1   H N N 427 
ZKL H3   H N N 428 
ZKL H22  H N N 429 
ZKL H4   H N N 430 
ZKL H5   H N N 431 
ZKL H6   H N N 432 
ZKL H7   H N N 433 
ZKL H17  H N N 434 
# 
loop_
_chem_comp_bond.comp_id 
_chem_comp_bond.atom_id_1 
_chem_comp_bond.atom_id_2 
_chem_comp_bond.value_order 
_chem_comp_bond.pdbx_aromatic_flag 
_chem_comp_bond.pdbx_stereo_config 
_chem_comp_bond.pdbx_ordinal 
ALA N   CA   sing N N 1   
ALA N   H    sing N N 2   
ALA N   H2   sing N N 3   
ALA CA  C    sing N N 4   
ALA CA  CB   sing N N 5   
ALA CA  HA   sing N N 6   
ALA C   O    doub N N 7   
ALA C   OXT  sing N N 8   
ALA CB  HB1  sing N N 9   
ALA CB  HB2  sing N N 10  
ALA CB  HB3  sing N N 11  
ALA OXT HXT  sing N N 12  
ARG N   CA   sing N N 13  
ARG N   H    sing N N 14  
ARG N   H2   sing N N 15  
ARG CA  C    sing N N 16  
ARG CA  CB   sing N N 17  
ARG CA  HA   sing N N 18  
ARG C   O    doub N N 19  
ARG C   OXT  sing N N 20  
ARG CB  CG   sing N N 21  
ARG CB  HB2  sing N N 22  
ARG CB  HB3  sing N N 23  
ARG CG  CD   sing N N 24  
ARG CG  HG2  sing N N 25  
ARG CG  HG3  sing N N 26  
ARG CD  NE   sing N N 27  
ARG CD  HD2  sing N N 28  
ARG CD  HD3  sing N N 29  
ARG NE  CZ   sing N N 30  
ARG NE  HE   sing N N 31  
ARG CZ  NH1  sing N N 32  
ARG CZ  NH2  doub N N 33  
ARG NH1 HH11 sing N N 34  
ARG NH1 HH12 sing N N 35  
ARG NH2 HH21 sing N N 36  
ARG NH2 HH22 sing N N 37  
ARG OXT HXT  sing N N 38  
ASN N   CA   sing N N 39  
ASN N   H    sing N N 40  
ASN N   H2   sing N N 41  
ASN CA  C    sing N N 42  
ASN CA  CB   sing N N 43  
ASN CA  HA   sing N N 44  
ASN C   O    doub N N 45  
ASN C   OXT  sing N N 46  
ASN CB  CG   sing N N 47  
ASN CB  HB2  sing N N 48  
ASN CB  HB3  sing N N 49  
ASN CG  OD1  doub N N 50  
ASN CG  ND2  sing N N 51  
ASN ND2 HD21 sing N N 52  
ASN ND2 HD22 sing N N 53  
ASN OXT HXT  sing N N 54  
ASP N   CA   sing N N 55  
ASP N   H    sing N N 56  
ASP N   H2   sing N N 57  
ASP CA  C    sing N N 58  
ASP CA  CB   sing N N 59  
ASP CA  HA   sing N N 60  
ASP C   O    doub N N 61  
ASP C   OXT  sing N N 62  
ASP CB  CG   sing N N 63  
ASP CB  HB2  sing N N 64  
ASP CB  HB3  sing N N 65  
ASP CG  OD1  doub N N 66  
ASP CG  OD2  sing N N 67  
ASP OD2 HD2  sing N N 68  
ASP OXT HXT  sing N N 69  
CYS N   CA   sing N N 70  
CYS N   H    sing N N 71  
CYS N   H2   sing N N 72  
CYS CA  C    sing N N 73  
CYS CA  CB   sing N N 74  
CYS CA  HA   sing N N 75  
CYS C   O    doub N N 76  
CYS C   OXT  sing N N 77  
CYS CB  SG   sing N N 78  
CYS CB  HB2  sing N N 79  
CYS CB  HB3  sing N N 80  
CYS SG  HG   sing N N 81  
CYS OXT HXT  sing N N 82  
GLN N   CA   sing N N 83  
GLN N   H    sing N N 84  
GLN N   H2   sing N N 85  
GLN CA  C    sing N N 86  
GLN CA  CB   sing N N 87  
GLN CA  HA   sing N N 88  
GLN C   O    doub N N 89  
GLN C   OXT  sing N N 90  
GLN CB  CG   sing N N 91  
GLN CB  HB2  sing N N 92  
GLN CB  HB3  sing N N 93  
GLN CG  CD   sing N N 94  
GLN CG  HG2  sing N N 95  
GLN CG  HG3  sing N N 96  
GLN CD  OE1  doub N N 97  
GLN CD  NE2  sing N N 98  
GLN NE2 HE21 sing N N 99  
GLN NE2 HE22 sing N N 100 
GLN OXT HXT  sing N N 101 
GLU N   CA   sing N N 102 
GLU N   H    sing N N 103 
GLU N   H2   sing N N 104 
GLU CA  C    sing N N 105 
GLU CA  CB   sing N N 106 
GLU CA  HA   sing N N 107 
GLU C   O    doub N N 108 
GLU C   OXT  sing N N 109 
GLU CB  CG   sing N N 110 
GLU CB  HB2  sing N N 111 
GLU CB  HB3  sing N N 112 
GLU CG  CD   sing N N 113 
GLU CG  HG2  sing N N 114 
GLU CG  HG3  sing N N 115 
GLU CD  OE1  doub N N 116 
GLU CD  OE2  sing N N 117 
GLU OE2 HE2  sing N N 118 
GLU OXT HXT  sing N N 119 
GLY N   CA   sing N N 120 
GLY N   H    sing N N 121 
GLY N   H2   sing N N 122 
GLY CA  C    sing N N 123 
GLY CA  HA2  sing N N 124 
GLY CA  HA3  sing N N 125 
GLY C   O    doub N N 126 
GLY C   OXT  sing N N 127 
GLY OXT HXT  sing N N 128 
HIS N   CA   sing N N 129 
HIS N   H    sing N N 130 
HIS N   H2   sing N N 131 
HIS CA  C    sing N N 132 
HIS CA  CB   sing N N 133 
HIS CA  HA   sing N N 134 
HIS C   O    doub N N 135 
HIS C   OXT  sing N N 136 
HIS CB  CG   sing N N 137 
HIS CB  HB2  sing N N 138 
HIS CB  HB3  sing N N 139 
HIS CG  ND1  sing Y N 140 
HIS CG  CD2  doub Y N 141 
HIS ND1 CE1  doub Y N 142 
HIS ND1 HD1  sing N N 143 
HIS CD2 NE2  sing Y N 144 
HIS CD2 HD2  sing N N 145 
HIS CE1 NE2  sing Y N 146 
HIS CE1 HE1  sing N N 147 
HIS NE2 HE2  sing N N 148 
HIS OXT HXT  sing N N 149 
HOH O   H1   sing N N 150 
HOH O   H2   sing N N 151 
ILE N   CA   sing N N 152 
ILE N   H    sing N N 153 
ILE N   H2   sing N N 154 
ILE CA  C    sing N N 155 
ILE CA  CB   sing N N 156 
ILE CA  HA   sing N N 157 
ILE C   O    doub N N 158 
ILE C   OXT  sing N N 159 
ILE CB  CG1  sing N N 160 
ILE CB  CG2  sing N N 161 
ILE CB  HB   sing N N 162 
ILE CG1 CD1  sing N N 163 
ILE CG1 HG12 sing N N 164 
ILE CG1 HG13 sing N N 165 
ILE CG2 HG21 sing N N 166 
ILE CG2 HG22 sing N N 167 
ILE CG2 HG23 sing N N 168 
ILE CD1 HD11 sing N N 169 
ILE CD1 HD12 sing N N 170 
ILE CD1 HD13 sing N N 171 
ILE OXT HXT  sing N N 172 
LEU N   CA   sing N N 173 
LEU N   H    sing N N 174 
LEU N   H2   sing N N 175 
LEU CA  C    sing N N 176 
LEU CA  CB   sing N N 177 
LEU CA  HA   sing N N 178 
LEU C   O    doub N N 179 
LEU C   OXT  sing N N 180 
LEU CB  CG   sing N N 181 
LEU CB  HB2  sing N N 182 
LEU CB  HB3  sing N N 183 
LEU CG  CD1  sing N N 184 
LEU CG  CD2  sing N N 185 
LEU CG  HG   sing N N 186 
LEU CD1 HD11 sing N N 187 
LEU CD1 HD12 sing N N 188 
LEU CD1 HD13 sing N N 189 
LEU CD2 HD21 sing N N 190 
LEU CD2 HD22 sing N N 191 
LEU CD2 HD23 sing N N 192 
LEU OXT HXT  sing N N 193 
LYS N   CA   sing N N 194 
LYS N   H    sing N N 195 
LYS N   H2   sing N N 196 
LYS CA  C    sing N N 197 
LYS CA  CB   sing N N 198 
LYS CA  HA   sing N N 199 
LYS C   O    doub N N 200 
LYS C   OXT  sing N N 201 
LYS CB  CG   sing N N 202 
LYS CB  HB2  sing N N 203 
LYS CB  HB3  sing N N 204 
LYS CG  CD   sing N N 205 
LYS CG  HG2  sing N N 206 
LYS CG  HG3  sing N N 207 
LYS CD  CE   sing N N 208 
LYS CD  HD2  sing N N 209 
LYS CD  HD3  sing N N 210 
LYS CE  NZ   sing N N 211 
LYS CE  HE2  sing N N 212 
LYS CE  HE3  sing N N 213 
LYS NZ  HZ1  sing N N 214 
LYS NZ  HZ2  sing N N 215 
LYS NZ  HZ3  sing N N 216 
LYS OXT HXT  sing N N 217 
MET N   CA   sing N N 218 
MET N   H    sing N N 219 
MET N   H2   sing N N 220 
MET CA  C    sing N N 221 
MET CA  CB   sing N N 222 
MET CA  HA   sing N N 223 
MET C   O    doub N N 224 
MET C   OXT  sing N N 225 
MET CB  CG   sing N N 226 
MET CB  HB2  sing N N 227 
MET CB  HB3  sing N N 228 
MET CG  SD   sing N N 229 
MET CG  HG2  sing N N 230 
MET CG  HG3  sing N N 231 
MET SD  CE   sing N N 232 
MET CE  HE1  sing N N 233 
MET CE  HE2  sing N N 234 
MET CE  HE3  sing N N 235 
MET OXT HXT  sing N N 236 
PHE N   CA   sing N N 237 
PHE N   H    sing N N 238 
PHE N   H2   sing N N 239 
PHE CA  C    sing N N 240 
PHE CA  CB   sing N N 241 
PHE CA  HA   sing N N 242 
PHE C   O    doub N N 243 
PHE C   OXT  sing N N 244 
PHE CB  CG   sing N N 245 
PHE CB  HB2  sing N N 246 
PHE CB  HB3  sing N N 247 
PHE CG  CD1  doub Y N 248 
PHE CG  CD2  sing Y N 249 
PHE CD1 CE1  sing Y N 250 
PHE CD1 HD1  sing N N 251 
PHE CD2 CE2  doub Y N 252 
PHE CD2 HD2  sing N N 253 
PHE CE1 CZ   doub Y N 254 
PHE CE1 HE1  sing N N 255 
PHE CE2 CZ   sing Y N 256 
PHE CE2 HE2  sing N N 257 
PHE CZ  HZ   sing N N 258 
PHE OXT HXT  sing N N 259 
PRO N   CA   sing N N 260 
PRO N   CD   sing N N 261 
PRO N   H    sing N N 262 
PRO CA  C    sing N N 263 
PRO CA  CB   sing N N 264 
PRO CA  HA   sing N N 265 
PRO C   O    doub N N 266 
PRO C   OXT  sing N N 267 
PRO CB  CG   sing N N 268 
PRO CB  HB2  sing N N 269 
PRO CB  HB3  sing N N 270 
PRO CG  CD   sing N N 271 
PRO CG  HG2  sing N N 272 
PRO CG  HG3  sing N N 273 
PRO CD  HD2  sing N N 274 
PRO CD  HD3  sing N N 275 
PRO OXT HXT  sing N N 276 
SER N   CA   sing N N 277 
SER N   H    sing N N 278 
SER N   H2   sing N N 279 
SER CA  C    sing N N 280 
SER CA  CB   sing N N 281 
SER CA  HA   sing N N 282 
SER C   O    doub N N 283 
SER C   OXT  sing N N 284 
SER CB  OG   sing N N 285 
SER CB  HB2  sing N N 286 
SER CB  HB3  sing N N 287 
SER OG  HG   sing N N 288 
SER OXT HXT  sing N N 289 
THR N   CA   sing N N 290 
THR N   H    sing N N 291 
THR N   H2   sing N N 292 
THR CA  C    sing N N 293 
THR CA  CB   sing N N 294 
THR CA  HA   sing N N 295 
THR C   O    doub N N 296 
THR C   OXT  sing N N 297 
THR CB  OG1  sing N N 298 
THR CB  CG2  sing N N 299 
THR CB  HB   sing N N 300 
THR OG1 HG1  sing N N 301 
THR CG2 HG21 sing N N 302 
THR CG2 HG22 sing N N 303 
THR CG2 HG23 sing N N 304 
THR OXT HXT  sing N N 305 
TRP N   CA   sing N N 306 
TRP N   H    sing N N 307 
TRP N   H2   sing N N 308 
TRP CA  C    sing N N 309 
TRP CA  CB   sing N N 310 
TRP CA  HA   sing N N 311 
TRP C   O    doub N N 312 
TRP C   OXT  sing N N 313 
TRP CB  CG   sing N N 314 
TRP CB  HB2  sing N N 315 
TRP CB  HB3  sing N N 316 
TRP CG  CD1  doub Y N 317 
TRP CG  CD2  sing Y N 318 
TRP CD1 NE1  sing Y N 319 
TRP CD1 HD1  sing N N 320 
TRP CD2 CE2  doub Y N 321 
TRP CD2 CE3  sing Y N 322 
TRP NE1 CE2  sing Y N 323 
TRP NE1 HE1  sing N N 324 
TRP CE2 CZ2  sing Y N 325 
TRP CE3 CZ3  doub Y N 326 
TRP CE3 HE3  sing N N 327 
TRP CZ2 CH2  doub Y N 328 
TRP CZ2 HZ2  sing N N 329 
TRP CZ3 CH2  sing Y N 330 
TRP CZ3 HZ3  sing N N 331 
TRP CH2 HH2  sing N N 332 
TRP OXT HXT  sing N N 333 
TYR N   CA   sing N N 334 
TYR N   H    sing N N 335 
TYR N   H2   sing N N 336 
TYR CA  C    sing N N 337 
TYR CA  CB   sing N N 338 
TYR CA  HA   sing N N 339 
TYR C   O    doub N N 340 
TYR C   OXT  sing N N 341 
TYR CB  CG   sing N N 342 
TYR CB  HB2  sing N N 343 
TYR CB  HB3  sing N N 344 
TYR CG  CD1  doub Y N 345 
TYR CG  CD2  sing Y N 346 
TYR CD1 CE1  sing Y N 347 
TYR CD1 HD1  sing N N 348 
TYR CD2 CE2  doub Y N 349 
TYR CD2 HD2  sing N N 350 
TYR CE1 CZ   doub Y N 351 
TYR CE1 HE1  sing N N 352 
TYR CE2 CZ   sing Y N 353 
TYR CE2 HE2  sing N N 354 
TYR CZ  OH   sing N N 355 
TYR OH  HH   sing N N 356 
TYR OXT HXT  sing N N 357 
VAL N   CA   sing N N 358 
VAL N   H    sing N N 359 
VAL N   H2   sing N N 360 
VAL CA  C    sing N N 361 
VAL CA  CB   sing N N 362 
VAL CA  HA   sing N N 363 
VAL C   O    doub N N 364 
VAL C   OXT  sing N N 365 
VAL CB  CG1  sing N N 366 
VAL CB  CG2  sing N N 367 
VAL CB  HB   sing N N 368 
VAL CG1 HG11 sing N N 369 
VAL CG1 HG12 sing N N 370 
VAL CG1 HG13 sing N N 371 
VAL CG2 HG21 sing N N 372 
VAL CG2 HG22 sing N N 373 
VAL CG2 HG23 sing N N 374 
VAL OXT HXT  sing N N 375 
ZKL C1  C2   sing N N 376 
ZKL C2  C3   sing N N 377 
ZKL C3  C4   sing N N 378 
ZKL C4  N1   sing N N 379 
ZKL N1  C5   sing N N 380 
ZKL C5  O1   doub N N 381 
ZKL C5  N2   sing N N 382 
ZKL N2  C6   sing N N 383 
ZKL C6  C7   sing N N 384 
ZKL C7  N3   sing N N 385 
ZKL N3  C8   sing N N 386 
ZKL C8  C9   sing N N 387 
ZKL C9  C10  sing N N 388 
ZKL N3  C11  sing N N 389 
ZKL C11 O2   doub N N 390 
ZKL C11 C12  sing N N 391 
ZKL C12 C13  doub Y N 392 
ZKL C13 C14  sing Y N 393 
ZKL C14 C15  doub Y N 394 
ZKL C15 O3   sing Y N 395 
ZKL N2  C9   sing N N 396 
ZKL C12 O3   sing Y N 397 
ZKL N1  H10  sing N N 398 
ZKL C4  H8   sing N N 399 
ZKL C4  H9   sing N N 400 
ZKL C6  H12  sing N N 401 
ZKL C6  H11  sing N N 402 
ZKL C7  H14  sing N N 403 
ZKL C7  H13  sing N N 404 
ZKL C8  H16  sing N N 405 
ZKL C8  H15  sing N N 406 
ZKL C10 H18  sing N N 407 
ZKL C10 H19  sing N N 408 
ZKL C10 H20  sing N N 409 
ZKL C13 H21  sing N N 410 
ZKL C15 H23  sing N N 411 
ZKL C1  H2   sing N N 412 
ZKL C1  H1   sing N N 413 
ZKL C1  H3   sing N N 414 
ZKL C14 H22  sing N N 415 
ZKL C2  H4   sing N N 416 
ZKL C2  H5   sing N N 417 
ZKL C3  H6   sing N N 418 
ZKL C3  H7   sing N N 419 
ZKL C9  H17  sing N N 420 
# 
_pdbx_audit_support.ordinal                1 
_pdbx_audit_support.funding_organization   'Wellcome Trust' 
_pdbx_audit_support.grant_number           None 
_pdbx_audit_support.country                'United Kingdom' 
# 
_pdbx_deposit_group.group_id            G_1002265 
_pdbx_deposit_group.group_description   
;XDomainX of XOrganismX PHIP screened against predicted false negatives and catalogue compounds by X-ray Crystallography at the XChem facility of Diamond Light Source beamline I04-1
;
_pdbx_deposit_group.group_title         'PanDDA analysis group deposition' 
_pdbx_deposit_group.group_type          'changed state' 
# 
_pdbx_entity_instance_feature.ordinal        1 
_pdbx_entity_instance_feature.comp_id        ZKL 
_pdbx_entity_instance_feature.asym_id        ? 
_pdbx_entity_instance_feature.seq_num        ? 
_pdbx_entity_instance_feature.auth_comp_id   ZKL 
_pdbx_entity_instance_feature.auth_asym_id   ? 
_pdbx_entity_instance_feature.auth_seq_num   ? 
_pdbx_entity_instance_feature.feature_type   'SUBJECT OF INVESTIGATION' 
_pdbx_entity_instance_feature.details        ? 
# 
_atom_sites.entry_id                    7FV3 
_atom_sites.fract_transf_matrix[1][1]   -0.01185439 
_atom_sites.fract_transf_matrix[1][2]   0.00360978 
_atom_sites.fract_transf_matrix[1][3]   -0.00071237 
_atom_sites.fract_transf_matrix[2][1]   0.00869152 
_atom_sites.fract_transf_matrix[2][2]   0.02327987 
_atom_sites.fract_transf_matrix[2][3]   -0.02666796 
_atom_sites.fract_transf_matrix[3][1]   -0.00610907 
_atom_sites.fract_transf_matrix[3][2]   -0.01174685 
_atom_sites.fract_transf_matrix[3][3]   -0.01224549 
_atom_sites.fract_transf_vector[1]      -0.146940 
_atom_sites.fract_transf_vector[2]      0.453900 
_atom_sites.fract_transf_vector[3]      0.221601 
# 
loop_
_atom_type.symbol 
C 
N 
O 
S 
# 
loop_
_atom_site.group_PDB 
_atom_site.id 
_atom_site.type_symbol 
_atom_site.label_atom_id 
_atom_site.label_alt_id 
_atom_site.label_comp_id 
_atom_site.label_asym_id 
_atom_site.label_entity_id 
_atom_site.label_seq_id 
_atom_site.pdbx_PDB_ins_code 
_atom_site.Cartn_x 
_atom_site.Cartn_y 
_atom_site.Cartn_z 
_atom_site.occupancy 
_atom_site.B_iso_or_equiv 
_atom_site.pdbx_formal_charge 
_atom_site.auth_seq_id 
_atom_site.auth_comp_id 
_atom_site.auth_asym_id 
_atom_site.auth_atom_id 
_atom_site.pdbx_PDB_model_num 
ATOM   1    N N   . SER A 1 24  ? 5.338   17.647  16.683  1.00 25.71 ? 1315 SER A N   1 
ATOM   2    C CA  . SER A 1 24  ? 4.626   17.516  15.366  1.00 24.91 ? 1315 SER A CA  1 
ATOM   3    C C   . SER A 1 24  ? 3.290   16.789  15.580  1.00 20.06 ? 1315 SER A C   1 
ATOM   4    O O   . SER A 1 24  ? 3.210   15.593  15.200  1.00 19.81 ? 1315 SER A O   1 
ATOM   5    C CB  . SER A 1 24  ? 5.512   16.782  14.381  1.00 26.75 ? 1315 SER A CB  1 
ATOM   6    O OG  . SER A 1 24  ? 4.914   16.728  13.091  1.00 31.79 ? 1315 SER A OG  1 
ATOM   7    N N   . TYR A 1 25  ? 2.283   17.440  16.193  1.00 17.80 ? 1316 TYR A N   1 
ATOM   8    C CA  . TYR A 1 25  ? 1.123   16.708  16.775  1.00 15.00 ? 1316 TYR A CA  1 
ATOM   9    C C   . TYR A 1 25  ? -0.148  16.894  15.919  1.00 13.37 ? 1316 TYR A C   1 
ATOM   10   O O   . TYR A 1 25  ? -1.266  16.795  16.429  1.00 12.91 ? 1316 TYR A O   1 
ATOM   11   C CB  . TYR A 1 25  ? 0.904   17.089  18.236  1.00 15.16 ? 1316 TYR A CB  1 
ATOM   12   C CG  . TYR A 1 25  ? 2.095   16.901  19.145  1.00 14.39 ? 1316 TYR A CG  1 
ATOM   13   C CD1 . TYR A 1 25  ? 2.710   15.671  19.320  1.00 13.82 ? 1316 TYR A CD1 1 
ATOM   14   C CD2 . TYR A 1 25  ? 2.534   17.956  19.926  1.00 14.60 ? 1316 TYR A CD2 1 
ATOM   15   C CE1 . TYR A 1 25  ? 3.798   15.509  20.172  1.00 13.48 ? 1316 TYR A CE1 1 
ATOM   16   C CE2 . TYR A 1 25  ? 3.601   17.810  20.805  1.00 15.34 ? 1316 TYR A CE2 1 
ATOM   17   C CZ  . TYR A 1 25  ? 4.224   16.581  20.932  1.00 15.17 ? 1316 TYR A CZ  1 
ATOM   18   O OH  . TYR A 1 25  ? 5.293   16.398  21.778  1.00 15.88 ? 1316 TYR A OH  1 
ATOM   19   N N   . ASP A 1 26  ? 0.023   17.083  14.611  1.00 13.67 ? 1317 ASP A N   1 
ATOM   20   C CA  . ASP A 1 26  ? -1.134  17.225  13.689  1.00 13.22 ? 1317 ASP A CA  1 
ATOM   21   C C   . ASP A 1 26  ? -1.730  15.833  13.407  1.00 12.46 ? 1317 ASP A C   1 
ATOM   22   O O   . ASP A 1 26  ? -1.118  14.982  12.726  1.00 13.10 ? 1317 ASP A O   1 
ATOM   23   C CB  . ASP A 1 26  ? -0.673  17.926  12.431  1.00 14.11 ? 1317 ASP A CB  1 
ATOM   24   C CG  . ASP A 1 26  ? -1.765  18.204  11.410  1.00 13.88 ? 1317 ASP A CG  1 
ATOM   25   O OD1 . ASP A 1 26  ? -2.841  17.599  11.466  1.00 14.62 ? 1317 ASP A OD1 1 
ATOM   26   O OD2 . ASP A 1 26  ? -1.538  19.099  10.522  1.00 18.68 ? 1317 ASP A OD2 1 
ATOM   27   N N   . ILE A 1 27  ? -2.939  15.600  13.910  1.00 12.02 ? 1318 ILE A N   1 
ATOM   28   C CA  . ILE A 1 27  ? -3.691  14.312  13.792  1.00 12.05 ? 1318 ILE A CA  1 
ATOM   29   C C   . ILE A 1 27  ? -4.063  14.042  12.330  1.00 12.23 ? 1318 ILE A C   1 
ATOM   30   O O   . ILE A 1 27  ? -4.231  12.856  11.980  1.00 12.98 ? 1318 ILE A O   1 
ATOM   31   C CB  . ILE A 1 27  ? -4.946  14.334  14.694  1.00 12.33 ? 1318 ILE A CB  1 
ATOM   32   C CG1 . ILE A 1 27  ? -4.583  14.523  16.171  1.00 13.21 ? 1318 ILE A CG1 1 
ATOM   33   C CG2 . ILE A 1 27  ? -5.820  13.098  14.472  1.00 12.70 ? 1318 ILE A CG2 1 
ATOM   34   C CD1 . ILE A 1 27  ? -5.740  14.916  17.042  1.00 13.98 ? 1318 ILE A CD1 1 
ATOM   35   N N   . GLN A 1 28  ? -4.201  15.088  11.504  1.00 12.03 ? 1319 GLN A N   1 
ATOM   36   C CA  . GLN A 1 28  ? -4.654  14.926  10.092  1.00 12.05 ? 1319 GLN A CA  1 
ATOM   37   C C   . GLN A 1 28  ? -3.517  14.848  9.079   1.00 11.69 ? 1319 GLN A C   1 
ATOM   38   O O   . GLN A 1 28  ? -3.780  14.539  7.905   1.00 12.16 ? 1319 GLN A O   1 
ATOM   39   C CB  . GLN A 1 28  ? -5.608  16.062  9.698   1.00 12.78 ? 1319 GLN A CB  1 
ATOM   40   C CG  . GLN A 1 28  ? -7.016  15.920  10.317  1.00 13.10 ? 1319 GLN A CG  1 
ATOM   41   C CD  . GLN A 1 28  ? -7.171  16.611  11.669  1.00 11.65 ? 1319 GLN A CD  1 
ATOM   42   O OE1 . GLN A 1 28  ? -6.821  17.790  11.811  1.00 13.21 ? 1319 GLN A OE1 1 
ATOM   43   N NE2 . GLN A 1 28  ? -7.749  15.964  12.606  1.00 13.21 ? 1319 GLN A NE2 1 
ATOM   44   N N   . ALA A 1 29  ? -2.243  15.050  9.497   1.00 12.22 ? 1320 ALA A N   1 
ATOM   45   C CA  . ALA A 1 29  ? -1.127  15.227  8.544   1.00 12.01 ? 1320 ALA A CA  1 
ATOM   46   C C   . ALA A 1 29  ? -0.850  13.953  7.724   1.00 11.30 ? 1320 ALA A C   1 
ATOM   47   O O   . ALA A 1 29  ? -0.353  14.061  6.596   1.00 11.99 ? 1320 ALA A O   1 
ATOM   48   C CB  . ALA A 1 29  ? 0.139   15.668  9.252   1.00 13.14 ? 1320 ALA A CB  1 
ATOM   49   N N   . TRP A 1 30  ? -1.206  12.778  8.258   1.00 11.85 ? 1321 TRP A N   1 
ATOM   50   C CA  . TRP A 1 30  ? -0.937  11.497  7.561   1.00 11.88 ? 1321 TRP A CA  1 
ATOM   51   C C   . TRP A 1 30  ? -1.572  11.451  6.161   1.00 12.00 ? 1321 TRP A C   1 
ATOM   52   O O   . TRP A 1 30  ? -1.038  10.800  5.291   1.00 12.17 ? 1321 TRP A O   1 
ATOM   53   C CB  . TRP A 1 30  ? -1.438  10.317  8.365   1.00 12.12 ? 1321 TRP A CB  1 
ATOM   54   C CG  . TRP A 1 30  ? -2.939  10.355  8.537   1.00 11.38 ? 1321 TRP A CG  1 
ATOM   55   C CD1 . TRP A 1 30  ? -3.651  11.007  9.480   1.00 12.60 ? 1321 TRP A CD1 1 
ATOM   56   C CD2 . TRP A 1 30  ? -3.922  9.658   7.716   1.00 11.27 ? 1321 TRP A CD2 1 
ATOM   57   N NE1 . TRP A 1 30  ? -5.012  10.821  9.289   1.00 12.65 ? 1321 TRP A NE1 1 
ATOM   58   C CE2 . TRP A 1 30  ? -5.196  9.978   8.250   1.00 11.68 ? 1321 TRP A CE2 1 
ATOM   59   C CE3 . TRP A 1 30  ? -3.852  8.792   6.636   1.00 12.00 ? 1321 TRP A CE3 1 
ATOM   60   C CZ2 . TRP A 1 30  ? -6.394  9.497   7.706   1.00 13.17 ? 1321 TRP A CZ2 1 
ATOM   61   C CZ3 . TRP A 1 30  ? -5.029  8.296   6.094   1.00 13.04 ? 1321 TRP A CZ3 1 
ATOM   62   C CH2 . TRP A 1 30  ? -6.273  8.676   6.614   1.00 14.37 ? 1321 TRP A CH2 1 
ATOM   63   N N   . LYS A 1 31  ? -2.700  12.161  5.957   1.00 11.95 ? 1322 LYS A N   1 
ATOM   64   C CA  . LYS A 1 31  ? -3.447  11.955  4.691   1.00 12.20 ? 1322 LYS A CA  1 
ATOM   65   C C   . LYS A 1 31  ? -2.644  12.512  3.525   1.00 11.53 ? 1322 LYS A C   1 
ATOM   66   O O   . LYS A 1 31  ? -2.407  11.809  2.532   1.00 12.98 ? 1322 LYS A O   1 
ATOM   67   C CB  . LYS A 1 31  ? -4.857  12.508  4.853   1.00 12.41 ? 1322 LYS A CB  1 
ATOM   68   C CG  . LYS A 1 31  ? -5.672  12.344  3.579   1.00 13.00 ? 1322 LYS A CG  1 
ATOM   69   C CD  . LYS A 1 31  ? -7.092  12.744  3.763   1.00 13.46 ? 1322 LYS A CD  1 
ATOM   70   C CE  . LYS A 1 31  ? -7.986  12.547  2.543   1.00 13.98 ? 1322 LYS A CE  1 
ATOM   71   N NZ  . LYS A 1 31  ? -9.378  12.940  2.898   1.00 14.65 ? 1322 LYS A NZ  1 
ATOM   72   N N   . LYS A 1 32  ? -2.173  13.760  3.626   1.00 13.28 ? 1323 LYS A N   1 
ATOM   73   C CA  . LYS A 1 32  ? -1.333  14.308  2.531   1.00 13.15 ? 1323 LYS A CA  1 
ATOM   74   C C   . LYS A 1 32  ? 0.013   13.578  2.443   1.00 12.27 ? 1323 LYS A C   1 
ATOM   75   O O   . LYS A 1 32  ? 0.495   13.400  1.331   1.00 13.15 ? 1323 LYS A O   1 
ATOM   76   C CB  . LYS A 1 32  ? -1.121  15.800  2.773   1.00 16.38 ? 1323 LYS A CB  1 
ATOM   77   C CG  . LYS A 1 32  ? -0.305  16.520  1.732   1.00 24.55 ? 1323 LYS A CG  1 
ATOM   78   C CD  . LYS A 1 32  ? -0.511  18.057  1.648   1.00 31.31 ? 1323 LYS A CD  1 
ATOM   79   C CE  . LYS A 1 32  ? 0.270   18.650  0.482   1.00 38.82 ? 1323 LYS A CE  1 
ATOM   80   N NZ  . LYS A 1 32  ? -0.357  19.872  -0.078  1.00 42.14 ? 1323 LYS A NZ  1 
ATOM   81   N N   . GLN A 1 33  ? 0.563   13.131  3.564   1.00 12.03 ? 1324 GLN A N   1 
ATOM   82   C CA  . GLN A 1 33  ? 1.825   12.346  3.493   1.00 12.62 ? 1324 GLN A CA  1 
ATOM   83   C C   . GLN A 1 33  ? 1.585   11.055  2.689   1.00 12.24 ? 1324 GLN A C   1 
ATOM   84   O O   . GLN A 1 33  ? 2.420   10.677  1.862   1.00 12.71 ? 1324 GLN A O   1 
ATOM   85   C CB  . GLN A 1 33  ? 2.308   12.021  4.891   1.00 12.43 ? 1324 GLN A CB  1 
ATOM   86   C CG  . GLN A 1 33  ? 2.821   13.262  5.621   1.00 13.30 ? 1324 GLN A CG  1 
ATOM   87   C CD  . GLN A 1 33  ? 2.911   13.079  7.100   1.00 14.05 ? 1324 GLN A CD  1 
ATOM   88   O OE1 . GLN A 1 33  ? 2.555   12.065  7.711   1.00 16.05 ? 1324 GLN A OE1 1 
ATOM   89   N NE2 . GLN A 1 33  ? 3.313   14.164  7.772   1.00 16.89 ? 1324 GLN A NE2 1 
ATOM   90   N N   . CYS A 1 34  ? 0.434   10.404  2.861   1.00 11.68 ? 1325 CYS A N   1 
ATOM   91   C CA  . CYS A 1 34  ? 0.095   9.173   2.110   1.00 11.78 ? 1325 CYS A CA  1 
ATOM   92   C C   . CYS A 1 34  ? -0.195  9.515   0.660   1.00 11.90 ? 1325 CYS A C   1 
ATOM   93   O O   . CYS A 1 34  ? 0.215   8.731   -0.236  1.00 12.03 ? 1325 CYS A O   1 
ATOM   94   C CB  . CYS A 1 34  ? -1.075  8.436   2.747   1.00 11.73 ? 1325 CYS A CB  1 
ATOM   95   S SG  . CYS A 1 34  ? -0.661  7.600   4.298   1.00 12.77 ? 1325 CYS A SG  1 
ATOM   96   N N   . GLU A 1 35  ? -0.834  10.645  0.354   1.00 12.91 ? 1326 GLU A N   1 
ATOM   97   C CA  . GLU A 1 35  ? -1.017  11.046  -1.067  1.00 13.11 ? 1326 GLU A CA  1 
ATOM   98   C C   . GLU A 1 35  ? 0.331   11.205  -1.751  1.00 13.51 ? 1326 GLU A C   1 
ATOM   99   O O   . GLU A 1 35  ? 0.476   10.727  -2.892  1.00 14.60 ? 1326 GLU A O   1 
ATOM   100  C CB  . GLU A 1 35  ? -1.784  12.375  -1.144  1.00 15.39 ? 1326 GLU A CB  1 
ATOM   101  C CG  . GLU A 1 35  ? -3.231  12.344  -0.700  1.00 19.28 ? 1326 GLU A CG  1 
ATOM   102  C CD  . GLU A 1 35  ? -3.932  13.675  -0.486  1.00 21.93 ? 1326 GLU A CD  1 
ATOM   103  O OE1 . GLU A 1 35  ? -3.291  14.728  -0.540  1.00 25.90 ? 1326 GLU A OE1 1 
ATOM   104  O OE2 . GLU A 1 35  ? -5.139  13.641  -0.163  1.00 24.55 ? 1326 GLU A OE2 1 
ATOM   105  N N   . GLU A 1 36  ? 1.268   11.865  -1.120  1.00 14.39 ? 1327 GLU A N   1 
ATOM   106  C CA  . GLU A 1 36  ? 2.619   12.096  -1.672  1.00 15.54 ? 1327 GLU A CA  1 
ATOM   107  C C   . GLU A 1 36  ? 3.314   10.758  -1.872  1.00 14.27 ? 1327 GLU A C   1 
ATOM   108  O O   . GLU A 1 36  ? 3.983   10.562  -2.906  1.00 14.90 ? 1327 GLU A O   1 
ATOM   109  C CB  . GLU A 1 36  ? 3.375   13.079  -0.764  1.00 18.88 ? 1327 GLU A CB  1 
ATOM   110  C CG  . GLU A 1 36  ? 2.776   14.489  -0.816  1.00 27.00 ? 1327 GLU A CG  1 
ATOM   111  C CD  . GLU A 1 36  ? 3.243   15.503  0.221   1.00 34.60 ? 1327 GLU A CD  1 
ATOM   112  O OE1 . GLU A 1 36  ? 4.173   15.189  1.029   1.00 42.82 ? 1327 GLU A OE1 1 
ATOM   113  O OE2 . GLU A 1 36  ? 2.634   16.602  0.250   1.00 39.88 ? 1327 GLU A OE2 1 
ATOM   114  N N   . LEU A 1 37  ? 3.241   9.859   -0.894  1.00 13.84 ? 1328 LEU A N   1 
ATOM   115  C CA  . LEU A 1 37  ? 3.902   8.538   -1.019  1.00 12.49 ? 1328 LEU A CA  1 
ATOM   116  C C   . LEU A 1 37  ? 3.262   7.759   -2.164  1.00 12.50 ? 1328 LEU A C   1 
ATOM   117  O O   . LEU A 1 37  ? 3.996   7.112   -2.977  1.00 12.85 ? 1328 LEU A O   1 
ATOM   118  C CB  . LEU A 1 37  ? 3.872   7.804   0.299   1.00 13.43 ? 1328 LEU A CB  1 
ATOM   119  C CG  . LEU A 1 37  ? 4.470   6.405   0.288   1.00 12.64 ? 1328 LEU A CG  1 
ATOM   120  C CD1 . LEU A 1 37  ? 5.895   6.397   -0.254  1.00 14.68 ? 1328 LEU A CD1 1 
ATOM   121  C CD2 . LEU A 1 37  ? 4.432   5.859   1.670   1.00 14.42 ? 1328 LEU A CD2 1 
ATOM   122  N N   . LEU A 1 38  ? 1.952   7.813   -2.330  1.00 12.53 ? 1329 LEU A N   1 
ATOM   123  C CA  . LEU A 1 38  ? 1.330   7.117   -3.481  1.00 13.65 ? 1329 LEU A CA  1 
ATOM   124  C C   . LEU A 1 38  ? 1.799   7.737   -4.780  1.00 13.65 ? 1329 LEU A C   1 
ATOM   125  O O   . LEU A 1 38  ? 2.040   6.986   -5.762  1.00 16.02 ? 1329 LEU A O   1 
ATOM   126  C CB  . LEU A 1 38  ? -0.200  7.151   -3.370  1.00 13.98 ? 1329 LEU A CB  1 
ATOM   127  C CG  . LEU A 1 38  ? -0.780  6.296   -2.252  1.00 13.33 ? 1329 LEU A CG  1 
ATOM   128  C CD1 . LEU A 1 38  ? -2.226  6.663   -2.012  1.00 16.03 ? 1329 LEU A CD1 1 
ATOM   129  C CD2 . LEU A 1 38  ? -0.683  4.812   -2.575  1.00 16.33 ? 1329 LEU A CD2 1 
ATOM   130  N N   . ASN A 1 39  ? 1.940   9.040   -4.848  1.00 15.53 ? 1330 ASN A N   1 
ATOM   131  C CA  . ASN A 1 39  ? 2.514   9.679   -6.067  1.00 17.99 ? 1330 ASN A CA  1 
ATOM   132  C C   . ASN A 1 39  ? 3.916   9.109   -6.354  1.00 16.01 ? 1330 ASN A C   1 
ATOM   133  O O   . ASN A 1 39  ? 4.233   8.744   -7.561  1.00 17.86 ? 1330 ASN A O   1 
ATOM   134  C CB  . ASN A 1 39  ? 2.532   11.206  -5.943  1.00 21.13 ? 1330 ASN A CB  1 
ATOM   135  C CG  . ASN A 1 39  ? 1.158   11.840  -6.056  1.00 25.08 ? 1330 ASN A CG  1 
ATOM   136  O OD1 . ASN A 1 39  ? 0.181   11.210  -6.447  1.00 28.59 ? 1330 ASN A OD1 1 
ATOM   137  N ND2 . ASN A 1 39  ? 1.074   13.120  -5.704  1.00 28.72 ? 1330 ASN A ND2 1 
ATOM   138  N N   . LEU A 1 40  ? 4.775   8.993   -5.382  1.00 15.90 ? 1331 LEU A N   1 
ATOM   139  C CA  . LEU A 1 40  ? 6.134   8.416   -5.589  1.00 16.89 ? 1331 LEU A CA  1 
ATOM   140  C C   . LEU A 1 40  ? 6.027   6.960   -6.051  1.00 15.59 ? 1331 LEU A C   1 
ATOM   141  O O   . LEU A 1 40  ? 6.775   6.535   -7.008  1.00 18.09 ? 1331 LEU A O   1 
ATOM   142  C CB  . LEU A 1 40  ? 6.933   8.490   -4.303  1.00 16.20 ? 1331 LEU A CB  1 
ATOM   143  C CG  . LEU A 1 40  ? 7.361   9.892   -3.844  1.00 16.48 ? 1331 LEU A CG  1 
ATOM   144  C CD1 . LEU A 1 40  ? 8.041   9.815   -2.496  1.00 20.52 ? 1331 LEU A CD1 1 
ATOM   145  C CD2 . LEU A 1 40  ? 8.267   10.611  -4.875  1.00 22.23 ? 1331 LEU A CD2 1 
ATOM   146  N N   . ILE A 1 41  ? 5.096   6.180   -5.519  1.00 14.42 ? 1332 ILE A N   1 
ATOM   147  C CA  . ILE A 1 41  ? 4.915   4.764   -5.911  1.00 13.82 ? 1332 ILE A CA  1 
ATOM   148  C C   . ILE A 1 41  ? 4.438   4.675   -7.351  1.00 14.93 ? 1332 ILE A C   1 
ATOM   149  O O   . ILE A 1 41  ? 5.038   3.887   -8.125  1.00 15.09 ? 1332 ILE A O   1 
ATOM   150  C CB  . ILE A 1 41  ? 3.945   4.054   -4.933  1.00 14.05 ? 1332 ILE A CB  1 
ATOM   151  C CG1 . ILE A 1 41  ? 4.664   3.873   -3.596  1.00 14.87 ? 1332 ILE A CG1 1 
ATOM   152  C CG2 . ILE A 1 41  ? 3.398   2.746   -5.516  1.00 13.02 ? 1332 ILE A CG2 1 
ATOM   153  C CD1 . ILE A 1 41  ? 3.826   3.417   -2.469  1.00 16.57 ? 1332 ILE A CD1 1 
ATOM   154  N N   . PHE A 1 42  ? 3.523   5.522   -7.772  1.00 16.25 ? 1333 PHE A N   1 
ATOM   155  C CA  . PHE A 1 42  ? 3.106   5.585   -9.198  1.00 18.57 ? 1333 PHE A CA  1 
ATOM   156  C C   . PHE A 1 42  ? 4.285   5.986   -10.118 1.00 20.07 ? 1333 PHE A C   1 
ATOM   157  O O   . PHE A 1 42  ? 4.342   5.414   -11.262 1.00 24.67 ? 1333 PHE A O   1 
ATOM   158  C CB  . PHE A 1 42  ? 1.843   6.453   -9.330  1.00 17.97 ? 1333 PHE A CB  1 
ATOM   159  C CG  . PHE A 1 42  ? 0.554   5.716   -9.068  1.00 16.96 ? 1333 PHE A CG  1 
ATOM   160  C CD1 . PHE A 1 42  ? -0.165  5.167   -10.127 1.00 19.23 ? 1333 PHE A CD1 1 
ATOM   161  C CD2 . PHE A 1 42  ? -0.008  5.661   -7.800  1.00 19.85 ? 1333 PHE A CD2 1 
ATOM   162  C CE1 . PHE A 1 42  ? -1.355  4.473   -9.906  1.00 22.04 ? 1333 PHE A CE1 1 
ATOM   163  C CE2 . PHE A 1 42  ? -1.213  4.995   -7.597  1.00 19.08 ? 1333 PHE A CE2 1 
ATOM   164  C CZ  . PHE A 1 42  ? -1.876  4.391   -8.646  1.00 19.39 ? 1333 PHE A CZ  1 
ATOM   165  N N   . GLN A 1 43  ? 5.281   6.769   -9.678  1.00 19.99 ? 1334 GLN A N   1 
ATOM   166  C CA  . GLN A 1 43  ? 6.480   7.120   -10.528 1.00 21.64 ? 1334 GLN A CA  1 
ATOM   167  C C   . GLN A 1 43  ? 7.490   5.966   -10.633 1.00 22.23 ? 1334 GLN A C   1 
ATOM   168  O O   . GLN A 1 43  ? 8.296   5.942   -11.582 1.00 22.86 ? 1334 GLN A O   1 
ATOM   169  C CB  . GLN A 1 43  ? 7.190   8.353   -9.943  1.00 21.61 ? 1334 GLN A CB  1 
ATOM   170  C CG  . GLN A 1 43  ? 6.325   9.608   -9.936  1.00 26.36 ? 1334 GLN A CG  1 
ATOM   171  N N   A CYS A 1 44  ? 7.477   5.045   -9.675  0.31 19.92 ? 1335 CYS A N   1 
ATOM   172  N N   B CYS A 1 44  ? 7.503   5.041   -9.667  0.31 19.88 ? 1335 CYS A N   1 
ATOM   173  C CA  A CYS A 1 44  ? 8.332   3.838   -9.674  0.31 18.86 ? 1335 CYS A CA  1 
ATOM   174  C CA  B CYS A 1 44  ? 8.393   3.848   -9.638  0.31 18.85 ? 1335 CYS A CA  1 
ATOM   175  C C   A CYS A 1 44  ? 7.913   2.937   -10.842 0.31 18.31 ? 1335 CYS A C   1 
ATOM   176  C C   B CYS A 1 44  ? 7.967   2.886   -10.759 0.31 18.30 ? 1335 CYS A C   1 
ATOM   177  O O   A CYS A 1 44  ? 6.713   2.607   -10.982 0.31 16.70 ? 1335 CYS A O   1 
ATOM   178  O O   B CYS A 1 44  ? 6.816   2.431   -10.761 0.31 16.46 ? 1335 CYS A O   1 
ATOM   179  C CB  A CYS A 1 44  ? 8.240   3.087   -8.350  0.31 17.83 ? 1335 CYS A CB  1 
ATOM   180  C CB  B CYS A 1 44  ? 8.344   3.103   -8.300  0.31 18.16 ? 1335 CYS A CB  1 
ATOM   181  S SG  A CYS A 1 44  ? 8.987   4.037   -7.005  0.31 18.85 ? 1335 CYS A SG  1 
ATOM   182  S SG  B CYS A 1 44  ? 9.764   2.009   -8.008  0.31 19.62 ? 1335 CYS A SG  1 
ATOM   183  N N   . GLU A 1 45  ? 8.868   2.535   -11.685 1.00 18.22 ? 1336 GLU A N   1 
ATOM   184  C CA  . GLU A 1 45  ? 8.553   1.505   -12.727 1.00 17.73 ? 1336 GLU A CA  1 
ATOM   185  C C   . GLU A 1 45  ? 8.114   0.175   -12.075 1.00 15.67 ? 1336 GLU A C   1 
ATOM   186  O O   . GLU A 1 45  ? 7.259   -0.535  -12.636 1.00 15.71 ? 1336 GLU A O   1 
ATOM   187  C CB  . GLU A 1 45  ? 9.765   1.265   -13.627 1.00 18.24 ? 1336 GLU A CB  1 
ATOM   188  C CG  . GLU A 1 45  ? 10.103  2.480   -14.479 1.00 21.40 ? 1336 GLU A CG  1 
ATOM   189  C CD  . GLU A 1 45  ? 11.268  2.319   -15.434 1.00 24.70 ? 1336 GLU A CD  1 
ATOM   190  O OE1 . GLU A 1 45  ? 11.964  1.303   -15.338 1.00 26.20 ? 1336 GLU A OE1 1 
ATOM   191  O OE2 . GLU A 1 45  ? 11.472  3.233   -16.273 1.00 27.64 ? 1336 GLU A OE2 1 
ATOM   192  N N   . ASP A 1 46  ? 8.590   -0.072  -10.871 1.00 14.59 ? 1337 ASP A N   1 
ATOM   193  C CA  . ASP A 1 46  ? 8.228   -1.309  -10.150 1.00 14.40 ? 1337 ASP A CA  1 
ATOM   194  C C   . ASP A 1 46  ? 6.745   -1.385  -9.759  1.00 14.42 ? 1337 ASP A C   1 
ATOM   195  O O   . ASP A 1 46  ? 6.292   -2.493  -9.436  1.00 14.34 ? 1337 ASP A O   1 
ATOM   196  C CB  . ASP A 1 46  ? 9.077   -1.527  -8.913  1.00 15.68 ? 1337 ASP A CB  1 
ATOM   197  C CG  . ASP A 1 46  ? 10.507  -1.961  -9.207  1.00 17.70 ? 1337 ASP A CG  1 
ATOM   198  O OD1 . ASP A 1 46  ? 10.728  -2.533  -10.328 1.00 18.86 ? 1337 ASP A OD1 1 
ATOM   199  O OD2 . ASP A 1 46  ? 11.359  -1.862  -8.327  1.00 16.76 ? 1337 ASP A OD2 1 
ATOM   200  N N   . SER A 1 47  ? 5.963   -0.309  -9.852  1.00 13.01 ? 1338 SER A N   1 
ATOM   201  C CA  . SER A 1 47  ? 4.520   -0.361  -9.496  1.00 13.00 ? 1338 SER A CA  1 
ATOM   202  C C   . SER A 1 47  ? 3.611   -0.754  -10.664 1.00 12.57 ? 1338 SER A C   1 
ATOM   203  O O   . SER A 1 47  ? 2.423   -1.001  -10.438 1.00 12.85 ? 1338 SER A O   1 
ATOM   204  C CB  . SER A 1 47  ? 4.021   0.941   -8.907  1.00 12.55 ? 1338 SER A CB  1 
ATOM   205  O OG  . SER A 1 47  ? 3.839   1.976   -9.892  1.00 12.37 ? 1338 SER A OG  1 
ATOM   206  N N   . GLU A 1 48  ? 4.127   -0.796  -11.895 1.00 13.31 ? 1339 GLU A N   1 
ATOM   207  C CA  . GLU A 1 48  ? 3.301   -1.005  -13.116 1.00 15.22 ? 1339 GLU A CA  1 
ATOM   208  C C   . GLU A 1 48  ? 2.278   -2.126  -12.919 1.00 13.23 ? 1339 GLU A C   1 
ATOM   209  O O   . GLU A 1 48  ? 1.082   -1.952  -13.191 1.00 13.15 ? 1339 GLU A O   1 
ATOM   210  C CB  . GLU A 1 48  ? 4.186   -1.262  -14.347 1.00 18.95 ? 1339 GLU A CB  1 
ATOM   211  C CG  . GLU A 1 48  ? 3.401   -1.759  -15.555 1.00 19.61 ? 1339 GLU A CG  1 
ATOM   212  C CD  . GLU A 1 48  ? 4.172   -2.013  -16.836 1.00 22.93 ? 1339 GLU A CD  1 
ATOM   213  O OE1 . GLU A 1 48  ? 5.385   -2.263  -16.769 1.00 24.45 ? 1339 GLU A OE1 1 
ATOM   214  O OE2 . GLU A 1 48  ? 3.525   -1.982  -17.896 1.00 26.53 ? 1339 GLU A OE2 1 
ATOM   215  N N   . PRO A 1 49  ? 2.682   -3.350  -12.488 1.00 12.56 ? 1340 PRO A N   1 
ATOM   216  C CA  . PRO A 1 49  ? 1.738   -4.468  -12.391 1.00 13.10 ? 1340 PRO A CA  1 
ATOM   217  C C   . PRO A 1 49  ? 0.640   -4.337  -11.331 1.00 12.40 ? 1340 PRO A C   1 
ATOM   218  O O   . PRO A 1 49  ? -0.295  -5.131  -11.328 1.00 12.26 ? 1340 PRO A O   1 
ATOM   219  C CB  . PRO A 1 49  ? 2.602   -5.672  -11.972 1.00 13.81 ? 1340 PRO A CB  1 
ATOM   220  C CG  . PRO A 1 49  ? 4.003   -5.283  -12.343 1.00 13.83 ? 1340 PRO A CG  1 
ATOM   221  C CD  . PRO A 1 49  ? 4.053   -3.776  -12.140 1.00 13.13 ? 1340 PRO A CD  1 
ATOM   222  N N   . PHE A 1 50  ? 0.793   -3.370  -10.431 1.00 12.51 ? 1341 PHE A N   1 
ATOM   223  C CA  . PHE A 1 50  ? -0.005  -3.242  -9.189  1.00 12.32 ? 1341 PHE A CA  1 
ATOM   224  C C   . PHE A 1 50  ? -0.892  -1.993  -9.269  1.00 12.83 ? 1341 PHE A C   1 
ATOM   225  O O   . PHE A 1 50  ? -1.565  -1.703  -8.276  1.00 12.93 ? 1341 PHE A O   1 
ATOM   226  C CB  . PHE A 1 50  ? 0.926   -3.238  -7.963  1.00 12.06 ? 1341 PHE A CB  1 
ATOM   227  C CG  . PHE A 1 50  ? 2.007   -4.301  -7.967  1.00 11.85 ? 1341 PHE A CG  1 
ATOM   228  C CD1 . PHE A 1 50  ? 1.701   -5.645  -7.804  1.00 13.16 ? 1341 PHE A CD1 1 
ATOM   229  C CD2 . PHE A 1 50  ? 3.343   -3.966  -8.157  1.00 12.81 ? 1341 PHE A CD2 1 
ATOM   230  C CE1 . PHE A 1 50  ? 2.694   -6.615  -7.848  1.00 12.85 ? 1341 PHE A CE1 1 
ATOM   231  C CE2 . PHE A 1 50  ? 4.329   -4.934  -8.202  1.00 13.22 ? 1341 PHE A CE2 1 
ATOM   232  C CZ  . PHE A 1 50  ? 4.006   -6.263  -8.050  1.00 13.16 ? 1341 PHE A CZ  1 
ATOM   233  N N   . ARG A 1 51  ? -0.927  -1.282  -10.405 1.00 13.78 ? 1342 ARG A N   1 
ATOM   234  C CA  . ARG A 1 51  ? -1.529  0.078   -10.520 1.00 15.38 ? 1342 ARG A CA  1 
ATOM   235  C C   . ARG A 1 51  ? -3.030  0.038   -10.783 1.00 17.08 ? 1342 ARG A C   1 
ATOM   236  O O   . ARG A 1 51  ? -3.627  1.149   -10.750 1.00 18.16 ? 1342 ARG A O   1 
ATOM   237  C CB  . ARG A 1 51  ? -0.947  0.888   -11.680 1.00 16.72 ? 1342 ARG A CB  1 
ATOM   238  C CG  . ARG A 1 51  ? 0.410   1.476   -11.353 1.00 16.85 ? 1342 ARG A CG  1 
ATOM   239  C CD  . ARG A 1 51  ? 0.941   2.284   -12.521 1.00 17.61 ? 1342 ARG A CD  1 
ATOM   240  N NE  . ARG A 1 51  ? 2.383   2.414   -12.434 1.00 17.98 ? 1342 ARG A NE  1 
ATOM   241  C CZ  . ARG A 1 51  ? 3.223   2.505   -13.458 1.00 20.15 ? 1342 ARG A CZ  1 
ATOM   242  N NH1 . ARG A 1 51  ? 2.792   2.452   -14.714 1.00 22.03 ? 1342 ARG A NH1 1 
ATOM   243  N NH2 . ARG A 1 51  ? 4.516   2.620   -13.217 1.00 19.10 ? 1342 ARG A NH2 1 
ATOM   244  N N   . GLN A 1 52  ? -3.603  -1.129  -11.115 1.00 17.53 ? 1343 GLN A N   1 
ATOM   245  C CA  . GLN A 1 52  ? -5.062  -1.273  -11.383 1.00 20.26 ? 1343 GLN A CA  1 
ATOM   246  C C   . GLN A 1 52  ? -5.491  -2.688  -11.008 1.00 20.73 ? 1343 GLN A C   1 
ATOM   247  O O   . GLN A 1 52  ? -4.643  -3.576  -10.900 1.00 21.26 ? 1343 GLN A O   1 
ATOM   248  C CB  . GLN A 1 52  ? -5.376  -0.943  -12.851 1.00 23.47 ? 1343 GLN A CB  1 
ATOM   249  C CG  . GLN A 1 52  ? -6.738  -0.285  -13.099 1.00 26.68 ? 1343 GLN A CG  1 
ATOM   250  C CD  . GLN A 1 52  ? -7.048  0.955   -12.291 1.00 29.01 ? 1343 GLN A CD  1 
ATOM   251  O OE1 . GLN A 1 52  ? -8.144  1.114   -11.741 1.00 32.97 ? 1343 GLN A OE1 1 
ATOM   252  N NE2 . GLN A 1 52  ? -6.104  1.883   -12.265 1.00 29.67 ? 1343 GLN A NE2 1 
ATOM   253  N N   . PRO A 1 53  ? -6.800  -2.928  -10.747 1.00 23.07 ? 1344 PRO A N   1 
ATOM   254  C CA  . PRO A 1 53  ? -7.267  -4.265  -10.399 1.00 24.34 ? 1344 PRO A CA  1 
ATOM   255  C C   . PRO A 1 53  ? -6.805  -5.284  -11.448 1.00 25.00 ? 1344 PRO A C   1 
ATOM   256  O O   . PRO A 1 53  ? -6.860  -4.983  -12.644 1.00 24.99 ? 1344 PRO A O   1 
ATOM   257  C CB  . PRO A 1 53  ? -8.798  -4.132  -10.363 1.00 23.79 ? 1344 PRO A CB  1 
ATOM   258  C CG  . PRO A 1 53  ? -9.042  -2.675  -10.041 1.00 23.52 ? 1344 PRO A CG  1 
ATOM   259  C CD  . PRO A 1 53  ? -7.891  -1.940  -10.695 1.00 22.34 ? 1344 PRO A CD  1 
ATOM   260  N N   . VAL A 1 54  ? -6.306  -6.428  -10.977 1.00 24.64 ? 1345 VAL A N   1 
ATOM   261  C CA  . VAL A 1 54  ? -5.900  -7.591  -11.821 1.00 26.28 ? 1345 VAL A CA  1 
ATOM   262  C C   . VAL A 1 54  ? -7.060  -7.921  -12.761 1.00 28.02 ? 1345 VAL A C   1 
ATOM   263  O O   . VAL A 1 54  ? -8.229  -7.896  -12.311 1.00 25.47 ? 1345 VAL A O   1 
ATOM   264  C CB  . VAL A 1 54  ? -5.504  -8.816  -10.976 1.00 26.17 ? 1345 VAL A CB  1 
ATOM   265  C CG1 . VAL A 1 54  ? -5.157  -10.013 -11.853 1.00 26.22 ? 1345 VAL A CG1 1 
ATOM   266  C CG2 . VAL A 1 54  ? -4.357  -8.494  -10.036 1.00 27.18 ? 1345 VAL A CG2 1 
ATOM   267  N N   . ASP A 1 55  ? -6.729  -8.210  -14.021 1.00 31.51 ? 1346 ASP A N   1 
ATOM   268  C CA  . ASP A 1 55  ? -7.680  -8.635  -15.079 1.00 36.01 ? 1346 ASP A CA  1 
ATOM   269  C C   . ASP A 1 55  ? -7.736  -10.166 -15.081 1.00 36.86 ? 1346 ASP A C   1 
ATOM   270  O O   . ASP A 1 55  ? -6.677  -10.802 -15.217 1.00 34.83 ? 1346 ASP A O   1 
ATOM   271  C CB  . ASP A 1 55  ? -7.288  -8.077  -16.451 1.00 39.67 ? 1346 ASP A CB  1 
ATOM   272  C CG  . ASP A 1 55  ? -5.790  -7.920  -16.670 1.00 43.10 ? 1346 ASP A CG  1 
ATOM   273  O OD1 . ASP A 1 55  ? -5.020  -8.214  -15.727 1.00 44.82 ? 1346 ASP A OD1 1 
ATOM   274  O OD2 . ASP A 1 55  ? -5.406  -7.498  -17.782 1.00 47.74 ? 1346 ASP A OD2 1 
ATOM   275  N N   . LEU A 1 56  ? -8.934  -10.730 -14.953 1.00 42.41 ? 1347 LEU A N   1 
ATOM   276  C CA  . LEU A 1 56  ? -9.138  -12.198 -14.854 1.00 46.61 ? 1347 LEU A CA  1 
ATOM   277  C C   . LEU A 1 56  ? -9.043  -12.845 -16.245 1.00 49.77 ? 1347 LEU A C   1 
ATOM   278  O O   . LEU A 1 56  ? -8.856  -14.070 -16.299 1.00 53.41 ? 1347 LEU A O   1 
ATOM   279  C CB  . LEU A 1 56  ? -10.484 -12.469 -14.175 1.00 46.80 ? 1347 LEU A CB  1 
ATOM   280  C CG  . LEU A 1 56  ? -10.720 -11.728 -12.857 1.00 46.83 ? 1347 LEU A CG  1 
ATOM   281  C CD1 . LEU A 1 56  ? -11.913 -12.308 -12.115 1.00 46.61 ? 1347 LEU A CD1 1 
ATOM   282  C CD2 . LEU A 1 56  ? -9.487  -11.767 -11.965 1.00 49.07 ? 1347 LEU A CD2 1 
ATOM   283  N N   . LEU A 1 57  ? -9.135  -12.068 -17.330 1.00 52.19 ? 1348 LEU A N   1 
ATOM   284  C CA  . LEU A 1 57  ? -8.964  -12.591 -18.715 1.00 53.66 ? 1348 LEU A CA  1 
ATOM   285  C C   . LEU A 1 57  ? -7.543  -13.142 -18.877 1.00 55.80 ? 1348 LEU A C   1 
ATOM   286  O O   . LEU A 1 57  ? -7.395  -14.207 -19.509 1.00 58.38 ? 1348 LEU A O   1 
ATOM   287  C CB  . LEU A 1 57  ? -9.243  -11.489 -19.743 1.00 54.24 ? 1348 LEU A CB  1 
ATOM   288  C CG  . LEU A 1 57  ? -10.651 -11.484 -20.339 1.00 53.88 ? 1348 LEU A CG  1 
ATOM   289  C CD1 . LEU A 1 57  ? -10.884 -12.721 -21.196 1.00 53.71 ? 1348 LEU A CD1 1 
ATOM   290  C CD2 . LEU A 1 57  ? -11.705 -11.368 -19.247 1.00 53.82 ? 1348 LEU A CD2 1 
ATOM   291  N N   . GLU A 1 58  ? -6.546  -12.442 -18.328 1.00 55.22 ? 1349 GLU A N   1 
ATOM   292  C CA  . GLU A 1 58  ? -5.115  -12.845 -18.385 1.00 56.97 ? 1349 GLU A CA  1 
ATOM   293  C C   . GLU A 1 58  ? -4.857  -13.939 -17.338 1.00 54.06 ? 1349 GLU A C   1 
ATOM   294  O O   . GLU A 1 58  ? -4.009  -14.820 -17.606 1.00 54.25 ? 1349 GLU A O   1 
ATOM   295  C CB  . GLU A 1 58  ? -4.210  -11.628 -18.172 1.00 61.17 ? 1349 GLU A CB  1 
ATOM   296  C CG  . GLU A 1 58  ? -4.577  -10.436 -19.043 1.00 65.72 ? 1349 GLU A CG  1 
ATOM   297  C CD  . GLU A 1 58  ? -3.555  -9.312  -19.070 1.00 70.07 ? 1349 GLU A CD  1 
ATOM   298  O OE1 . GLU A 1 58  ? -2.677  -9.290  -18.183 1.00 73.36 ? 1349 GLU A OE1 1 
ATOM   299  O OE2 . GLU A 1 58  ? -3.643  -8.458  -19.981 1.00 72.13 ? 1349 GLU A OE2 1 
ATOM   300  N N   . TYR A 1 59  ? -5.564  -13.882 -16.196 1.00 50.36 ? 1350 TYR A N   1 
ATOM   301  C CA  . TYR A 1 59  ? -5.396  -14.783 -15.020 1.00 46.84 ? 1350 TYR A CA  1 
ATOM   302  C C   . TYR A 1 59  ? -6.776  -15.258 -14.552 1.00 41.97 ? 1350 TYR A C   1 
ATOM   303  O O   . TYR A 1 59  ? -7.313  -14.762 -13.562 1.00 40.08 ? 1350 TYR A O   1 
ATOM   304  C CB  . TYR A 1 59  ? -4.580  -14.054 -13.945 1.00 48.07 ? 1350 TYR A CB  1 
ATOM   305  C CG  . TYR A 1 59  ? -3.605  -13.067 -14.532 1.00 50.03 ? 1350 TYR A CG  1 
ATOM   306  C CD1 . TYR A 1 59  ? -2.456  -13.494 -15.179 1.00 50.93 ? 1350 TYR A CD1 1 
ATOM   307  C CD2 . TYR A 1 59  ? -3.870  -11.710 -14.512 1.00 52.83 ? 1350 TYR A CD2 1 
ATOM   308  C CE1 . TYR A 1 59  ? -1.579  -12.593 -15.760 1.00 52.53 ? 1350 TYR A CE1 1 
ATOM   309  C CE2 . TYR A 1 59  ? -3.002  -10.796 -15.083 1.00 53.65 ? 1350 TYR A CE2 1 
ATOM   310  C CZ  . TYR A 1 59  ? -1.853  -11.240 -15.710 1.00 53.72 ? 1350 TYR A CZ  1 
ATOM   311  O OH  . TYR A 1 59  ? -0.990  -10.351 -16.277 1.00 55.50 ? 1350 TYR A OH  1 
ATOM   312  N N   . PRO A 1 60  ? -7.391  -16.248 -15.250 1.00 38.01 ? 1351 PRO A N   1 
ATOM   313  C CA  . PRO A 1 60  ? -8.793  -16.617 -15.013 1.00 33.48 ? 1351 PRO A CA  1 
ATOM   314  C C   . PRO A 1 60  ? -9.079  -17.295 -13.660 1.00 29.92 ? 1351 PRO A C   1 
ATOM   315  O O   . PRO A 1 60  ? -10.230 -17.305 -13.219 1.00 27.90 ? 1351 PRO A O   1 
ATOM   316  C CB  . PRO A 1 60  ? -9.100  -17.583 -16.178 1.00 35.50 ? 1351 PRO A CB  1 
ATOM   317  C CG  . PRO A 1 60  ? -7.752  -18.181 -16.537 1.00 35.73 ? 1351 PRO A CG  1 
ATOM   318  C CD  . PRO A 1 60  ? -6.760  -17.063 -16.302 1.00 38.92 ? 1351 PRO A CD  1 
ATOM   319  N N   . ASP A 1 61  ? -8.032  -17.819 -13.018 1.00 25.97 ? 1352 ASP A N   1 
ATOM   320  C CA  . ASP A 1 61  ? -8.109  -18.519 -11.707 1.00 22.65 ? 1352 ASP A CA  1 
ATOM   321  C C   . ASP A 1 61  ? -7.741  -17.570 -10.552 1.00 21.74 ? 1352 ASP A C   1 
ATOM   322  O O   . ASP A 1 61  ? -7.557  -18.072 -9.426  1.00 18.66 ? 1352 ASP A O   1 
ATOM   323  C CB  . ASP A 1 61  ? -7.196  -19.751 -11.712 1.00 24.86 ? 1352 ASP A CB  1 
ATOM   324  C CG  . ASP A 1 61  ? -5.740  -19.449 -12.025 1.00 26.96 ? 1352 ASP A CG  1 
ATOM   325  O OD1 . ASP A 1 61  ? -5.433  -18.263 -12.286 1.00 30.97 ? 1352 ASP A OD1 1 
ATOM   326  O OD2 . ASP A 1 61  ? -4.934  -20.391 -12.015 1.00 31.27 ? 1352 ASP A OD2 1 
ATOM   327  N N   . TYR A 1 62  ? -7.627  -16.254 -10.777 1.00 20.26 ? 1353 TYR A N   1 
ATOM   328  C CA  . TYR A 1 62  ? -7.115  -15.317 -9.733  1.00 19.12 ? 1353 TYR A CA  1 
ATOM   329  C C   . TYR A 1 62  ? -7.984  -15.400 -8.467  1.00 19.80 ? 1353 TYR A C   1 
ATOM   330  O O   . TYR A 1 62  ? -7.420  -15.481 -7.358  1.00 16.57 ? 1353 TYR A O   1 
ATOM   331  C CB  . TYR A 1 62  ? -7.050  -13.875 -10.245 1.00 19.79 ? 1353 TYR A CB  1 
ATOM   332  C CG  . TYR A 1 62  ? -6.220  -12.938 -9.401  1.00 18.84 ? 1353 TYR A CG  1 
ATOM   333  C CD1 . TYR A 1 62  ? -4.850  -13.107 -9.285  1.00 18.06 ? 1353 TYR A CD1 1 
ATOM   334  C CD2 . TYR A 1 62  ? -6.805  -11.886 -8.711  1.00 17.88 ? 1353 TYR A CD2 1 
ATOM   335  C CE1 . TYR A 1 62  ? -4.078  -12.257 -8.504  1.00 17.19 ? 1353 TYR A CE1 1 
ATOM   336  C CE2 . TYR A 1 62  ? -6.045  -11.005 -7.955  1.00 17.22 ? 1353 TYR A CE2 1 
ATOM   337  C CZ  . TYR A 1 62  ? -4.685  -11.212 -7.828  1.00 17.44 ? 1353 TYR A CZ  1 
ATOM   338  O OH  . TYR A 1 62  ? -3.944  -10.368 -7.043  1.00 16.94 ? 1353 TYR A OH  1 
ATOM   339  N N   . ARG A 1 63  ? -9.311  -15.377 -8.613  1.00 19.03 ? 1354 ARG A N   1 
ATOM   340  C CA  . ARG A 1 63  ? -10.267 -15.334 -7.478  1.00 23.04 ? 1354 ARG A CA  1 
ATOM   341  C C   . ARG A 1 63  ? -10.386 -16.715 -6.827  1.00 20.97 ? 1354 ARG A C   1 
ATOM   342  O O   . ARG A 1 63  ? -10.987 -16.768 -5.736  1.00 24.88 ? 1354 ARG A O   1 
ATOM   343  C CB  . ARG A 1 63  ? -11.627 -14.792 -7.928  1.00 25.54 ? 1354 ARG A CB  1 
ATOM   344  C CG  . ARG A 1 63  ? -11.589 -13.358 -8.438  1.00 28.71 ? 1354 ARG A CG  1 
ATOM   345  C CD  . ARG A 1 63  ? -10.779 -12.454 -7.526  1.00 31.25 ? 1354 ARG A CD  1 
ATOM   346  N NE  . ARG A 1 63  ? -11.345 -12.420 -6.182  1.00 31.99 ? 1354 ARG A NE  1 
ATOM   347  C CZ  . ARG A 1 63  ? -12.374 -11.657 -5.812  1.00 34.46 ? 1354 ARG A CZ  1 
ATOM   348  N NH1 . ARG A 1 63  ? -12.957 -10.851 -6.685  1.00 36.49 ? 1354 ARG A NH1 1 
ATOM   349  N NH2 . ARG A 1 63  ? -12.814 -11.691 -4.568  1.00 35.31 ? 1354 ARG A NH2 1 
ATOM   350  N N   . ASP A 1 64  ? -9.829  -17.775 -7.434  1.00 23.18 ? 1355 ASP A N   1 
ATOM   351  C CA  . ASP A 1 64  ? -9.664  -19.102 -6.772  1.00 22.86 ? 1355 ASP A CA  1 
ATOM   352  C C   . ASP A 1 64  ? -8.631  -18.997 -5.643  1.00 22.06 ? 1355 ASP A C   1 
ATOM   353  O O   . ASP A 1 64  ? -8.810  -19.672 -4.612  1.00 21.62 ? 1355 ASP A O   1 
ATOM   354  C CB  . ASP A 1 64  ? -9.131  -20.191 -7.709  1.00 24.49 ? 1355 ASP A CB  1 
ATOM   355  C CG  . ASP A 1 64  ? -10.002 -20.594 -8.889  1.00 26.63 ? 1355 ASP A CG  1 
ATOM   356  O OD1 . ASP A 1 64  ? -10.848 -19.788 -9.328  1.00 25.77 ? 1355 ASP A OD1 1 
ATOM   357  O OD2 . ASP A 1 64  ? -9.798  -21.726 -9.374  1.00 30.73 ? 1355 ASP A OD2 1 
ATOM   358  N N   . ILE A 1 65  ? -7.557  -18.228 -5.855  1.00 20.35 ? 1356 ILE A N   1 
ATOM   359  C CA  . ILE A 1 65  ? -6.377  -18.119 -4.940  1.00 19.62 ? 1356 ILE A CA  1 
ATOM   360  C C   . ILE A 1 65  ? -6.533  -16.869 -4.049  1.00 19.15 ? 1356 ILE A C   1 
ATOM   361  O O   . ILE A 1 65  ? -6.262  -16.956 -2.843  1.00 18.58 ? 1356 ILE A O   1 
ATOM   362  C CB  . ILE A 1 65  ? -5.055  -18.073 -5.744  1.00 21.85 ? 1356 ILE A CB  1 
ATOM   363  C CG1 . ILE A 1 65  ? -4.926  -19.188 -6.799  1.00 22.91 ? 1356 ILE A CG1 1 
ATOM   364  C CG2 . ILE A 1 65  ? -3.855  -18.038 -4.810  1.00 22.36 ? 1356 ILE A CG2 1 
ATOM   365  C CD1 . ILE A 1 65  ? -4.669  -20.593 -6.255  1.00 23.67 ? 1356 ILE A CD1 1 
ATOM   366  N N   . ILE A 1 66  ? -6.980  -15.752 -4.627  1.00 17.62 ? 1357 ILE A N   1 
ATOM   367  C CA  . ILE A 1 66  ? -7.021  -14.408 -3.977  1.00 16.84 ? 1357 ILE A CA  1 
ATOM   368  C C   . ILE A 1 66  ? -8.458  -14.070 -3.604  1.00 17.38 ? 1357 ILE A C   1 
ATOM   369  O O   . ILE A 1 66  ? -9.278  -13.846 -4.513  1.00 19.38 ? 1357 ILE A O   1 
ATOM   370  C CB  . ILE A 1 66  ? -6.425  -13.350 -4.919  1.00 15.45 ? 1357 ILE A CB  1 
ATOM   371  C CG1 . ILE A 1 66  ? -4.994  -13.713 -5.315  1.00 16.58 ? 1357 ILE A CG1 1 
ATOM   372  C CG2 . ILE A 1 66  ? -6.533  -11.947 -4.339  1.00 15.39 ? 1357 ILE A CG2 1 
ATOM   373  C CD1 . ILE A 1 66  ? -4.067  -13.889 -4.157  1.00 16.49 ? 1357 ILE A CD1 1 
ATOM   374  N N   . ASP A 1 67  ? -8.737  -14.011 -2.307  1.00 19.06 ? 1358 ASP A N   1 
ATOM   375  C CA  . ASP A 1 67  ? -10.072 -13.660 -1.761  1.00 20.32 ? 1358 ASP A CA  1 
ATOM   376  C C   . ASP A 1 67  ? -10.356 -12.153 -1.877  1.00 19.01 ? 1358 ASP A C   1 
ATOM   377  O O   . ASP A 1 67  ? -11.536 -11.796 -2.042  1.00 20.02 ? 1358 ASP A O   1 
ATOM   378  C CB  . ASP A 1 67  ? -10.168 -14.073 -0.293  1.00 22.44 ? 1358 ASP A CB  1 
ATOM   379  C CG  . ASP A 1 67  ? -10.259 -15.570 -0.041  1.00 24.98 ? 1358 ASP A CG  1 
ATOM   380  O OD1 . ASP A 1 67  ? -10.569 -16.315 -0.989  1.00 27.40 ? 1358 ASP A OD1 1 
ATOM   381  O OD2 . ASP A 1 67  ? -10.023 -15.976 1.112   1.00 30.72 ? 1358 ASP A OD2 1 
ATOM   382  N N   . THR A 1 68  ? -9.346  -11.277 -1.712  1.00 17.42 ? 1359 THR A N   1 
ATOM   383  C CA  . THR A 1 68  ? -9.556  -9.806  -1.599  1.00 17.35 ? 1359 THR A CA  1 
ATOM   384  C C   . THR A 1 68  ? -8.557  -9.110  -2.504  1.00 16.15 ? 1359 THR A C   1 
ATOM   385  O O   . THR A 1 68  ? -7.445  -8.764  -2.071  1.00 16.32 ? 1359 THR A O   1 
ATOM   386  C CB  . THR A 1 68  ? -9.452  -9.258  -0.169  1.00 18.10 ? 1359 THR A CB  1 
ATOM   387  O OG1 . THR A 1 68  ? -10.320 -10.044 0.656   1.00 18.60 ? 1359 THR A OG1 1 
ATOM   388  C CG2 . THR A 1 68  ? -9.810  -7.784  -0.107  1.00 19.58 ? 1359 THR A CG2 1 
ATOM   389  N N   . PRO A 1 69  ? -8.944  -8.871  -3.770  1.00 16.04 ? 1360 PRO A N   1 
ATOM   390  C CA  . PRO A 1 69  ? -8.104  -8.135  -4.710  1.00 16.45 ? 1360 PRO A CA  1 
ATOM   391  C C   . PRO A 1 69  ? -7.794  -6.737  -4.170  1.00 14.38 ? 1360 PRO A C   1 
ATOM   392  O O   . PRO A 1 69  ? -8.637  -6.117  -3.578  1.00 14.09 ? 1360 PRO A O   1 
ATOM   393  C CB  . PRO A 1 69  ? -8.953  -8.030  -5.982  1.00 17.08 ? 1360 PRO A CB  1 
ATOM   394  C CG  . PRO A 1 69  ? -10.004 -9.114  -5.847  1.00 18.13 ? 1360 PRO A CG  1 
ATOM   395  C CD  . PRO A 1 69  ? -10.222 -9.318  -4.368  1.00 16.95 ? 1360 PRO A CD  1 
ATOM   396  N N   . MET A 1 70  ? -6.562  -6.281  -4.371  1.00 14.36 ? 1361 MET A N   1 
ATOM   397  C CA  . MET A 1 70  ? -6.216  -4.895  -3.997  1.00 12.85 ? 1361 MET A CA  1 
ATOM   398  C C   . MET A 1 70  ? -5.164  -4.387  -4.982  1.00 12.71 ? 1361 MET A C   1 
ATOM   399  O O   . MET A 1 70  ? -4.328  -5.171  -5.443  1.00 13.36 ? 1361 MET A O   1 
ATOM   400  C CB  . MET A 1 70  ? -5.740  -4.817  -2.538  1.00 12.01 ? 1361 MET A CB  1 
ATOM   401  C CG  . MET A 1 70  ? -5.566  -3.401  -1.989  1.00 11.82 ? 1361 MET A CG  1 
ATOM   402  S SD  . MET A 1 70  ? -6.954  -2.256  -2.236  1.00 12.05 ? 1361 MET A SD  1 
ATOM   403  C CE  . MET A 1 70  ? -8.302  -3.139  -1.437  1.00 12.24 ? 1361 MET A CE  1 
ATOM   404  N N   . ASP A 1 71  ? -5.196  -3.087  -5.253  1.00 12.12 ? 1362 ASP A N   1 
ATOM   405  C CA  . ASP A 1 71  ? -4.228  -2.425  -6.162  1.00 12.13 ? 1362 ASP A CA  1 
ATOM   406  C C   . ASP A 1 71  ? -4.057  -0.977  -5.709  1.00 11.63 ? 1362 ASP A C   1 
ATOM   407  O O   . ASP A 1 71  ? -4.845  -0.480  -4.891  1.00 11.46 ? 1362 ASP A O   1 
ATOM   408  C CB  . ASP A 1 71  ? -4.721  -2.503  -7.608  1.00 13.63 ? 1362 ASP A CB  1 
ATOM   409  C CG  . ASP A 1 71  ? -5.953  -1.640  -7.772  1.00 13.66 ? 1362 ASP A CG  1 
ATOM   410  O OD1 . ASP A 1 71  ? -7.076  -2.116  -7.471  1.00 14.96 ? 1362 ASP A OD1 1 
ATOM   411  O OD2 . ASP A 1 71  ? -5.788  -0.471  -8.067  1.00 13.89 ? 1362 ASP A OD2 1 
ATOM   412  N N   . PHE A 1 72  ? -3.069  -0.275  -6.253  1.00 11.50 ? 1363 PHE A N   1 
ATOM   413  C CA  . PHE A 1 72  ? -2.766  1.101   -5.784  1.00 11.39 ? 1363 PHE A CA  1 
ATOM   414  C C   . PHE A 1 72  ? -3.837  2.110   -6.198  1.00 12.56 ? 1363 PHE A C   1 
ATOM   415  O O   . PHE A 1 72  ? -4.031  3.082   -5.474  1.00 12.34 ? 1363 PHE A O   1 
ATOM   416  C CB  . PHE A 1 72  ? -1.373  1.554   -6.216  1.00 11.48 ? 1363 PHE A CB  1 
ATOM   417  C CG  . PHE A 1 72  ? -0.297  0.865   -5.415  1.00 10.82 ? 1363 PHE A CG  1 
ATOM   418  C CD1 . PHE A 1 72  ? -0.025  1.249   -4.124  1.00 10.88 ? 1363 PHE A CD1 1 
ATOM   419  C CD2 . PHE A 1 72  ? 0.464   -0.158  -5.950  1.00 11.62 ? 1363 PHE A CD2 1 
ATOM   420  C CE1 . PHE A 1 72  ? 0.979   0.634   -3.386  1.00 11.16 ? 1363 PHE A CE1 1 
ATOM   421  C CE2 . PHE A 1 72  ? 1.472   -0.765  -5.216  1.00 11.69 ? 1363 PHE A CE2 1 
ATOM   422  C CZ  . PHE A 1 72  ? 1.695   -0.400  -3.913  1.00 11.09 ? 1363 PHE A CZ  1 
ATOM   423  N N   . ALA A 1 73  ? -4.488  1.917   -7.343  1.00 12.48 ? 1364 ALA A N   1 
ATOM   424  C CA  . ALA A 1 73  ? -5.587  2.825   -7.734  1.00 13.22 ? 1364 ALA A CA  1 
ATOM   425  C C   . ALA A 1 73  ? -6.752  2.721   -6.738  1.00 13.56 ? 1364 ALA A C   1 
ATOM   426  O O   . ALA A 1 73  ? -7.305  3.761   -6.306  1.00 13.30 ? 1364 ALA A O   1 
ATOM   427  C CB  . ALA A 1 73  ? -6.028  2.578   -9.159  1.00 14.68 ? 1364 ALA A CB  1 
ATOM   428  N N   . THR A 1 74  ? -7.082  1.521   -6.338  1.00 12.84 ? 1365 THR A N   1 
ATOM   429  C CA  . THR A 1 74  ? -8.121  1.351   -5.297  1.00 12.65 ? 1365 THR A CA  1 
ATOM   430  C C   . THR A 1 74  ? -7.692  2.001   -3.972  1.00 11.24 ? 1365 THR A C   1 
ATOM   431  O O   . THR A 1 74  ? -8.509  2.691   -3.356  1.00 12.26 ? 1365 THR A O   1 
ATOM   432  C CB  . THR A 1 74  ? -8.442  -0.116  -5.104  1.00 13.50 ? 1365 THR A CB  1 
ATOM   433  O OG1 . THR A 1 74  ? -8.936  -0.651  -6.352  1.00 15.63 ? 1365 THR A OG1 1 
ATOM   434  C CG2 . THR A 1 74  ? -9.422  -0.370  -3.994  1.00 14.26 ? 1365 THR A CG2 1 
ATOM   435  N N   . VAL A 1 75  ? -6.441  1.837   -3.556  1.00 10.92 ? 1366 VAL A N   1 
ATOM   436  C CA  . VAL A 1 75  ? -5.960  2.518   -2.321  1.00 10.96 ? 1366 VAL A CA  1 
ATOM   437  C C   . VAL A 1 75  ? -6.077  4.041   -2.464  1.00 11.24 ? 1366 VAL A C   1 
ATOM   438  O O   . VAL A 1 75  ? -6.619  4.721   -1.559  1.00 11.36 ? 1366 VAL A O   1 
ATOM   439  C CB  . VAL A 1 75  ? -4.519  2.076   -1.987  1.00 11.13 ? 1366 VAL A CB  1 
ATOM   440  C CG1 . VAL A 1 75  ? -3.995  2.880   -0.822  1.00 11.36 ? 1366 VAL A CG1 1 
ATOM   441  C CG2 . VAL A 1 75  ? -4.452  0.600   -1.695  1.00 12.11 ? 1366 VAL A CG2 1 
ATOM   442  N N   . ARG A 1 76  ? -5.629  4.606   -3.582  1.00 11.29 ? 1367 ARG A N   1 
ATOM   443  C CA  . ARG A 1 76  ? -5.713  6.077   -3.804  1.00 13.40 ? 1367 ARG A CA  1 
ATOM   444  C C   . ARG A 1 76  ? -7.175  6.544   -3.798  1.00 13.05 ? 1367 ARG A C   1 
ATOM   445  O O   . ARG A 1 76  ? -7.466  7.594   -3.165  1.00 13.11 ? 1367 ARG A O   1 
ATOM   446  C CB  . ARG A 1 76  ? -5.039  6.424   -5.129  1.00 14.28 ? 1367 ARG A CB  1 
ATOM   447  C CG  . ARG A 1 76  ? -5.047  7.908   -5.450  1.00 18.05 ? 1367 ARG A CG  1 
ATOM   448  C CD  . ARG A 1 76  ? -4.361  8.042   -6.808  1.00 23.25 ? 1367 ARG A CD  1 
ATOM   449  N NE  . ARG A 1 76  ? -2.988  8.431   -6.677  1.00 26.49 ? 1367 ARG A NE  1 
ATOM   450  C CZ  . ARG A 1 76  ? -2.133  8.494   -7.703  1.00 24.96 ? 1367 ARG A CZ  1 
ATOM   451  N NH1 . ARG A 1 76  ? -2.461  7.986   -8.876  1.00 24.33 ? 1367 ARG A NH1 1 
ATOM   452  N NH2 . ARG A 1 76  ? -0.935  8.973   -7.496  1.00 27.16 ? 1367 ARG A NH2 1 
ATOM   453  N N   . GLU A 1 77  ? -8.059  5.829   -4.465  1.00 12.65 ? 1368 GLU A N   1 
ATOM   454  C CA  . GLU A 1 77  ? -9.474  6.238   -4.496  1.00 13.49 ? 1368 GLU A CA  1 
ATOM   455  C C   . GLU A 1 77  ? -10.074 6.148   -3.098  1.00 12.98 ? 1368 GLU A C   1 
ATOM   456  O O   . GLU A 1 77  ? -10.931 6.983   -2.757  1.00 14.00 ? 1368 GLU A O   1 
ATOM   457  C CB  . GLU A 1 77  ? -10.208 5.358   -5.493  1.00 16.65 ? 1368 GLU A CB  1 
ATOM   458  C CG  . GLU A 1 77  ? -9.834  5.556   -6.948  1.00 21.14 ? 1368 GLU A CG  1 
ATOM   459  C CD  . GLU A 1 77  ? -10.123 4.400   -7.909  1.00 29.73 ? 1368 GLU A CD  1 
ATOM   460  O OE1 . GLU A 1 77  ? -10.786 3.394   -7.511  1.00 38.58 ? 1368 GLU A OE1 1 
ATOM   461  O OE2 . GLU A 1 77  ? -9.699  4.526   -9.098  1.00 42.53 ? 1368 GLU A OE2 1 
ATOM   462  N N   . THR A 1 78  ? -9.769  5.126   -2.327  1.00 12.51 ? 1369 THR A N   1 
ATOM   463  C CA  . THR A 1 78  ? -10.322 4.970   -0.956  1.00 11.66 ? 1369 THR A CA  1 
ATOM   464  C C   . THR A 1 78  ? -9.850  6.151   -0.107  1.00 12.42 ? 1369 THR A C   1 
ATOM   465  O O   . THR A 1 78  ? -10.671 6.746   0.667   1.00 13.00 ? 1369 THR A O   1 
ATOM   466  C CB  . THR A 1 78  ? -9.877  3.631   -0.352  1.00 11.84 ? 1369 THR A CB  1 
ATOM   467  O OG1 . THR A 1 78  ? -10.328 2.554   -1.173  1.00 13.00 ? 1369 THR A OG1 1 
ATOM   468  C CG2 . THR A 1 78  ? -10.401 3.438   1.039   1.00 12.97 ? 1369 THR A CG2 1 
ATOM   469  N N   . LEU A 1 79  ? -8.571  6.526   -0.203  1.00 11.04 ? 1370 LEU A N   1 
ATOM   470  C CA  . LEU A 1 79  ? -8.029  7.697   0.523   1.00 12.06 ? 1370 LEU A CA  1 
ATOM   471  C C   . LEU A 1 79  ? -8.800  8.943   0.110   1.00 12.89 ? 1370 LEU A C   1 
ATOM   472  O O   . LEU A 1 79  ? -9.209  9.754   0.982   1.00 12.89 ? 1370 LEU A O   1 
ATOM   473  C CB  . LEU A 1 79  ? -6.518  7.749   0.249   1.00 11.64 ? 1370 LEU A CB  1 
ATOM   474  C CG  . LEU A 1 79  ? -5.748  8.835   1.026   1.00 12.52 ? 1370 LEU A CG  1 
ATOM   475  C CD1 . LEU A 1 79  ? -5.759  8.552   2.506   1.00 11.82 ? 1370 LEU A CD1 1 
ATOM   476  C CD2 . LEU A 1 79  ? -4.307  8.936   0.504   1.00 13.61 ? 1370 LEU A CD2 1 
ATOM   477  N N   . GLU A 1 80  ? -8.867  9.189   -1.195  1.00 12.78 ? 1371 GLU A N   1 
ATOM   478  C CA  . GLU A 1 80  ? -9.506  10.429  -1.712  1.00 14.42 ? 1371 GLU A CA  1 
ATOM   479  C C   . GLU A 1 80  ? -11.012 10.481  -1.410  1.00 14.08 ? 1371 GLU A C   1 
ATOM   480  O O   . GLU A 1 80  ? -11.519 11.600  -1.236  1.00 15.99 ? 1371 GLU A O   1 
ATOM   481  C CB  . GLU A 1 80  ? -9.143  10.587  -3.196  1.00 15.34 ? 1371 GLU A CB  1 
ATOM   482  C CG  . GLU A 1 80  ? -7.622  10.846  -3.412  1.00 22.03 ? 1371 GLU A CG  1 
ATOM   483  C CD  . GLU A 1 80  ? -7.025  11.975  -2.545  1.00 30.64 ? 1371 GLU A CD  1 
ATOM   484  O OE1 . GLU A 1 80  ? -7.130  13.120  -3.026  1.00 36.55 ? 1371 GLU A OE1 1 
ATOM   485  O OE2 . GLU A 1 80  ? -6.552  11.757  -1.339  1.00 27.18 ? 1371 GLU A OE2 1 
ATOM   486  N N   . ALA A 1 81  ? -11.694 9.381   -1.301  1.00 13.78 ? 1372 ALA A N   1 
ATOM   487  C CA  . ALA A 1 81  ? -13.122 9.325   -0.890  1.00 14.83 ? 1372 ALA A CA  1 
ATOM   488  C C   . ALA A 1 81  ? -13.285 9.667   0.591   1.00 14.63 ? 1372 ALA A C   1 
ATOM   489  O O   . ALA A 1 81  ? -14.420 9.834   1.083   1.00 15.75 ? 1372 ALA A O   1 
ATOM   490  C CB  . ALA A 1 81  ? -13.702 7.982   -1.186  1.00 15.24 ? 1372 ALA A CB  1 
ATOM   491  N N   . GLY A 1 82  ? -12.194 9.738   1.380   1.00 13.31 ? 1373 GLY A N   1 
ATOM   492  C CA  . GLY A 1 82  ? -12.325 9.880   2.833   1.00 12.56 ? 1373 GLY A CA  1 
ATOM   493  C C   . GLY A 1 82  ? -12.815 8.635   3.500   1.00 12.43 ? 1373 GLY A C   1 
ATOM   494  O O   . GLY A 1 82  ? -13.586 8.671   4.469   1.00 13.38 ? 1373 GLY A O   1 
ATOM   495  N N   . ASN A 1 83  ? -12.384 7.464   3.020   1.00 12.21 ? 1374 ASN A N   1 
ATOM   496  C CA  . ASN A 1 83  ? -12.816 6.151   3.535   1.00 13.10 ? 1374 ASN A CA  1 
ATOM   497  C C   . ASN A 1 83  ? -11.704 5.382   4.279   1.00 11.88 ? 1374 ASN A C   1 
ATOM   498  O O   . ASN A 1 83  ? -11.878 4.219   4.645   1.00 13.39 ? 1374 ASN A O   1 
ATOM   499  C CB  . ASN A 1 83  ? -13.461 5.285   2.448   1.00 13.88 ? 1374 ASN A CB  1 
ATOM   500  C CG  . ASN A 1 83  ? -14.825 5.769   1.979   1.00 15.75 ? 1374 ASN A CG  1 
ATOM   501  O OD1 . ASN A 1 83  ? -15.346 5.148   1.045   1.00 18.40 ? 1374 ASN A OD1 1 
ATOM   502  N ND2 . ASN A 1 83  ? -15.430 6.811   2.533   1.00 15.22 ? 1374 ASN A ND2 1 
ATOM   503  N N   . TYR A 1 84  ? -10.565 6.061   4.530   1.00 12.70 ? 1375 TYR A N   1 
ATOM   504  C CA  . TYR A 1 84  ? -9.603  5.581   5.549   1.00 12.41 ? 1375 TYR A CA  1 
ATOM   505  C C   . TYR A 1 84  ? -9.722  6.502   6.780   1.00 12.90 ? 1375 TYR A C   1 
ATOM   506  O O   . TYR A 1 84  ? -9.693  7.727   6.621   1.00 13.77 ? 1375 TYR A O   1 
ATOM   507  C CB  . TYR A 1 84  ? -8.148  5.556   5.042   1.00 12.00 ? 1375 TYR A CB  1 
ATOM   508  C CG  . TYR A 1 84  ? -7.834  4.504   4.020   1.00 10.48 ? 1375 TYR A CG  1 
ATOM   509  C CD1 . TYR A 1 84  ? -8.118  3.167   4.233   1.00 11.60 ? 1375 TYR A CD1 1 
ATOM   510  C CD2 . TYR A 1 84  ? -7.291  4.857   2.808   1.00 10.67 ? 1375 TYR A CD2 1 
ATOM   511  C CE1 . TYR A 1 84  ? -7.759  2.213   3.296   1.00 11.75 ? 1375 TYR A CE1 1 
ATOM   512  C CE2 . TYR A 1 84  ? -6.946  3.924   1.861   1.00 11.27 ? 1375 TYR A CE2 1 
ATOM   513  C CZ  . TYR A 1 84  ? -7.207  2.592   2.080   1.00 11.70 ? 1375 TYR A CZ  1 
ATOM   514  O OH  . TYR A 1 84  ? -6.888  1.679   1.115   1.00 12.41 ? 1375 TYR A OH  1 
ATOM   515  N N   . GLU A 1 85  ? -9.793  5.889   7.969   1.00 13.34 ? 1376 GLU A N   1 
ATOM   516  C CA  . GLU A 1 85  ? -9.758  6.700   9.230   1.00 15.02 ? 1376 GLU A CA  1 
ATOM   517  C C   . GLU A 1 85  ? -8.330  6.922   9.737   1.00 14.18 ? 1376 GLU A C   1 
ATOM   518  O O   . GLU A 1 85  ? -8.076  7.904   10.464  1.00 19.20 ? 1376 GLU A O   1 
ATOM   519  C CB  . GLU A 1 85  ? -10.587 6.008   10.308  1.00 18.01 ? 1376 GLU A CB  1 
ATOM   520  C CG  . GLU A 1 85  ? -10.687 6.889   11.544  1.00 26.14 ? 1376 GLU A CG  1 
ATOM   521  C CD  . GLU A 1 85  ? -11.617 6.327   12.593  1.00 29.16 ? 1376 GLU A CD  1 
ATOM   522  O OE1 . GLU A 1 85  ? -11.974 5.122   12.483  1.00 35.32 ? 1376 GLU A OE1 1 
ATOM   523  O OE2 . GLU A 1 85  ? -12.025 7.141   13.489  1.00 36.99 ? 1376 GLU A OE2 1 
ATOM   524  N N   . SER A 1 86  ? -7.358  6.095   9.359   1.00 13.09 ? 1377 SER A N   1 
ATOM   525  C CA  . SER A 1 86  ? -5.987  6.147   9.889   1.00 13.62 ? 1377 SER A CA  1 
ATOM   526  C C   . SER A 1 86  ? -5.027  5.639   8.839   1.00 12.39 ? 1377 SER A C   1 
ATOM   527  O O   . SER A 1 86  ? -5.416  4.896   7.917   1.00 12.00 ? 1377 SER A O   1 
ATOM   528  C CB  . SER A 1 86  ? -5.880  5.296   11.128  1.00 14.54 ? 1377 SER A CB  1 
ATOM   529  O OG  . SER A 1 86  ? -5.936  3.927   10.796  1.00 14.36 ? 1377 SER A OG  1 
ATOM   530  N N   . PRO A 1 87  ? -3.739  6.001   8.967   1.00 12.15 ? 1378 PRO A N   1 
ATOM   531  C CA  . PRO A 1 87  ? -2.747  5.443   8.050   1.00 11.35 ? 1378 PRO A CA  1 
ATOM   532  C C   . PRO A 1 87  ? -2.507  3.933   8.264   1.00 11.82 ? 1378 PRO A C   1 
ATOM   533  O O   . PRO A 1 87  ? -2.034  3.273   7.347   1.00 12.08 ? 1378 PRO A O   1 
ATOM   534  C CB  . PRO A 1 87  ? -1.464  6.253   8.378   1.00 11.82 ? 1378 PRO A CB  1 
ATOM   535  C CG  . PRO A 1 87  ? -1.662  6.701   9.823   1.00 12.23 ? 1378 PRO A CG  1 
ATOM   536  C CD  . PRO A 1 87  ? -3.142  7.017   9.896   1.00 12.43 ? 1378 PRO A CD  1 
ATOM   537  N N   . MET A 1 88  ? -2.838  3.415   9.453   1.00 11.15 ? 1379 MET A N   1 
ATOM   538  C CA  . MET A 1 88  ? -2.772  1.961   9.684   1.00 11.72 ? 1379 MET A CA  1 
ATOM   539  C C   . MET A 1 88  ? -3.681  1.201   8.702   1.00 10.95 ? 1379 MET A C   1 
ATOM   540  O O   . MET A 1 88  ? -3.324  0.139   8.213   1.00 11.42 ? 1379 MET A O   1 
ATOM   541  C CB  . MET A 1 88  ? -3.104  1.588   11.135  1.00 12.12 ? 1379 MET A CB  1 
ATOM   542  C CG  . MET A 1 88  ? -2.096  2.143   12.134  1.00 12.63 ? 1379 MET A CG  1 
ATOM   543  S SD  . MET A 1 88  ? -2.385  3.858   12.672  1.00 15.14 ? 1379 MET A SD  1 
ATOM   544  C CE  . MET A 1 88  ? -3.693  3.593   13.882  1.00 16.78 ? 1379 MET A CE  1 
ATOM   545  N N   . GLU A 1 89  ? -4.892  1.741   8.475   1.00 11.25 ? 1380 GLU A N   1 
ATOM   546  C CA  . GLU A 1 89  ? -5.805  1.059   7.550   1.00 11.72 ? 1380 GLU A CA  1 
ATOM   547  C C   . GLU A 1 89  ? -5.243  1.094   6.118   1.00 11.33 ? 1380 GLU A C   1 
ATOM   548  O O   . GLU A 1 89  ? -5.344  0.097   5.379   1.00 12.04 ? 1380 GLU A O   1 
ATOM   549  C CB  . GLU A 1 89  ? -7.168  1.753   7.571   1.00 12.88 ? 1380 GLU A CB  1 
ATOM   550  C CG  . GLU A 1 89  ? -7.958  1.586   8.850   1.00 13.90 ? 1380 GLU A CG  1 
ATOM   551  C CD  . GLU A 1 89  ? -9.253  2.362   8.834   1.00 15.16 ? 1380 GLU A CD  1 
ATOM   552  O OE1 . GLU A 1 89  ? -9.506  3.096   7.940   1.00 15.17 ? 1380 GLU A OE1 1 
ATOM   553  O OE2 . GLU A 1 89  ? -10.081 2.091   9.765   1.00 19.96 ? 1380 GLU A OE2 1 
ATOM   554  N N   . LEU A 1 90  ? -4.699  2.224   5.666   1.00 10.77 ? 1381 LEU A N   1 
ATOM   555  C CA  . LEU A 1 90  ? -4.085  2.313   4.325   1.00 10.84 ? 1381 LEU A CA  1 
ATOM   556  C C   . LEU A 1 90  ? -2.920  1.326   4.238   1.00 11.18 ? 1381 LEU A C   1 
ATOM   557  O O   . LEU A 1 90  ? -2.765  0.641   3.203   1.00 10.80 ? 1381 LEU A O   1 
ATOM   558  C CB  . LEU A 1 90  ? -3.623  3.760   4.079   1.00 11.29 ? 1381 LEU A CB  1 
ATOM   559  C CG  . LEU A 1 90  ? -2.917  3.990   2.738   1.00 12.00 ? 1381 LEU A CG  1 
ATOM   560  C CD1 . LEU A 1 90  ? -3.230  5.358   2.160   1.00 11.81 ? 1381 LEU A CD1 1 
ATOM   561  C CD2 . LEU A 1 90  ? -1.392  3.811   2.823   1.00 12.72 ? 1381 LEU A CD2 1 
ATOM   562  N N   A CYS A 1 91  ? -2.102  1.246   5.290   0.35 10.88 ? 1382 CYS A N   1 
ATOM   563  N N   B CYS A 1 91  ? -2.088  1.235   5.277   0.15 11.53 ? 1382 CYS A N   1 
ATOM   564  C CA  A CYS A 1 91  ? -0.925  0.348   5.321   0.35 11.27 ? 1382 CYS A CA  1 
ATOM   565  C CA  B CYS A 1 91  ? -0.960  0.268   5.309   0.15 12.04 ? 1382 CYS A CA  1 
ATOM   566  C C   A CYS A 1 91  ? -1.391  -1.120  5.192   0.35 11.47 ? 1382 CYS A C   1 
ATOM   567  C C   B CYS A 1 91  ? -1.455  -1.149  5.101   0.15 11.92 ? 1382 CYS A C   1 
ATOM   568  O O   A CYS A 1 91  ? -0.713  -1.912  4.493   0.35 12.82 ? 1382 CYS A O   1 
ATOM   569  O O   B CYS A 1 91  ? -0.815  -1.920  4.345   0.15 12.54 ? 1382 CYS A O   1 
ATOM   570  C CB  A CYS A 1 91  ? -0.105  0.662   6.576   0.35 11.93 ? 1382 CYS A CB  1 
ATOM   571  C CB  B CYS A 1 91  ? -0.265  0.241   6.654   0.15 12.84 ? 1382 CYS A CB  1 
ATOM   572  S SG  A CYS A 1 91  ? 1.454   -0.241  6.688   0.35 12.95 ? 1382 CYS A SG  1 
ATOM   573  S SG  B CYS A 1 91  ? 0.886   1.614   6.754   0.15 14.25 ? 1382 CYS A SG  1 
ATOM   574  N N   . LYS A 1 92  ? -2.502  -1.499  5.841   1.00 11.98 ? 1383 LYS A N   1 
ATOM   575  C CA  . LYS A 1 92  ? -3.008  -2.858  5.752   1.00 12.52 ? 1383 LYS A CA  1 
ATOM   576  C C   . LYS A 1 92  ? -3.350  -3.166  4.283   1.00 11.79 ? 1383 LYS A C   1 
ATOM   577  O O   . LYS A 1 92  ? -3.055  -4.269  3.784   1.00 12.53 ? 1383 LYS A O   1 
ATOM   578  C CB  . LYS A 1 92  ? -4.188  -2.994  6.708   1.00 14.45 ? 1383 LYS A CB  1 
ATOM   579  C CG  . LYS A 1 92  ? -4.833  -4.355  6.710   1.00 16.78 ? 1383 LYS A CG  1 
ATOM   580  C CD  . LYS A 1 92  ? -5.884  -4.500  7.796   1.00 20.61 ? 1383 LYS A CD  1 
ATOM   581  C CE  . LYS A 1 92  ? -6.708  -5.756  7.613   1.00 27.43 ? 1383 LYS A CE  1 
ATOM   582  N NZ  . LYS A 1 92  ? -7.844  -5.838  8.573   1.00 32.61 ? 1383 LYS A NZ  1 
ATOM   583  N N   . ASP A 1 93  ? -4.036  -2.257  3.608   1.00 11.37 ? 1384 ASP A N   1 
ATOM   584  C CA  . ASP A 1 93  ? -4.388  -2.502  2.194   1.00 11.51 ? 1384 ASP A CA  1 
ATOM   585  C C   . ASP A 1 93  ? -3.143  -2.584  1.291   1.00 10.80 ? 1384 ASP A C   1 
ATOM   586  O O   . ASP A 1 93  ? -3.095  -3.406  0.373   1.00 11.02 ? 1384 ASP A O   1 
ATOM   587  C CB  . ASP A 1 93  ? -5.370  -1.481  1.670   1.00 12.10 ? 1384 ASP A CB  1 
ATOM   588  C CG  . ASP A 1 93  ? -6.815  -1.665  2.077   1.00 13.80 ? 1384 ASP A CG  1 
ATOM   589  O OD1 . ASP A 1 93  ? -7.104  -2.760  2.677   1.00 17.55 ? 1384 ASP A OD1 1 
ATOM   590  O OD2 . ASP A 1 93  ? -7.646  -0.774  1.827   1.00 13.59 ? 1384 ASP A OD2 1 
ATOM   591  N N   . VAL A 1 94  ? -2.161  -1.694  1.491   1.00 10.74 ? 1385 VAL A N   1 
ATOM   592  C CA  . VAL A 1 94  ? -0.923  -1.769  0.651   1.00 10.66 ? 1385 VAL A CA  1 
ATOM   593  C C   . VAL A 1 94  ? -0.232  -3.111  0.914   1.00 10.79 ? 1385 VAL A C   1 
ATOM   594  O O   . VAL A 1 94  ? 0.222   -3.777  -0.022  1.00 11.06 ? 1385 VAL A O   1 
ATOM   595  C CB  . VAL A 1 94  ? -0.009  -0.565  0.919   1.00 10.88 ? 1385 VAL A CB  1 
ATOM   596  C CG1 . VAL A 1 94  ? 1.347   -0.781  0.269   1.00 11.70 ? 1385 VAL A CG1 1 
ATOM   597  C CG2 . VAL A 1 94  ? -0.663  0.719   0.435   1.00 11.01 ? 1385 VAL A CG2 1 
ATOM   598  N N   . ARG A 1 95  ? -0.143  -3.532  2.186   1.00 10.58 ? 1386 ARG A N   1 
ATOM   599  C CA  . ARG A 1 95  ? 0.496   -4.831  2.477   1.00 10.53 ? 1386 ARG A CA  1 
ATOM   600  C C   . ARG A 1 95  ? -0.274  -5.989  1.813   1.00 10.99 ? 1386 ARG A C   1 
ATOM   601  O O   . ARG A 1 95  ? 0.382   -6.992  1.439   1.00 12.29 ? 1386 ARG A O   1 
ATOM   602  C CB  . ARG A 1 95  ? 0.642   -4.991  3.994   1.00 11.59 ? 1386 ARG A CB  1 
ATOM   603  C CG  . ARG A 1 95  ? 1.742   -4.082  4.533   1.00 11.75 ? 1386 ARG A CG  1 
ATOM   604  C CD  . ARG A 1 95  ? 1.776   -4.090  6.045   1.00 14.42 ? 1386 ARG A CD  1 
ATOM   605  N NE  . ARG A 1 95  ? 2.847   -3.232  6.566   1.00 15.78 ? 1386 ARG A NE  1 
ATOM   606  C CZ  . ARG A 1 95  ? 3.050   -2.947  7.864   1.00 18.16 ? 1386 ARG A CZ  1 
ATOM   607  N NH1 . ARG A 1 95  ? 2.189   -3.341  8.795   1.00 19.39 ? 1386 ARG A NH1 1 
ATOM   608  N NH2 . ARG A 1 95  ? 4.100   -2.211  8.201   1.00 19.96 ? 1386 ARG A NH2 1 
ATOM   609  N N   . LEU A 1 96  ? -1.575  -5.864  1.666   1.00 11.18 ? 1387 LEU A N   1 
ATOM   610  C CA  . LEU A 1 96  ? -2.399  -6.883  0.965   1.00 12.03 ? 1387 LEU A CA  1 
ATOM   611  C C   . LEU A 1 96  ? -1.989  -6.977  -0.519  1.00 11.57 ? 1387 LEU A C   1 
ATOM   612  O O   . LEU A 1 96  ? -1.975  -8.087  -1.088  1.00 12.74 ? 1387 LEU A O   1 
ATOM   613  C CB  . LEU A 1 96  ? -3.872  -6.512  1.135   1.00 13.08 ? 1387 LEU A CB  1 
ATOM   614  C CG  . LEU A 1 96  ? -4.895  -7.428  0.497   1.00 14.43 ? 1387 LEU A CG  1 
ATOM   615  C CD1 . LEU A 1 96  ? -4.811  -8.830  1.010   1.00 15.43 ? 1387 LEU A CD1 1 
ATOM   616  C CD2 . LEU A 1 96  ? -6.286  -6.865  0.738   1.00 14.79 ? 1387 LEU A CD2 1 
ATOM   617  N N   . ILE A 1 97  ? -1.676  -5.838  -1.160  1.00 12.35 ? 1388 ILE A N   1 
ATOM   618  C CA  . ILE A 1 97  ? -1.178  -5.899  -2.570  1.00 11.10 ? 1388 ILE A CA  1 
ATOM   619  C C   . ILE A 1 97  ? 0.018   -6.860  -2.576  1.00 11.93 ? 1388 ILE A C   1 
ATOM   620  O O   . ILE A 1 97  ? 0.140   -7.717  -3.484  1.00 12.45 ? 1388 ILE A O   1 
ATOM   621  C CB  . ILE A 1 97  ? -0.787  -4.495  -3.066  1.00 11.12 ? 1388 ILE A CB  1 
ATOM   622  C CG1 . ILE A 1 97  ? -2.010  -3.569  -3.078  1.00 11.10 ? 1388 ILE A CG1 1 
ATOM   623  C CG2 . ILE A 1 97  ? -0.112  -4.581  -4.427  1.00 11.73 ? 1388 ILE A CG2 1 
ATOM   624  C CD1 . ILE A 1 97  ? -1.671  -2.088  -3.352  1.00 11.12 ? 1388 ILE A CD1 1 
ATOM   625  N N   . PHE A 1 98  ? 0.952   -6.683  -1.670  1.00 11.30 ? 1389 PHE A N   1 
ATOM   626  C CA  . PHE A 1 98  ? 2.205   -7.467  -1.677  1.00 12.13 ? 1389 PHE A CA  1 
ATOM   627  C C   . PHE A 1 98  ? 1.952   -8.928  -1.275  1.00 12.93 ? 1389 PHE A C   1 
ATOM   628  O O   . PHE A 1 98  ? 2.560   -9.830  -1.874  1.00 13.65 ? 1389 PHE A O   1 
ATOM   629  C CB  . PHE A 1 98  ? 3.289   -6.818  -0.824  1.00 12.85 ? 1389 PHE A CB  1 
ATOM   630  C CG  . PHE A 1 98  ? 3.611   -5.387  -1.228  1.00 12.75 ? 1389 PHE A CG  1 
ATOM   631  C CD1 . PHE A 1 98  ? 3.822   -5.053  -2.553  1.00 14.47 ? 1389 PHE A CD1 1 
ATOM   632  C CD2 . PHE A 1 98  ? 3.658   -4.347  -0.308  1.00 13.57 ? 1389 PHE A CD2 1 
ATOM   633  C CE1 . PHE A 1 98  ? 4.105   -3.732  -2.962  1.00 16.51 ? 1389 PHE A CE1 1 
ATOM   634  C CE2 . PHE A 1 98  ? 3.962   -3.044  -0.747  1.00 14.26 ? 1389 PHE A CE2 1 
ATOM   635  C CZ  . PHE A 1 98  ? 4.169   -2.776  -2.038  1.00 15.22 ? 1389 PHE A CZ  1 
ATOM   636  N N   . SER A 1 99  ? 1.107   -9.168  -0.274  1.00 12.64 ? 1390 SER A N   1 
ATOM   637  C CA  . SER A 1 99  ? 0.827   -10.585 0.091   1.00 12.97 ? 1390 SER A CA  1 
ATOM   638  C C   . SER A 1 99  ? 0.093   -11.285 -1.035  1.00 12.50 ? 1390 SER A C   1 
ATOM   639  O O   . SER A 1 99  ? 0.343   -12.491 -1.258  1.00 13.25 ? 1390 SER A O   1 
ATOM   640  C CB  . SER A 1 99  ? 0.116   -10.644 1.415   1.00 14.23 ? 1390 SER A CB  1 
ATOM   641  O OG  . SER A 1 99  ? -1.115  -10.058 1.380   1.00 16.07 ? 1390 SER A OG  1 
ATOM   642  N N   . ASN A 1 100 ? -0.826  -10.602 -1.734  1.00 12.96 ? 1391 ASN A N   1 
ATOM   643  C CA  . ASN A 1 100 ? -1.578  -11.168 -2.887  1.00 13.12 ? 1391 ASN A CA  1 
ATOM   644  C C   . ASN A 1 100 ? -0.609  -11.553 -4.014  1.00 13.47 ? 1391 ASN A C   1 
ATOM   645  O O   . ASN A 1 100 ? -0.779  -12.638 -4.660  1.00 13.39 ? 1391 ASN A O   1 
ATOM   646  C CB  . ASN A 1 100 ? -2.625  -10.216 -3.453  1.00 13.27 ? 1391 ASN A CB  1 
ATOM   647  C CG  . ASN A 1 100 ? -3.912  -10.086 -2.660  1.00 12.76 ? 1391 ASN A CG  1 
ATOM   648  O OD1 . ASN A 1 100 ? -4.191  -10.854 -1.733  1.00 13.04 ? 1391 ASN A OD1 1 
ATOM   649  N ND2 . ASN A 1 100 ? -4.729  -9.115  -3.029  1.00 13.79 ? 1391 ASN A ND2 1 
ATOM   650  N N   . SER A 1 101 ? 0.355   -10.686 -4.326  1.00 14.40 ? 1392 SER A N   1 
ATOM   651  C CA  . SER A 1 101 ? 1.365   -10.970 -5.380  1.00 14.27 ? 1392 SER A CA  1 
ATOM   652  C C   . SER A 1 101 ? 2.154   -12.237 -5.006  1.00 14.41 ? 1392 SER A C   1 
ATOM   653  O O   . SER A 1 101 ? 2.358   -13.120 -5.863  1.00 16.03 ? 1392 SER A O   1 
ATOM   654  C CB  . SER A 1 101 ? 2.261   -9.769  -5.612  1.00 14.11 ? 1392 SER A CB  1 
ATOM   655  O OG  . SER A 1 101 ? 3.250   -10.054 -6.603  1.00 15.25 ? 1392 SER A OG  1 
ATOM   656  N N   . LYS A 1 102 ? 2.555   -12.351 -3.746  1.00 15.00 ? 1393 LYS A N   1 
ATOM   657  C CA  . LYS A 1 102 ? 3.268   -13.544 -3.214  1.00 15.56 ? 1393 LYS A CA  1 
ATOM   658  C C   . LYS A 1 102 ? 2.384   -14.801 -3.333  1.00 16.19 ? 1393 LYS A C   1 
ATOM   659  O O   . LYS A 1 102 ? 2.922   -15.876 -3.704  1.00 15.91 ? 1393 LYS A O   1 
ATOM   660  C CB  . LYS A 1 102 ? 3.683   -13.311 -1.759  1.00 16.57 ? 1393 LYS A CB  1 
ATOM   661  C CG  . LYS A 1 102 ? 4.629   -14.369 -1.212  1.00 17.72 ? 1393 LYS A CG  1 
ATOM   662  C CD  . LYS A 1 102 ? 5.137   -14.063 0.169   1.00 19.49 ? 1393 LYS A CD  1 
ATOM   663  C CE  . LYS A 1 102 ? 6.142   -15.099 0.620   1.00 20.11 ? 1393 LYS A CE  1 
ATOM   664  N NZ  . LYS A 1 102 ? 6.812   -14.699 1.873   1.00 22.34 ? 1393 LYS A NZ  1 
ATOM   665  N N   . ALA A 1 103 ? 1.087   -14.692 -3.033  1.00 17.15 ? 1394 ALA A N   1 
ATOM   666  C CA  . ALA A 1 103 ? 0.146   -15.840 -3.066  1.00 18.16 ? 1394 ALA A CA  1 
ATOM   667  C C   . ALA A 1 103 ? 0.045   -16.353 -4.499  1.00 19.51 ? 1394 ALA A C   1 
ATOM   668  O O   . ALA A 1 103 ? -0.203  -17.548 -4.690  1.00 18.36 ? 1394 ALA A O   1 
ATOM   669  C CB  . ALA A 1 103 ? -1.204  -15.444 -2.525  1.00 18.10 ? 1394 ALA A CB  1 
ATOM   670  N N   . TYR A 1 104 ? 0.269   -15.501 -5.498  1.00 17.99 ? 1395 TYR A N   1 
ATOM   671  C CA  . TYR A 1 104 ? 0.073   -15.881 -6.914  1.00 18.71 ? 1395 TYR A CA  1 
ATOM   672  C C   . TYR A 1 104 ? 1.400   -16.301 -7.564  1.00 18.17 ? 1395 TYR A C   1 
ATOM   673  O O   . TYR A 1 104 ? 1.299   -17.009 -8.552  1.00 17.62 ? 1395 TYR A O   1 
ATOM   674  C CB  . TYR A 1 104 ? -0.665  -14.788 -7.688  1.00 19.63 ? 1395 TYR A CB  1 
ATOM   675  C CG  . TYR A 1 104 ? -1.470  -15.336 -8.844  1.00 20.74 ? 1395 TYR A CG  1 
ATOM   676  C CD1 . TYR A 1 104 ? -2.636  -16.064 -8.641  1.00 23.04 ? 1395 TYR A CD1 1 
ATOM   677  C CD2 . TYR A 1 104 ? -1.034  -15.155 -10.144 1.00 24.38 ? 1395 TYR A CD2 1 
ATOM   678  C CE1 . TYR A 1 104 ? -3.353  -16.594 -9.704  1.00 23.10 ? 1395 TYR A CE1 1 
ATOM   679  C CE2 . TYR A 1 104 ? -1.741  -15.666 -11.219 1.00 24.13 ? 1395 TYR A CE2 1 
ATOM   680  C CZ  . TYR A 1 104 ? -2.897  -16.393 -10.998 1.00 24.24 ? 1395 TYR A CZ  1 
ATOM   681  O OH  . TYR A 1 104 ? -3.558  -16.889 -12.081 1.00 25.15 ? 1395 TYR A OH  1 
ATOM   682  N N   . THR A 1 105 ? 2.583   -15.892 -7.081  1.00 19.10 ? 1396 THR A N   1 
ATOM   683  C CA  . THR A 1 105 ? 3.881   -16.168 -7.762  1.00 18.75 ? 1396 THR A CA  1 
ATOM   684  C C   . THR A 1 105 ? 4.126   -17.680 -7.816  1.00 18.56 ? 1396 THR A C   1 
ATOM   685  O O   . THR A 1 105 ? 3.999   -18.382 -6.805  1.00 17.56 ? 1396 THR A O   1 
ATOM   686  C CB  . THR A 1 105 ? 5.048   -15.372 -7.148  1.00 18.93 ? 1396 THR A CB  1 
ATOM   687  O OG1 . THR A 1 105 ? 6.182   -15.468 -8.010  1.00 18.59 ? 1396 THR A OG1 1 
ATOM   688  C CG2 . THR A 1 105 ? 5.462   -15.805 -5.758  1.00 20.18 ? 1396 THR A CG2 1 
ATOM   689  N N   . PRO A 1 106 ? 4.487   -18.233 -8.999  1.00 17.55 ? 1397 PRO A N   1 
ATOM   690  C CA  . PRO A 1 106 ? 4.858   -19.645 -9.085  1.00 17.91 ? 1397 PRO A CA  1 
ATOM   691  C C   . PRO A 1 106 ? 6.270   -19.879 -8.542  1.00 19.05 ? 1397 PRO A C   1 
ATOM   692  O O   . PRO A 1 106 ? 6.633   -21.028 -8.342  1.00 18.53 ? 1397 PRO A O   1 
ATOM   693  C CB  . PRO A 1 106 ? 4.831   -19.929 -10.591 1.00 19.49 ? 1397 PRO A CB  1 
ATOM   694  C CG  . PRO A 1 106 ? 5.205   -18.612 -11.205 1.00 19.70 ? 1397 PRO A CG  1 
ATOM   695  C CD  . PRO A 1 106 ? 4.530   -17.584 -10.321 1.00 17.71 ? 1397 PRO A CD  1 
ATOM   696  N N   . SER A 1 107 ? 7.044   -18.800 -8.377  1.00 18.67 ? 1398 SER A N   1 
ATOM   697  C CA  . SER A 1 107 ? 8.464   -18.875 -7.957  1.00 19.51 ? 1398 SER A CA  1 
ATOM   698  C C   . SER A 1 107 ? 8.910   -17.586 -7.257  1.00 20.09 ? 1398 SER A C   1 
ATOM   699  O O   . SER A 1 107 ? 8.404   -16.470 -7.589  1.00 16.40 ? 1398 SER A O   1 
ATOM   700  C CB  . SER A 1 107 ? 9.324   -19.172 -9.148  1.00 21.01 ? 1398 SER A CB  1 
ATOM   701  O OG  . SER A 1 107 ? 10.682  -18.955 -8.847  1.00 22.36 ? 1398 SER A OG  1 
ATOM   702  N N   . LYS A 1 108 ? 9.918   -17.709 -6.391  1.00 21.18 ? 1399 LYS A N   1 
ATOM   703  C CA  . LYS A 1 108 ? 10.553  -16.546 -5.717  1.00 24.55 ? 1399 LYS A CA  1 
ATOM   704  C C   . LYS A 1 108 ? 11.380  -15.763 -6.740  1.00 28.99 ? 1399 LYS A C   1 
ATOM   705  O O   . LYS A 1 108 ? 11.759  -14.616 -6.428  1.00 29.72 ? 1399 LYS A O   1 
ATOM   706  C CB  . LYS A 1 108 ? 11.420  -16.993 -4.537  1.00 28.25 ? 1399 LYS A CB  1 
ATOM   707  C CG  . LYS A 1 108 ? 10.657  -17.396 -3.277  1.00 30.84 ? 1399 LYS A CG  1 
ATOM   708  C CD  . LYS A 1 108 ? 9.247   -16.840 -3.209  1.00 34.04 ? 1399 LYS A CD  1 
ATOM   709  C CE  . LYS A 1 108 ? 8.743   -16.503 -1.821  1.00 36.74 ? 1399 LYS A CE  1 
ATOM   710  N NZ  . LYS A 1 108 ? 8.871   -17.637 -0.877  1.00 39.52 ? 1399 LYS A NZ  1 
ATOM   711  N N   . ARG A 1 109 ? 11.625  -16.359 -7.909  1.00 27.93 ? 1400 ARG A N   1 
ATOM   712  C CA  . ARG A 1 109 ? 12.447  -15.773 -8.997  1.00 30.03 ? 1400 ARG A CA  1 
ATOM   713  C C   . ARG A 1 109 ? 11.545  -15.125 -10.054 1.00 28.69 ? 1400 ARG A C   1 
ATOM   714  O O   . ARG A 1 109 ? 12.089  -14.753 -11.102 1.00 30.24 ? 1400 ARG A O   1 
ATOM   715  C CB  . ARG A 1 109 ? 13.332  -16.856 -9.627  1.00 32.51 ? 1400 ARG A CB  1 
ATOM   716  C CG  . ARG A 1 109 ? 14.237  -17.569 -8.632  1.00 34.94 ? 1400 ARG A CG  1 
ATOM   717  C CD  . ARG A 1 109 ? 15.062  -18.667 -9.277  1.00 36.83 ? 1400 ARG A CD  1 
ATOM   718  N NE  . ARG A 1 109 ? 16.040  -18.139 -10.225 1.00 38.98 ? 1400 ARG A NE  1 
ATOM   719  C CZ  . ARG A 1 109 ? 15.897  -18.081 -11.551 1.00 39.47 ? 1400 ARG A CZ  1 
ATOM   720  N NH1 . ARG A 1 109 ? 14.794  -18.514 -12.143 1.00 41.56 ? 1400 ARG A NH1 1 
ATOM   721  N NH2 . ARG A 1 109 ? 16.869  -17.572 -12.290 1.00 41.05 ? 1400 ARG A NH2 1 
ATOM   722  N N   . SER A 1 110 ? 10.226  -15.039 -9.847  1.00 24.15 ? 1401 SER A N   1 
ATOM   723  C CA  . SER A 1 110 ? 9.346   -14.445 -10.892 1.00 22.11 ? 1401 SER A CA  1 
ATOM   724  C C   . SER A 1 110 ? 9.503   -12.910 -10.982 1.00 20.40 ? 1401 SER A C   1 
ATOM   725  O O   . SER A 1 110 ? 9.768   -12.262 -9.942  1.00 21.74 ? 1401 SER A O   1 
ATOM   726  C CB  . SER A 1 110 ? 7.912   -14.808 -10.703 1.00 21.98 ? 1401 SER A CB  1 
ATOM   727  O OG  . SER A 1 110 ? 7.634   -16.241 -10.784 1.00 24.57 ? 1401 SER A OG  1 
ATOM   728  N N   . ARG A 1 111 ? 9.331   -12.337 -12.180 1.00 18.86 ? 1402 ARG A N   1 
ATOM   729  C CA  . ARG A 1 111 ? 9.510   -10.888 -12.426 1.00 19.72 ? 1402 ARG A CA  1 
ATOM   730  C C   . ARG A 1 111 ? 8.567   -10.069 -11.555 1.00 17.87 ? 1402 ARG A C   1 
ATOM   731  O O   . ARG A 1 111 ? 9.052   -9.151  -10.879 1.00 17.69 ? 1402 ARG A O   1 
ATOM   732  C CB  . ARG A 1 111 ? 9.238   -10.585 -13.904 1.00 19.45 ? 1402 ARG A CB  1 
ATOM   733  C CG  . ARG A 1 111 ? 9.431   -9.119  -14.278 1.00 19.70 ? 1402 ARG A CG  1 
ATOM   734  C CD  . ARG A 1 111 ? 10.902  -8.771  -14.334 1.00 21.79 ? 1402 ARG A CD  1 
ATOM   735  N NE  . ARG A 1 111 ? 11.369  -7.381  -14.254 1.00 26.11 ? 1402 ARG A NE  1 
ATOM   736  C CZ  . ARG A 1 111 ? 11.316  -6.478  -15.235 1.00 27.48 ? 1402 ARG A CZ  1 
ATOM   737  N NH1 . ARG A 1 111 ? 10.898  -6.810  -16.443 1.00 28.45 ? 1402 ARG A NH1 1 
ATOM   738  N NH2 . ARG A 1 111 ? 11.763  -5.250  -15.035 1.00 35.57 ? 1402 ARG A NH2 1 
ATOM   739  N N   . ILE A 1 112 ? 7.272   -10.323 -11.612 1.00 17.79 ? 1403 ILE A N   1 
ATOM   740  C CA  . ILE A 1 112 ? 6.280   -9.471  -10.883 1.00 17.98 ? 1403 ILE A CA  1 
ATOM   741  C C   . ILE A 1 112 ? 6.546   -9.576  -9.374  1.00 17.51 ? 1403 ILE A C   1 
ATOM   742  O O   . ILE A 1 112 ? 6.667   -8.548  -8.687  1.00 14.64 ? 1403 ILE A O   1 
ATOM   743  C CB  . ILE A 1 112 ? 4.836   -9.824  -11.282 1.00 20.41 ? 1403 ILE A CB  1 
ATOM   744  C CG1 . ILE A 1 112 ? 4.563   -9.447  -12.740 1.00 23.11 ? 1403 ILE A CG1 1 
ATOM   745  C CG2 . ILE A 1 112 ? 3.830   -9.175  -10.343 1.00 20.66 ? 1403 ILE A CG2 1 
ATOM   746  C CD1 . ILE A 1 112 ? 4.390   -10.631 -13.651 1.00 26.29 ? 1403 ILE A CD1 1 
ATOM   747  N N   . TYR A 1 113 ? 6.755   -10.772 -8.845  1.00 16.05 ? 1404 TYR A N   1 
ATOM   748  C CA  . TYR A 1 113 ? 7.025   -10.933 -7.401  1.00 16.09 ? 1404 TYR A CA  1 
ATOM   749  C C   . TYR A 1 113 ? 8.287   -10.146 -7.028  1.00 16.83 ? 1404 TYR A C   1 
ATOM   750  O O   . TYR A 1 113 ? 8.310   -9.456  -6.020  1.00 16.58 ? 1404 TYR A O   1 
ATOM   751  C CB  . TYR A 1 113 ? 7.099   -12.409 -7.030  1.00 17.85 ? 1404 TYR A CB  1 
ATOM   752  C CG  . TYR A 1 113 ? 7.453   -12.632 -5.580  1.00 15.49 ? 1404 TYR A CG  1 
ATOM   753  C CD1 . TYR A 1 113 ? 6.632   -12.177 -4.545  1.00 17.32 ? 1404 TYR A CD1 1 
ATOM   754  C CD2 . TYR A 1 113 ? 8.635   -13.296 -5.238  1.00 17.19 ? 1404 TYR A CD2 1 
ATOM   755  C CE1 . TYR A 1 113 ? 6.988   -12.399 -3.214  1.00 17.89 ? 1404 TYR A CE1 1 
ATOM   756  C CE2 . TYR A 1 113 ? 8.972   -13.542 -3.921  1.00 19.94 ? 1404 TYR A CE2 1 
ATOM   757  C CZ  . TYR A 1 113 ? 8.146   -13.099 -2.899  1.00 16.99 ? 1404 TYR A CZ  1 
ATOM   758  O OH  . TYR A 1 113 ? 8.508   -13.290 -1.581  1.00 20.43 ? 1404 TYR A OH  1 
ATOM   759  N N   A SER A 1 114 ? 9.333   -10.239 -7.847  0.31 17.05 ? 1405 SER A N   1 
ATOM   760  N N   B SER A 1 114 ? 9.330   -10.234 -7.840  0.31 17.12 ? 1405 SER A N   1 
ATOM   761  C CA  A SER A 1 114 ? 10.610  -9.522  -7.612  0.31 18.03 ? 1405 SER A CA  1 
ATOM   762  C CA  B SER A 1 114 ? 10.604  -9.530  -7.564  0.31 18.10 ? 1405 SER A CA  1 
ATOM   763  C C   A SER A 1 114 ? 10.370  -8.000  -7.541  0.31 15.76 ? 1405 SER A C   1 
ATOM   764  C C   B SER A 1 114 ? 10.387  -7.999  -7.550  0.31 15.86 ? 1405 SER A C   1 
ATOM   765  O O   A SER A 1 114 ? 11.002  -7.328  -6.713  0.31 15.37 ? 1405 SER A O   1 
ATOM   766  O O   B SER A 1 114 ? 11.023  -7.314  -6.735  0.31 15.36 ? 1405 SER A O   1 
ATOM   767  C CB  A SER A 1 114 ? 11.662  -9.845  -8.657  0.31 19.70 ? 1405 SER A CB  1 
ATOM   768  C CB  B SER A 1 114 ? 11.684  -9.953  -8.535  0.31 19.91 ? 1405 SER A CB  1 
ATOM   769  O OG  A SER A 1 114 ? 11.287  -9.378  -9.949  0.31 19.27 ? 1405 SER A OG  1 
ATOM   770  O OG  B SER A 1 114 ? 11.841  -11.370 -8.505  0.31 19.92 ? 1405 SER A OG  1 
ATOM   771  N N   . MET A 1 115 ? 9.545   -7.460  -8.433  1.00 14.35 ? 1406 MET A N   1 
ATOM   772  C CA  . MET A 1 115 ? 9.178   -6.019  -8.446  1.00 13.97 ? 1406 MET A CA  1 
ATOM   773  C C   . MET A 1 115 ? 8.407   -5.734  -7.141  1.00 13.12 ? 1406 MET A C   1 
ATOM   774  O O   . MET A 1 115 ? 8.663   -4.661  -6.509  1.00 12.95 ? 1406 MET A O   1 
ATOM   775  C CB  . MET A 1 115 ? 8.299   -5.723  -9.640  1.00 13.62 ? 1406 MET A CB  1 
ATOM   776  C CG  . MET A 1 115 ? 9.022   -5.804  -10.939 1.00 15.22 ? 1406 MET A CG  1 
ATOM   777  S SD  . MET A 1 115 ? 8.037   -5.873  -12.411 1.00 19.58 ? 1406 MET A SD  1 
ATOM   778  C CE  . MET A 1 115 ? 7.713   -4.193  -12.572 1.00 17.94 ? 1406 MET A CE  1 
ATOM   779  N N   . SER A 1 116 ? 7.551   -6.659  -6.688  1.00 13.33 ? 1407 SER A N   1 
ATOM   780  C CA  . SER A 1 116 ? 6.770   -6.465  -5.449  1.00 13.05 ? 1407 SER A CA  1 
ATOM   781  C C   . SER A 1 116 ? 7.736   -6.324  -4.268  1.00 12.96 ? 1407 SER A C   1 
ATOM   782  O O   . SER A 1 116 ? 7.460   -5.537  -3.354  1.00 13.13 ? 1407 SER A O   1 
ATOM   783  C CB  . SER A 1 116 ? 5.710   -7.551  -5.217  1.00 15.49 ? 1407 SER A CB  1 
ATOM   784  O OG  . SER A 1 116 ? 6.244   -8.673  -4.552  1.00 16.78 ? 1407 SER A OG  1 
ATOM   785  N N   . LEU A 1 117 ? 8.802   -7.103  -4.188  1.00 13.01 ? 1408 LEU A N   1 
ATOM   786  C CA  . LEU A 1 117 ? 9.688   -7.042  -3.020  1.00 13.79 ? 1408 LEU A CA  1 
ATOM   787  C C   . LEU A 1 117 ? 10.431  -5.702  -2.967  1.00 12.87 ? 1408 LEU A C   1 
ATOM   788  O O   . LEU A 1 117 ? 10.620  -5.126  -1.891  1.00 13.29 ? 1408 LEU A O   1 
ATOM   789  C CB  . LEU A 1 117 ? 10.656  -8.222  -3.019  1.00 16.41 ? 1408 LEU A CB  1 
ATOM   790  C CG  . LEU A 1 117 ? 10.052  -9.615  -2.857  1.00 18.41 ? 1408 LEU A CG  1 
ATOM   791  C CD1 . LEU A 1 117 ? 11.196  -10.627 -2.854  1.00 20.47 ? 1408 LEU A CD1 1 
ATOM   792  C CD2 . LEU A 1 117 ? 9.230   -9.730  -1.589  1.00 21.23 ? 1408 LEU A CD2 1 
ATOM   793  N N   . ARG A 1 118 ? 10.897  -5.196  -4.117  1.00 13.15 ? 1409 ARG A N   1 
ATOM   794  C CA  . ARG A 1 118 ? 11.579  -3.882  -4.099  1.00 12.19 ? 1409 ARG A CA  1 
ATOM   795  C C   . ARG A 1 118 ? 10.558  -2.803  -3.727  1.00 11.21 ? 1409 ARG A C   1 
ATOM   796  O O   . ARG A 1 118 ? 10.879  -1.897  -2.918  1.00 12.47 ? 1409 ARG A O   1 
ATOM   797  C CB  . ARG A 1 118 ? 12.182  -3.570  -5.456  1.00 12.62 ? 1409 ARG A CB  1 
ATOM   798  C CG  . ARG A 1 118 ? 13.413  -4.416  -5.816  1.00 13.57 ? 1409 ARG A CG  1 
ATOM   799  C CD  . ARG A 1 118 ? 14.118  -3.905  -7.057  1.00 14.84 ? 1409 ARG A CD  1 
ATOM   800  N NE  . ARG A 1 118 ? 13.318  -3.968  -8.247  1.00 14.18 ? 1409 ARG A NE  1 
ATOM   801  C CZ  . ARG A 1 118 ? 13.359  -4.908  -9.188  1.00 17.52 ? 1409 ARG A CZ  1 
ATOM   802  N NH1 . ARG A 1 118 ? 14.121  -5.965  -9.029  1.00 18.49 ? 1409 ARG A NH1 1 
ATOM   803  N NH2 . ARG A 1 118 ? 12.535  -4.818  -10.222 1.00 18.30 ? 1409 ARG A NH2 1 
ATOM   804  N N   . LEU A 1 119 ? 9.373   -2.838  -4.291  1.00 11.29 ? 1410 LEU A N   1 
ATOM   805  C CA  . LEU A 1 119 ? 8.377   -1.808  -4.002  1.00 11.81 ? 1410 LEU A CA  1 
ATOM   806  C C   . LEU A 1 119 ? 7.958   -1.855  -2.529  1.00 11.37 ? 1410 LEU A C   1 
ATOM   807  O O   . LEU A 1 119 ? 7.753   -0.766  -1.915  1.00 12.57 ? 1410 LEU A O   1 
ATOM   808  C CB  . LEU A 1 119 ? 7.197   -1.946  -4.950  1.00 13.22 ? 1410 LEU A CB  1 
ATOM   809  C CG  . LEU A 1 119 ? 6.276   -0.728  -5.018  1.00 14.16 ? 1410 LEU A CG  1 
ATOM   810  C CD1 . LEU A 1 119 ? 7.018   0.485   -5.618  1.00 15.97 ? 1410 LEU A CD1 1 
ATOM   811  C CD2 . LEU A 1 119 ? 5.076   -1.040  -5.877  1.00 13.80 ? 1410 LEU A CD2 1 
ATOM   812  N N   . SER A 1 120 ? 7.831   -3.041  -1.958  1.00 11.00 ? 1411 SER A N   1 
ATOM   813  C CA  . SER A 1 120 ? 7.487   -3.198  -0.542  1.00 12.48 ? 1411 SER A CA  1 
ATOM   814  C C   . SER A 1 120 ? 8.560   -2.519  0.291   1.00 12.21 ? 1411 SER A C   1 
ATOM   815  O O   . SER A 1 120 ? 8.252   -1.878  1.306   1.00 12.46 ? 1411 SER A O   1 
ATOM   816  C CB  . SER A 1 120 ? 7.317   -4.678  -0.228  1.00 12.05 ? 1411 SER A CB  1 
ATOM   817  O OG  . SER A 1 120 ? 7.155   -4.901  1.173   1.00 14.14 ? 1411 SER A OG  1 
ATOM   818  N N   . ALA A 1 121 ? 9.844   -2.799  0.022   1.00 11.83 ? 1412 ALA A N   1 
ATOM   819  C CA  . ALA A 1 121 ? 10.941  -2.197  0.810   1.00 12.58 ? 1412 ALA A CA  1 
ATOM   820  C C   . ALA A 1 121 ? 10.866  -0.678  0.738   1.00 11.10 ? 1412 ALA A C   1 
ATOM   821  O O   . ALA A 1 121 ? 11.020  -0.019  1.758   1.00 12.22 ? 1412 ALA A O   1 
ATOM   822  C CB  . ALA A 1 121 ? 12.306  -2.674  0.351   1.00 12.91 ? 1412 ALA A CB  1 
ATOM   823  N N   . PHE A 1 122 ? 10.595  -0.145  -0.448  1.00 11.37 ? 1413 PHE A N   1 
ATOM   824  C CA  . PHE A 1 122 ? 10.462  1.326   -0.594  1.00 11.40 ? 1413 PHE A CA  1 
ATOM   825  C C   . PHE A 1 122 ? 9.287   1.860   0.239   1.00 11.64 ? 1413 PHE A C   1 
ATOM   826  O O   . PHE A 1 122 ? 9.403   2.871   0.976   1.00 12.30 ? 1413 PHE A O   1 
ATOM   827  C CB  . PHE A 1 122 ? 10.300  1.668   -2.063  1.00 11.88 ? 1413 PHE A CB  1 
ATOM   828  C CG  . PHE A 1 122 ? 10.055  3.112   -2.346  1.00 13.16 ? 1413 PHE A CG  1 
ATOM   829  C CD1 . PHE A 1 122 ? 11.107  4.026   -2.394  1.00 15.89 ? 1413 PHE A CD1 1 
ATOM   830  C CD2 . PHE A 1 122 ? 8.778   3.606   -2.545  1.00 13.86 ? 1413 PHE A CD2 1 
ATOM   831  C CE1 . PHE A 1 122 ? 10.873  5.386   -2.600  1.00 17.54 ? 1413 PHE A CE1 1 
ATOM   832  C CE2 . PHE A 1 122 ? 8.564   4.956   -2.820  1.00 16.65 ? 1413 PHE A CE2 1 
ATOM   833  C CZ  . PHE A 1 122 ? 9.614   5.850   -2.850  1.00 17.60 ? 1413 PHE A CZ  1 
ATOM   834  N N   . PHE A 1 123 ? 8.121   1.195   0.113   1.00 11.95 ? 1414 PHE A N   1 
ATOM   835  C CA  . PHE A 1 123 ? 6.932   1.593   0.885   1.00 11.24 ? 1414 PHE A CA  1 
ATOM   836  C C   . PHE A 1 123 ? 7.183   1.569   2.391   1.00 12.36 ? 1414 PHE A C   1 
ATOM   837  O O   . PHE A 1 123 ? 6.870   2.533   3.108   1.00 12.54 ? 1414 PHE A O   1 
ATOM   838  C CB  . PHE A 1 123 ? 5.748   0.692   0.514   1.00 11.97 ? 1414 PHE A CB  1 
ATOM   839  C CG  . PHE A 1 123 ? 4.504   0.956   1.339   1.00 12.12 ? 1414 PHE A CG  1 
ATOM   840  C CD1 . PHE A 1 123 ? 3.733   2.097   1.153   1.00 12.33 ? 1414 PHE A CD1 1 
ATOM   841  C CD2 . PHE A 1 123 ? 4.196   0.113   2.413   1.00 12.32 ? 1414 PHE A CD2 1 
ATOM   842  C CE1 . PHE A 1 123 ? 2.630   2.323   2.007   1.00 12.72 ? 1414 PHE A CE1 1 
ATOM   843  C CE2 . PHE A 1 123 ? 3.090   0.347   3.221   1.00 13.49 ? 1414 PHE A CE2 1 
ATOM   844  C CZ  . PHE A 1 123 ? 2.362   1.465   3.025   1.00 13.85 ? 1414 PHE A CZ  1 
ATOM   845  N N   . GLU A 1 124 ? 7.755   0.477   2.889   1.00 11.60 ? 1415 GLU A N   1 
ATOM   846  C CA  . GLU A 1 124 ? 7.980   0.334   4.341   1.00 12.43 ? 1415 GLU A CA  1 
ATOM   847  C C   . GLU A 1 124 ? 8.950   1.398   4.838   1.00 12.84 ? 1415 GLU A C   1 
ATOM   848  O O   . GLU A 1 124 ? 8.782   1.928   5.950   1.00 14.25 ? 1415 GLU A O   1 
ATOM   849  C CB  . GLU A 1 124 ? 8.481   -1.072  4.667   1.00 13.47 ? 1415 GLU A CB  1 
ATOM   850  C CG  . GLU A 1 124 ? 7.402   -2.162  4.465   1.00 15.57 ? 1415 GLU A CG  1 
ATOM   851  C CD  . GLU A 1 124 ? 6.148   -2.108  5.334   1.00 15.51 ? 1415 GLU A CD  1 
ATOM   852  O OE1 . GLU A 1 124 ? 6.220   -1.529  6.443   1.00 17.79 ? 1415 GLU A OE1 1 
ATOM   853  O OE2 . GLU A 1 124 ? 5.094   -2.614  4.896   1.00 15.58 ? 1415 GLU A OE2 1 
ATOM   854  N N   . GLU A 1 125 ? 9.991   1.709   4.063   1.00 12.93 ? 1416 GLU A N   1 
ATOM   855  C CA  . GLU A 1 125 ? 10.979  2.739   4.445   1.00 13.96 ? 1416 GLU A CA  1 
ATOM   856  C C   . GLU A 1 125 ? 10.268  4.069   4.651   1.00 13.23 ? 1416 GLU A C   1 
ATOM   857  O O   . GLU A 1 125 ? 10.627  4.802   5.570   1.00 15.57 ? 1416 GLU A O   1 
ATOM   858  C CB  . GLU A 1 125 ? 11.990  2.786   3.294   1.00 13.32 ? 1416 GLU A CB  1 
ATOM   859  C CG  . GLU A 1 125 ? 13.028  3.892   3.400   1.00 15.25 ? 1416 GLU A CG  1 
ATOM   860  C CD  . GLU A 1 125 ? 14.000  3.783   2.225   1.00 16.09 ? 1416 GLU A CD  1 
ATOM   861  O OE1 . GLU A 1 125 ? 14.737  2.737   2.165   1.00 16.46 ? 1416 GLU A OE1 1 
ATOM   862  O OE2 . GLU A 1 125 ? 13.955  4.637   1.324   1.00 17.23 ? 1416 GLU A OE2 1 
ATOM   863  N N   . HIS A 1 126 ? 9.284   4.401   3.828   1.00 12.98 ? 1417 HIS A N   1 
ATOM   864  C CA  . HIS A 1 126 ? 8.610   5.718   3.825   1.00 14.70 ? 1417 HIS A CA  1 
ATOM   865  C C   . HIS A 1 126 ? 7.401   5.763   4.756   1.00 13.88 ? 1417 HIS A C   1 
ATOM   866  O O   . HIS A 1 126 ? 7.137   6.839   5.344   1.00 16.34 ? 1417 HIS A O   1 
ATOM   867  C CB  . HIS A 1 126 ? 8.261   6.146   2.387   1.00 15.19 ? 1417 HIS A CB  1 
ATOM   868  C CG  . HIS A 1 126 ? 9.456   6.559   1.612   1.00 18.62 ? 1417 HIS A CG  1 
ATOM   869  N ND1 . HIS A 1 126 ? 10.320  5.682   1.010   1.00 18.86 ? 1417 HIS A ND1 1 
ATOM   870  C CD2 . HIS A 1 126 ? 9.919   7.801   1.381   1.00 26.88 ? 1417 HIS A CD2 1 
ATOM   871  C CE1 . HIS A 1 126 ? 11.333  6.400   0.533   1.00 23.26 ? 1417 HIS A CE1 1 
ATOM   872  N NE2 . HIS A 1 126 ? 11.078  7.638   0.653   1.00 28.23 ? 1417 HIS A NE2 1 
ATOM   873  N N   . ILE A 1 127 ? 6.677   4.656   4.956   1.00 13.25 ? 1418 ILE A N   1 
ATOM   874  C CA  . ILE A 1 127 ? 5.458   4.688   5.794   1.00 12.16 ? 1418 ILE A CA  1 
ATOM   875  C C   . ILE A 1 127 ? 5.794   4.736   7.277   1.00 12.61 ? 1418 ILE A C   1 
ATOM   876  O O   . ILE A 1 127 ? 4.943   5.178   8.083   1.00 12.62 ? 1418 ILE A O   1 
ATOM   877  C CB  . ILE A 1 127 ? 4.526   3.508   5.452   1.00 12.54 ? 1418 ILE A CB  1 
ATOM   878  C CG1 . ILE A 1 127 ? 3.042   3.759   5.800   1.00 13.73 ? 1418 ILE A CG1 1 
ATOM   879  C CG2 . ILE A 1 127 ? 4.987   2.222   6.071   1.00 13.33 ? 1418 ILE A CG2 1 
ATOM   880  C CD1 . ILE A 1 127 ? 2.413   4.890   5.107   1.00 15.68 ? 1418 ILE A CD1 1 
ATOM   881  N N   A SER A 1 128 ? 6.992   4.288   7.659   0.25 12.82 ? 1419 SER A N   1 
ATOM   882  N N   B SER A 1 128 ? 6.997   4.292   7.657   0.25 13.22 ? 1419 SER A N   1 
ATOM   883  C CA  A SER A 1 128 ? 7.399   4.177   9.082   0.25 12.94 ? 1419 SER A CA  1 
ATOM   884  C CA  B SER A 1 128 ? 7.413   4.196   9.080   0.25 13.64 ? 1419 SER A CA  1 
ATOM   885  C C   A SER A 1 128 ? 7.174   5.503   9.835   0.25 13.18 ? 1419 SER A C   1 
ATOM   886  C C   B SER A 1 128 ? 7.152   5.512   9.827   0.25 13.58 ? 1419 SER A C   1 
ATOM   887  O O   A SER A 1 128 ? 6.536   5.479   10.913  0.25 13.82 ? 1419 SER A O   1 
ATOM   888  O O   B SER A 1 128 ? 6.506   5.479   10.899  0.25 14.32 ? 1419 SER A O   1 
ATOM   889  C CB  A SER A 1 128 ? 8.830   3.687   9.174   0.25 13.89 ? 1419 SER A CB  1 
ATOM   890  C CB  B SER A 1 128 ? 8.861   3.792   9.207   0.25 15.19 ? 1419 SER A CB  1 
ATOM   891  O OG  A SER A 1 128 ? 9.714   4.569   8.506   0.25 15.27 ? 1419 SER A OG  1 
ATOM   892  O OG  B SER A 1 128 ? 9.209   3.705   10.586  0.25 17.72 ? 1419 SER A OG  1 
ATOM   893  N N   . SER A 1 129 ? 7.642   6.625   9.303   1.00 13.00 ? 1420 SER A N   1 
ATOM   894  C CA  . SER A 1 129 ? 7.516   7.916   9.998   1.00 14.65 ? 1420 SER A CA  1 
ATOM   895  C C   . SER A 1 129 ? 6.052   8.370   9.979   1.00 13.44 ? 1420 SER A C   1 
ATOM   896  O O   . SER A 1 129 ? 5.663   9.077   10.897  1.00 13.86 ? 1420 SER A O   1 
ATOM   897  C CB  . SER A 1 129 ? 8.387   8.974   9.398   1.00 16.94 ? 1420 SER A CB  1 
ATOM   898  O OG  . SER A 1 129 ? 8.134   9.165   8.032   1.00 22.81 ? 1420 SER A OG  1 
ATOM   899  N N   . VAL A 1 130 ? 5.325   8.086   8.888   1.00 12.04 ? 1421 VAL A N   1 
ATOM   900  C CA  . VAL A 1 130 ? 3.898   8.496   8.808   1.00 12.37 ? 1421 VAL A CA  1 
ATOM   901  C C   . VAL A 1 130 ? 3.161   7.851   9.977   1.00 11.75 ? 1421 VAL A C   1 
ATOM   902  O O   . VAL A 1 130 ? 2.366   8.534   10.705  1.00 12.16 ? 1421 VAL A O   1 
ATOM   903  C CB  . VAL A 1 130 ? 3.300   8.092   7.469   1.00 11.84 ? 1421 VAL A CB  1 
ATOM   904  C CG1 . VAL A 1 130 ? 1.822   8.478   7.441   1.00 12.14 ? 1421 VAL A CG1 1 
ATOM   905  C CG2 . VAL A 1 130 ? 4.046   8.743   6.319   1.00 13.45 ? 1421 VAL A CG2 1 
ATOM   906  N N   . LEU A 1 131 ? 3.344   6.547   10.198  1.00 11.91 ? 1422 LEU A N   1 
ATOM   907  C CA  . LEU A 1 131 ? 2.687   5.824   11.299  1.00 12.68 ? 1422 LEU A CA  1 
ATOM   908  C C   . LEU A 1 131 ? 3.129   6.359   12.643  1.00 12.12 ? 1422 LEU A C   1 
ATOM   909  O O   . LEU A 1 131 ? 2.296   6.579   13.530  1.00 12.73 ? 1422 LEU A O   1 
ATOM   910  C CB  . LEU A 1 131 ? 2.967   4.311   11.222  1.00 12.99 ? 1422 LEU A CB  1 
ATOM   911  C CG  . LEU A 1 131 ? 2.414   3.600   9.986   1.00 13.81 ? 1422 LEU A CG  1 
ATOM   912  C CD1 . LEU A 1 131 ? 3.010   2.214   9.836   1.00 15.73 ? 1422 LEU A CD1 1 
ATOM   913  C CD2 . LEU A 1 131 ? 0.904   3.558   10.021  1.00 16.68 ? 1422 LEU A CD2 1 
ATOM   914  N N   A SER A 1 132 ? 4.435   6.502   12.844  0.40 12.31 ? 1423 SER A N   1 
ATOM   915  N N   B SER A 1 132 ? 4.434   6.564   12.808  0.10 12.80 ? 1423 SER A N   1 
ATOM   916  C CA  A SER A 1 132 ? 4.962   6.990   14.147  0.40 12.98 ? 1423 SER A CA  1 
ATOM   917  C CA  B SER A 1 132 ? 5.042   7.000   14.090  0.10 13.17 ? 1423 SER A CA  1 
ATOM   918  C C   A SER A 1 132 ? 4.365   8.372   14.453  0.40 12.59 ? 1423 SER A C   1 
ATOM   919  C C   B SER A 1 132 ? 4.550   8.404   14.472  0.10 13.01 ? 1423 SER A C   1 
ATOM   920  O O   A SER A 1 132 ? 3.904   8.575   15.609  0.40 12.13 ? 1423 SER A O   1 
ATOM   921  O O   B SER A 1 132 ? 4.340   8.671   15.663  0.10 12.83 ? 1423 SER A O   1 
ATOM   922  C CB  A SER A 1 132 ? 6.474   7.042   14.175  0.40 14.21 ? 1423 SER A CB  1 
ATOM   923  C CB  B SER A 1 132 ? 6.536   6.946   13.999  0.10 13.70 ? 1423 SER A CB  1 
ATOM   924  O OG  A SER A 1 132 ? 7.059   5.773   14.018  0.40 15.47 ? 1423 SER A OG  1 
ATOM   925  O OG  B SER A 1 132 ? 7.091   6.954   15.296  0.10 14.47 ? 1423 SER A OG  1 
ATOM   926  N N   . ASP A 1 133 ? 4.409   9.291   13.497  1.00 12.62 ? 1424 ASP A N   1 
ATOM   927  C CA  . ASP A 1 133 ? 3.895   10.659  13.754  1.00 12.69 ? 1424 ASP A CA  1 
ATOM   928  C C   . ASP A 1 133 ? 2.412   10.619  14.113  1.00 12.54 ? 1424 ASP A C   1 
ATOM   929  O O   . ASP A 1 133 ? 1.967   11.328  15.034  1.00 12.91 ? 1424 ASP A O   1 
ATOM   930  C CB  . ASP A 1 133 ? 4.165   11.617  12.606  1.00 14.35 ? 1424 ASP A CB  1 
ATOM   931  C CG  . ASP A 1 133 ? 5.603   12.061  12.378  1.00 18.55 ? 1424 ASP A CG  1 
ATOM   932  O OD1 . ASP A 1 133 ? 6.496   11.649  13.127  1.00 19.41 ? 1424 ASP A OD1 1 
ATOM   933  O OD2 . ASP A 1 133 ? 5.823   12.821  11.392  1.00 23.67 ? 1424 ASP A OD2 1 
ATOM   934  N N   . TYR A 1 134 ? 1.629   9.834   13.390  1.00 11.30 ? 1425 TYR A N   1 
ATOM   935  C CA  . TYR A 1 134 ? 0.191   9.763   13.639  1.00 11.72 ? 1425 TYR A CA  1 
ATOM   936  C C   . TYR A 1 134 ? -0.058  9.256   15.049  1.00 11.84 ? 1425 TYR A C   1 
ATOM   937  O O   . TYR A 1 134 ? -0.859  9.808   15.818  1.00 12.21 ? 1425 TYR A O   1 
ATOM   938  C CB  . TYR A 1 134 ? -0.522  8.890   12.593  1.00 11.32 ? 1425 TYR A CB  1 
ATOM   939  C CG  . TYR A 1 134 ? -1.978  8.682   12.897  1.00 12.11 ? 1425 TYR A CG  1 
ATOM   940  C CD1 . TYR A 1 134 ? -2.886  9.678   12.618  1.00 13.21 ? 1425 TYR A CD1 1 
ATOM   941  C CD2 . TYR A 1 134 ? -2.418  7.515   13.513  1.00 14.33 ? 1425 TYR A CD2 1 
ATOM   942  C CE1 . TYR A 1 134 ? -4.229  9.519   12.880  1.00 14.63 ? 1425 TYR A CE1 1 
ATOM   943  C CE2 . TYR A 1 134 ? -3.754  7.331   13.745  1.00 14.34 ? 1425 TYR A CE2 1 
ATOM   944  C CZ  . TYR A 1 134 ? -4.634  8.333   13.464  1.00 14.87 ? 1425 TYR A CZ  1 
ATOM   945  O OH  . TYR A 1 134 ? -5.989  8.158   13.713  1.00 20.21 ? 1425 TYR A OH  1 
ATOM   946  N N   . LYS A 1 135 ? 0.614   8.155   15.414  1.00 12.42 ? 1426 LYS A N   1 
ATOM   947  C CA  . LYS A 1 135 ? 0.347   7.522   16.721  1.00 12.30 ? 1426 LYS A CA  1 
ATOM   948  C C   . LYS A 1 135 ? 0.796   8.467   17.852  1.00 11.82 ? 1426 LYS A C   1 
ATOM   949  O O   . LYS A 1 135 ? 0.122   8.557   18.885  1.00 12.18 ? 1426 LYS A O   1 
ATOM   950  C CB  . LYS A 1 135 ? 1.038   6.153   16.793  1.00 13.96 ? 1426 LYS A CB  1 
ATOM   951  C CG  . LYS A 1 135 ? 0.452   5.152   15.794  1.00 14.41 ? 1426 LYS A CG  1 
ATOM   952  C CD  . LYS A 1 135 ? 1.153   3.786   15.881  1.00 15.89 ? 1426 LYS A CD  1 
ATOM   953  C CE  . LYS A 1 135 ? 0.559   2.775   14.904  1.00 18.64 ? 1426 LYS A CE  1 
ATOM   954  N NZ  . LYS A 1 135 ? 0.933   1.379   15.270  1.00 23.93 ? 1426 LYS A NZ  1 
ATOM   955  N N   A SER A 1 136 ? 1.899   9.175   17.646  0.40 11.93 ? 1427 SER A N   1 
ATOM   956  N N   B SER A 1 136 ? 1.882   9.212   17.648  0.10 12.02 ? 1427 SER A N   1 
ATOM   957  C CA  A SER A 1 136 ? 2.400   10.218  18.589  0.40 12.93 ? 1427 SER A CA  1 
ATOM   958  C CA  B SER A 1 136 ? 2.376   10.193  18.652  0.10 12.25 ? 1427 SER A CA  1 
ATOM   959  C C   A SER A 1 136 ? 1.355   11.338  18.751  0.40 12.80 ? 1427 SER A C   1 
ATOM   960  C C   B SER A 1 136 ? 1.433   11.410  18.738  0.10 12.53 ? 1427 SER A C   1 
ATOM   961  O O   A SER A 1 136 ? 1.035   11.727  19.905  0.40 12.06 ? 1427 SER A O   1 
ATOM   962  O O   B SER A 1 136 ? 1.294   11.949  19.847  0.10 12.50 ? 1427 SER A O   1 
ATOM   963  C CB  A SER A 1 136 ? 3.697   10.760  18.102  0.40 13.88 ? 1427 SER A CB  1 
ATOM   964  C CB  B SER A 1 136 ? 3.810   10.579  18.405  0.10 12.23 ? 1427 SER A CB  1 
ATOM   965  O OG  A SER A 1 136 ? 4.052   11.956  18.797  0.40 17.72 ? 1427 SER A OG  1 
ATOM   966  O OG  B SER A 1 136 ? 4.038   10.972  17.063  0.10 12.53 ? 1427 SER A OG  1 
ATOM   967  N N   . ALA A 1 137 ? 0.764   11.804  17.644  1.00 12.90 ? 1428 ALA A N   1 
ATOM   968  C CA  . ALA A 1 137 ? -0.253  12.877  17.651  1.00 13.59 ? 1428 ALA A CA  1 
ATOM   969  C C   . ALA A 1 137 ? -1.450  12.386  18.389  1.00 13.21 ? 1428 ALA A C   1 
ATOM   970  O O   . ALA A 1 137 ? -2.029  13.181  19.197  1.00 14.47 ? 1428 ALA A O   1 
ATOM   971  C CB  . ALA A 1 137 ? -0.659  13.220  16.241  1.00 14.87 ? 1428 ALA A CB  1 
ATOM   972  N N   . LEU A 1 138 ? -1.908  11.155  18.263  1.00 12.95 ? 1429 LEU A N   1 
ATOM   973  C CA  . LEU A 1 138 ? -3.075  10.687  18.982  1.00 15.01 ? 1429 LEU A CA  1 
ATOM   974  C C   . LEU A 1 138 ? -2.759  10.603  20.461  1.00 13.52 ? 1429 LEU A C   1 
ATOM   975  O O   . LEU A 1 138 ? -3.634  10.915  21.283  1.00 14.54 ? 1429 LEU A O   1 
ATOM   976  C CB  . LEU A 1 138 ? -3.541  9.354   18.400  1.00 19.12 ? 1429 LEU A CB  1 
ATOM   977  C CG  . LEU A 1 138 ? -4.997  9.202   18.022  1.00 26.82 ? 1429 LEU A CG  1 
ATOM   978  C CD1 . LEU A 1 138 ? -5.583  10.356  17.224  1.00 26.02 ? 1429 LEU A CD1 1 
ATOM   979  C CD2 . LEU A 1 138 ? -5.126  7.912   17.262  1.00 24.97 ? 1429 LEU A CD2 1 
ATOM   980  N N   . ARG A 1 139 ? -1.561  10.110  20.809  1.00 12.47 ? 1430 ARG A N   1 
ATOM   981  C CA  . ARG A 1 139 ? -1.212  10.039  22.239  1.00 13.19 ? 1430 ARG A CA  1 
ATOM   982  C C   . ARG A 1 139 ? -1.191  11.467  22.833  1.00 11.45 ? 1430 ARG A C   1 
ATOM   983  O O   . ARG A 1 139 ? -1.708  11.642  23.960  1.00 13.74 ? 1430 ARG A O   1 
ATOM   984  C CB  . ARG A 1 139 ? 0.129   9.356   22.464  1.00 13.43 ? 1430 ARG A CB  1 
ATOM   985  C CG  . ARG A 1 139 ? 0.110   7.851   22.193  1.00 14.07 ? 1430 ARG A CG  1 
ATOM   986  C CD  . ARG A 1 139 ? 1.444   7.181   22.547  1.00 13.97 ? 1430 ARG A CD  1 
ATOM   987  N NE  . ARG A 1 139 ? 2.618   7.611   21.844  1.00 14.01 ? 1430 ARG A NE  1 
ATOM   988  C CZ  . ARG A 1 139 ? 3.147   7.030   20.759  1.00 12.92 ? 1430 ARG A CZ  1 
ATOM   989  N NH1 . ARG A 1 139 ? 2.514   6.016   20.163  1.00 14.78 ? 1430 ARG A NH1 1 
ATOM   990  N NH2 . ARG A 1 139 ? 4.276   7.470   20.270  1.00 14.81 ? 1430 ARG A NH2 1 
ATOM   991  N N   . PHE A 1 140 ? -0.653  12.448  22.112  1.00 11.21 ? 1431 PHE A N   1 
ATOM   992  C CA  . PHE A 1 140 ? -0.626  13.816  22.639  1.00 12.23 ? 1431 PHE A CA  1 
ATOM   993  C C   . PHE A 1 140 ? -2.054  14.345  22.841  1.00 12.49 ? 1431 PHE A C   1 
ATOM   994  O O   . PHE A 1 140 ? -2.406  14.959  23.865  1.00 13.71 ? 1431 PHE A O   1 
ATOM   995  C CB  . PHE A 1 140 ? 0.173   14.700  21.719  1.00 12.57 ? 1431 PHE A CB  1 
ATOM   996  C CG  . PHE A 1 140 ? 0.375   16.101  22.259  1.00 15.10 ? 1431 PHE A CG  1 
ATOM   997  C CD1 . PHE A 1 140 ? 1.346   16.346  23.235  1.00 16.39 ? 1431 PHE A CD1 1 
ATOM   998  C CD2 . PHE A 1 140 ? -0.423  17.152  21.845  1.00 15.62 ? 1431 PHE A CD2 1 
ATOM   999  C CE1 . PHE A 1 140 ? 1.531   17.628  23.747  1.00 17.41 ? 1431 PHE A CE1 1 
ATOM   1000 C CE2 . PHE A 1 140 ? -0.249  18.441  22.371  1.00 17.16 ? 1431 PHE A CE2 1 
ATOM   1001 C CZ  . PHE A 1 140 ? 0.749   18.663  23.294  1.00 17.29 ? 1431 PHE A CZ  1 
ATOM   1002 N N   . HIS A 1 141 ? -2.966  14.011  21.929  1.00 13.81 ? 1432 HIS A N   1 
ATOM   1003 C CA  . HIS A 1 141 ? -4.391  14.442  22.016  1.00 15.03 ? 1432 HIS A CA  1 
ATOM   1004 C C   . HIS A 1 141 ? -5.030  13.916  23.296  1.00 19.72 ? 1432 HIS A C   1 
ATOM   1005 O O   . HIS A 1 141 ? -5.861  14.628  23.915  1.00 18.93 ? 1432 HIS A O   1 
ATOM   1006 C CB  . HIS A 1 141 ? -5.161  13.939  20.801  1.00 16.36 ? 1432 HIS A CB  1 
ATOM   1007 C CG  . HIS A 1 141 ? -6.512  14.556  20.683  1.00 16.40 ? 1432 HIS A CG  1 
ATOM   1008 N ND1 . HIS A 1 141 ? -6.680  15.884  20.353  1.00 15.43 ? 1432 HIS A ND1 1 
ATOM   1009 C CD2 . HIS A 1 141 ? -7.735  14.023  20.871  1.00 17.00 ? 1432 HIS A CD2 1 
ATOM   1010 C CE1 . HIS A 1 141 ? -7.994  16.141  20.338  1.00 15.09 ? 1432 HIS A CE1 1 
ATOM   1011 N NE2 . HIS A 1 141 ? -8.637  15.034  20.588  1.00 16.26 ? 1432 HIS A NE2 1 
ATOM   1012 N N   . LYS A 1 142 ? -4.717  12.674  23.667  1.00 19.39 ? 1433 LYS A N   1 
ATOM   1013 C CA  . LYS A 1 142 ? -5.366  11.971  24.806  1.00 21.64 ? 1433 LYS A CA  1 
ATOM   1014 C C   . LYS A 1 142 ? -4.612  12.246  26.110  1.00 23.07 ? 1433 LYS A C   1 
ATOM   1015 O O   . LYS A 1 142 ? -5.099  11.754  27.157  1.00 25.97 ? 1433 LYS A O   1 
ATOM   1016 C CB  . LYS A 1 142 ? -5.451  10.467  24.521  1.00 24.83 ? 1433 LYS A CB  1 
ATOM   1017 C CG  . LYS A 1 142 ? -6.005  10.121  23.148  1.00 25.45 ? 1433 LYS A CG  1 
ATOM   1018 C CD  . LYS A 1 142 ? -6.269  8.648   22.904  1.00 27.98 ? 1433 LYS A CD  1 
ATOM   1019 C CE  . LYS A 1 142 ? -7.707  8.258   23.179  1.00 30.15 ? 1433 LYS A CE  1 
ATOM   1020 N NZ  . LYS A 1 142 ? -8.048  6.962   22.542  1.00 31.85 ? 1433 LYS A NZ  1 
ATOM   1021 N N   . ARG A 1 143 ? -3.486  12.970  26.073  1.00 22.14 ? 1434 ARG A N   1 
ATOM   1022 C CA  . ARG A 1 143 ? -2.563  13.116  27.233  1.00 22.65 ? 1434 ARG A CA  1 
ATOM   1023 C C   . ARG A 1 143 ? -3.367  13.591  28.450  1.00 24.69 ? 1434 ARG A C   1 
ATOM   1024 O O   . ARG A 1 143 ? -2.722  13.827  29.501  1.00 30.71 ? 1434 ARG A O   1 
ATOM   1025 C CB  . ARG A 1 143 ? -1.403  14.067  26.917  1.00 21.16 ? 1434 ARG A CB  1 
ATOM   1026 C CG  . ARG A 1 143 ? -1.779  15.538  26.921  1.00 20.07 ? 1434 ARG A CG  1 
ATOM   1027 C CD  . ARG A 1 143 ? -0.717  16.407  26.296  1.00 19.95 ? 1434 ARG A CD  1 
ATOM   1028 N NE  . ARG A 1 143 ? -1.098  17.802  26.410  1.00 19.48 ? 1434 ARG A NE  1 
ATOM   1029 C CZ  . ARG A 1 143 ? -1.954  18.429  25.620  1.00 18.65 ? 1434 ARG A CZ  1 
ATOM   1030 N NH1 . ARG A 1 143 ? -2.547  17.791  24.619  1.00 17.78 ? 1434 ARG A NH1 1 
ATOM   1031 N NH2 . ARG A 1 143 ? -2.206  19.711  25.830  1.00 20.20 ? 1434 ARG A NH2 1 
HETATM 1032 N N1  . ZKL B 2 .   ? 0.658   -9.686  -14.477 0.62 48.37 ? 1901 ZKL A N1  1 
HETATM 1033 N N3  . ZKL B 2 .   ? -0.363  -9.768  -9.603  0.62 34.73 ? 1901 ZKL A N3  1 
HETATM 1034 C C4  . ZKL B 2 .   ? 1.803   -9.208  -15.259 0.62 49.07 ? 1901 ZKL A C4  1 
HETATM 1035 C C5  . ZKL B 2 .   ? 0.747   -10.572 -13.501 0.62 44.58 ? 1901 ZKL A C5  1 
HETATM 1036 C C6  . ZKL B 2 .   ? -0.580  -11.289 -11.520 0.62 37.72 ? 1901 ZKL A C6  1 
HETATM 1037 C C7  . ZKL B 2 .   ? -0.133  -11.135 -10.085 0.62 36.47 ? 1901 ZKL A C7  1 
HETATM 1038 C C8  . ZKL B 2 .   ? 0.274   -8.745  -10.447 0.62 35.07 ? 1901 ZKL A C8  1 
HETATM 1039 C C10 . ZKL B 2 .   ? -1.450  -8.280  -12.234 0.62 38.30 ? 1901 ZKL A C10 1 
HETATM 1040 C C13 . ZKL B 2 .   ? -1.474  -7.558  -6.814  0.62 30.56 ? 1901 ZKL A C13 1 
HETATM 1041 C C15 . ZKL B 2 .   ? -2.218  -6.140  -8.379  0.62 31.60 ? 1901 ZKL A C15 1 
HETATM 1042 C C1  . ZKL B 2 .   ? 2.921   -11.914 -17.654 0.62 49.51 ? 1901 ZKL A C1  1 
HETATM 1043 C C11 . ZKL B 2 .   ? -1.014  -9.501  -8.441  0.62 32.62 ? 1901 ZKL A C11 1 
HETATM 1044 C C12 . ZKL B 2 .   ? -1.422  -8.163  -8.029  0.62 31.07 ? 1901 ZKL A C12 1 
HETATM 1045 C C14 . ZKL B 2 .   ? -1.982  -6.250  -7.028  0.62 30.79 ? 1901 ZKL A C14 1 
HETATM 1046 C C2  . ZKL B 2 .   ? 1.955   -11.330 -16.646 0.62 49.70 ? 1901 ZKL A C2  1 
HETATM 1047 C C3  . ZKL B 2 .   ? 1.901   -9.818  -16.651 0.62 48.62 ? 1901 ZKL A C3  1 
HETATM 1048 C C9  . ZKL B 2 .   ? -0.090  -8.872  -11.910 0.62 37.93 ? 1901 ZKL A C9  1 
HETATM 1049 N N2  . ZKL B 2 .   ? 0.045   -10.273 -12.370 0.62 39.19 ? 1901 ZKL A N2  1 
HETATM 1050 O O1  . ZKL B 2 .   ? 1.461   -11.573 -13.558 0.62 45.72 ? 1901 ZKL A O1  1 
HETATM 1051 O O2  . ZKL B 2 .   ? -1.290  -10.414 -7.665  0.62 29.96 ? 1901 ZKL A O2  1 
HETATM 1052 O O3  . ZKL B 2 .   ? -1.884  -7.308  -8.997  0.62 32.75 ? 1901 ZKL A O3  1 
HETATM 1053 O O   . HOH C 3 .   ? -6.800  7.592   20.923  1.00 51.25 ? 2001 HOH A O   1 
HETATM 1054 O O   . HOH C 3 .   ? -3.198  -7.579  -14.652 0.62 31.30 ? 2002 HOH A O   1 
HETATM 1055 O O   . HOH C 3 .   ? 1.382   -13.229 -15.246 0.62 40.49 ? 2003 HOH A O   1 
HETATM 1056 O O   . HOH C 3 .   ? -10.503 -16.131 -11.157 1.00 39.51 ? 2004 HOH A O   1 
HETATM 1057 O O   . HOH C 3 .   ? -13.357 7.079   15.504  1.00 35.51 ? 2005 HOH A O   1 
HETATM 1058 O O   . HOH C 3 .   ? -0.789  -8.003  -17.230 0.62 30.94 ? 2006 HOH A O   1 
HETATM 1059 O O   . HOH C 3 .   ? -4.566  -8.051  -6.262  0.62 18.67 ? 2007 HOH A O   1 
HETATM 1060 O O   . HOH C 3 .   ? 2.615   17.782  13.064  1.00 23.43 ? 2008 HOH A O   1 
HETATM 1061 O O   . HOH C 3 .   ? 9.897   6.818   7.358   1.00 19.94 ? 2009 HOH A O   1 
HETATM 1062 O O   . HOH C 3 .   ? 11.670  -16.495 -12.943 0.62 52.32 ? 2010 HOH A O   1 
HETATM 1063 O O   . HOH C 3 .   ? -11.108 -6.119  -2.862  1.00 32.15 ? 2011 HOH A O   1 
HETATM 1064 O O   . HOH C 3 .   ? 12.188  -7.550  -11.526 1.00 28.54 ? 2012 HOH A O   1 
HETATM 1065 O O   . HOH C 3 .   ? 2.943   -12.227 -8.216  0.62 19.74 ? 2013 HOH A O   1 
HETATM 1066 O O   . HOH C 3 .   ? -0.554  -19.441 -2.915  1.00 26.83 ? 2014 HOH A O   1 
HETATM 1067 O O   . HOH C 3 .   ? 4.947   -4.022  2.691   1.00 18.90 ? 2015 HOH A O   1 
HETATM 1068 O O   . HOH C 3 .   ? 5.423   12.065  21.037  1.00 24.60 ? 2016 HOH A O   1 
HETATM 1069 O O   . HOH C 3 .   ? -7.061  2.545   12.737  1.00 28.12 ? 2017 HOH A O   1 
HETATM 1070 O O   . HOH C 3 .   ? 7.840   9.304   4.720   1.00 27.05 ? 2018 HOH A O   1 
HETATM 1071 O O   . HOH C 3 .   ? 15.407  1.362   4.344   1.00 24.44 ? 2019 HOH A O   1 
HETATM 1072 O O   . HOH C 3 .   ? -16.406 10.433  -0.589  1.00 30.95 ? 2020 HOH A O   1 
HETATM 1073 O O   . HOH C 3 .   ? 5.295   -13.527 -9.613  0.62 39.38 ? 2021 HOH A O   1 
HETATM 1074 O O   . HOH C 3 .   ? 3.492   1.187   14.510  1.00 34.54 ? 2022 HOH A O   1 
HETATM 1075 O O   . HOH C 3 .   ? -7.485  -23.007 -9.874  1.00 33.82 ? 2023 HOH A O   1 
HETATM 1076 O O   . HOH C 3 .   ? 7.534   0.316   7.909   1.00 18.31 ? 2024 HOH A O   1 
HETATM 1077 O O   . HOH C 3 .   ? -11.354 13.258  0.886   1.00 17.66 ? 2025 HOH A O   1 
HETATM 1078 O O   . HOH C 3 .   ? 0.466   3.101   -15.948 1.00 34.93 ? 2026 HOH A O   1 
HETATM 1079 O O   . HOH C 3 .   ? 7.531   -1.603  -15.231 1.00 24.60 ? 2027 HOH A O   1 
HETATM 1080 O O   . HOH C 3 .   ? -4.422  17.363  20.009  1.00 15.18 ? 2028 HOH A O   1 
HETATM 1081 O O   . HOH C 3 .   ? 14.435  3.415   -1.072  1.00 15.57 ? 2029 HOH A O   1 
HETATM 1082 O O   . HOH C 3 .   ? 13.730  -0.510  -8.469  0.62 19.89 ? 2030 HOH A O   1 
HETATM 1083 O O   . HOH C 3 .   ? -8.659  -8.048  -9.611  0.62 26.69 ? 2031 HOH A O   1 
HETATM 1084 O O   . HOH C 3 .   ? -7.089  -5.224  3.890   1.00 30.13 ? 2032 HOH A O   1 
HETATM 1085 O O   . HOH C 3 .   ? 7.831   10.189  15.038  1.00 32.31 ? 2033 HOH A O   1 
HETATM 1086 O O   . HOH C 3 .   ? -13.854 -12.904 -1.045  1.00 41.45 ? 2034 HOH A O   1 
HETATM 1087 O O   . HOH C 3 .   ? -2.861  -11.987 0.460   1.00 19.13 ? 2035 HOH A O   1 
HETATM 1088 O O   . HOH C 3 .   ? 5.365   -9.586  -2.098  1.00 18.22 ? 2036 HOH A O   1 
HETATM 1089 O O   . HOH C 3 .   ? -3.209  15.784  5.505   1.00 14.05 ? 2037 HOH A O   1 
HETATM 1090 O O   . HOH C 3 .   ? -6.451  -11.982 -0.610  1.00 19.31 ? 2038 HOH A O   1 
HETATM 1091 O O   . HOH C 3 .   ? 2.452   -8.099  2.901   1.00 14.29 ? 2039 HOH A O   1 
HETATM 1092 O O   . HOH C 3 .   ? -2.304  15.971  18.859  1.00 15.55 ? 2040 HOH A O   1 
HETATM 1093 O O   . HOH C 3 .   ? 6.772   -12.644 -13.197 0.62 23.91 ? 2041 HOH A O   1 
HETATM 1094 O O   . HOH C 3 .   ? 14.835  7.003   2.468   1.00 25.89 ? 2042 HOH A O   1 
HETATM 1095 O O   . HOH C 3 .   ? 11.123  6.235   10.219  1.00 30.68 ? 2043 HOH A O   1 
HETATM 1096 O O   . HOH C 3 .   ? 10.880  -6.391  0.570   1.00 24.97 ? 2044 HOH A O   1 
HETATM 1097 O O   . HOH C 3 .   ? -1.564  -8.977  3.902   1.00 17.99 ? 2045 HOH A O   1 
HETATM 1098 O O   . HOH C 3 .   ? 9.444   4.845   -17.283 1.00 24.22 ? 2046 HOH A O   1 
HETATM 1099 O O   . HOH C 3 .   ? 1.229   -14.176 0.776   1.00 22.69 ? 2047 HOH A O   1 
HETATM 1100 O O   . HOH C 3 .   ? -1.489  9.700   25.949  1.00 31.49 ? 2048 HOH A O   1 
HETATM 1101 O O   . HOH C 3 .   ? 9.548   6.056   12.789  1.00 21.57 ? 2049 HOH A O   1 
HETATM 1102 O O   . HOH C 3 .   ? -2.808  -6.795  4.946   1.00 16.48 ? 2050 HOH A O   1 
HETATM 1103 O O   . HOH C 3 .   ? 7.049   -17.119 -13.370 1.00 47.74 ? 2051 HOH A O   1 
HETATM 1104 O O   . HOH C 3 .   ? -6.976  5.870   14.974  1.00 27.46 ? 2052 HOH A O   1 
HETATM 1105 O O   . HOH C 3 .   ? -11.416 1.483   4.289   1.00 25.08 ? 2053 HOH A O   1 
HETATM 1106 O O   . HOH C 3 .   ? -0.627  -0.561  13.991  1.00 30.35 ? 2054 HOH A O   1 
HETATM 1107 O O   . HOH C 3 .   ? 13.397  -8.207  -5.549  1.00 22.01 ? 2055 HOH A O   1 
HETATM 1108 O O   . HOH C 3 .   ? -17.470 6.342   -0.341  1.00 33.32 ? 2056 HOH A O   1 
HETATM 1109 O O   . HOH C 3 .   ? 11.233  2.479   12.094  1.00 38.09 ? 2057 HOH A O   1 
HETATM 1110 O O   . HOH C 3 .   ? 2.839   12.165  22.182  1.00 16.07 ? 2058 HOH A O   1 
HETATM 1111 O O   . HOH C 3 .   ? 2.347   5.934   -13.172 0.62 24.38 ? 2059 HOH A O   1 
HETATM 1112 O O   . HOH C 3 .   ? -15.759 2.368   1.095   1.00 30.37 ? 2060 HOH A O   1 
HETATM 1113 O O   . HOH C 3 .   ? -1.674  -1.671  9.594   1.00 22.34 ? 2061 HOH A O   1 
HETATM 1114 O O   . HOH C 3 .   ? -1.678  6.429   19.262  1.00 18.60 ? 2062 HOH A O   1 
HETATM 1115 O O   . HOH C 3 .   ? 1.502   11.250  10.189  1.00 12.52 ? 2063 HOH A O   1 
HETATM 1116 O O   . HOH C 3 .   ? 13.097  -0.307  -3.610  1.00 19.57 ? 2064 HOH A O   1 
HETATM 1117 O O   . HOH C 3 .   ? 0.746   16.533  5.815   1.00 21.80 ? 2065 HOH A O   1 
HETATM 1118 O O   . HOH C 3 .   ? 3.707   9.823   23.205  1.00 20.66 ? 2066 HOH A O   1 
HETATM 1119 O O   . HOH C 3 .   ? -12.268 8.616   -4.624  1.00 26.71 ? 2067 HOH A O   1 
HETATM 1120 O O   . HOH C 3 .   ? 2.774   -18.905 -4.314  0.62 24.63 ? 2068 HOH A O   1 
HETATM 1121 O O   . HOH C 3 .   ? -9.439  15.685  3.565   1.00 18.60 ? 2069 HOH A O   1 
HETATM 1122 O O   . HOH C 3 .   ? 5.019   13.570  16.527  1.00 31.53 ? 2070 HOH A O   1 
HETATM 1123 O O   . HOH C 3 .   ? 6.835   -7.656  1.764   1.00 27.69 ? 2071 HOH A O   1 
HETATM 1124 O O   . HOH C 3 .   ? 5.168   11.311  2.166   1.00 23.69 ? 2072 HOH A O   1 
HETATM 1125 O O   . HOH C 3 .   ? -11.463 -1.945  -6.314  1.00 32.41 ? 2073 HOH A O   1 
HETATM 1126 O O   . HOH C 3 .   ? 6.472   3.092   12.454  1.00 21.06 ? 2074 HOH A O   1 
HETATM 1127 O O   . HOH C 3 .   ? 11.155  -4.481  -18.053 0.62 34.45 ? 2075 HOH A O   1 
HETATM 1128 O O   . HOH C 3 .   ? -1.695  -2.550  -13.306 0.62 21.95 ? 2076 HOH A O   1 
HETATM 1129 O O   . HOH C 3 .   ? -7.659  -1.546  5.519   1.00 21.75 ? 2077 HOH A O   1 
HETATM 1130 O O   . HOH C 3 .   ? 9.524   -4.991  2.744   1.00 20.93 ? 2078 HOH A O   1 
HETATM 1131 O O   . HOH C 3 .   ? -13.966 4.421   -1.337  1.00 39.44 ? 2079 HOH A O   1 
HETATM 1132 O O   . HOH C 3 .   ? 15.657  -7.092  -6.907  1.00 19.12 ? 2080 HOH A O   1 
HETATM 1133 O O   . HOH C 3 .   ? 3.576   14.464  10.753  1.00 19.99 ? 2081 HOH A O   1 
HETATM 1134 O O   . HOH C 3 .   ? 2.419   -1.816  11.213  1.00 32.68 ? 2082 HOH A O   1 
HETATM 1135 O O   . HOH C 3 .   ? -7.854  -4.827  -6.946  0.62 18.42 ? 2083 HOH A O   1 
HETATM 1136 O O   . HOH C 3 .   ? 1.700   14.433  12.776  1.00 18.22 ? 2084 HOH A O   1 
HETATM 1137 O O   . HOH C 3 .   ? -9.332  8.690   3.648   1.00 12.13 ? 2085 HOH A O   1 
HETATM 1138 O O   . HOH C 3 .   ? 12.724  4.086   7.400   1.00 28.53 ? 2086 HOH A O   1 
HETATM 1139 O O   . HOH C 3 .   ? 3.012   10.094  -9.793  1.00 24.71 ? 2087 HOH A O   1 
HETATM 1140 O O   . HOH C 3 .   ? 12.366  -1.286  3.970   1.00 23.31 ? 2088 HOH A O   1 
HETATM 1141 O O   . HOH C 3 .   ? 8.054   -11.932 0.925   1.00 25.85 ? 2089 HOH A O   1 
HETATM 1142 O O   . HOH C 3 .   ? 11.721  2.534   8.065   1.00 31.07 ? 2090 HOH A O   1 
HETATM 1143 O O   . HOH C 3 .   ? -6.675  -6.845  -8.137  0.62 18.75 ? 2091 HOH A O   1 
HETATM 1144 O O   . HOH C 3 .   ? -1.878  10.251  -4.646  1.00 29.54 ? 2092 HOH A O   1 
HETATM 1145 O O   . HOH C 3 .   ? 10.915  -0.195  -5.975  1.00 24.36 ? 2093 HOH A O   1 
HETATM 1146 O O   . HOH C 3 .   ? 10.936  1.292   -9.783  0.62 22.28 ? 2094 HOH A O   1 
HETATM 1147 O O   . HOH C 3 .   ? -2.962  18.024  8.206   1.00 19.40 ? 2095 HOH A O   1 
HETATM 1148 O O   . HOH C 3 .   ? -9.717  0.967   -8.769  1.00 32.34 ? 2096 HOH A O   1 
HETATM 1149 O O   . HOH C 3 .   ? -1.130  15.828  -2.215  1.00 37.39 ? 2097 HOH A O   1 
HETATM 1150 O O   . HOH C 3 .   ? -9.844  -0.187  -0.191  0.62 24.95 ? 2098 HOH A O   1 
HETATM 1151 O O   . HOH C 3 .   ? -9.107  13.344  12.521  1.00 22.42 ? 2099 HOH A O   1 
HETATM 1152 O O   . HOH C 3 .   ? -17.153 8.718   0.924   1.00 29.30 ? 2100 HOH A O   1 
HETATM 1153 O O   . HOH C 3 .   ? -0.078  4.659   20.599  1.00 20.36 ? 2101 HOH A O   1 
HETATM 1154 O O   . HOH C 3 .   ? 8.263   5.896   -14.540 1.00 27.35 ? 2102 HOH A O   1 
HETATM 1155 O O   . HOH C 3 .   ? -0.884  12.420  11.177  1.00 13.22 ? 2103 HOH A O   1 
HETATM 1156 O O   . HOH C 3 .   ? 9.271   0.961   11.722  1.00 39.91 ? 2104 HOH A O   1 
HETATM 1157 O O   . HOH C 3 .   ? -7.510  12.357  9.848   1.00 20.15 ? 2105 HOH A O   1 
HETATM 1158 O O   . HOH C 3 .   ? 5.074   12.918  -4.390  1.00 30.51 ? 2106 HOH A O   1 
HETATM 1159 O O   . HOH C 3 .   ? -6.634  13.708  7.509   1.00 15.55 ? 2107 HOH A O   1 
HETATM 1160 O O   . HOH C 3 .   ? -9.907  2.873   12.668  1.00 28.77 ? 2108 HOH A O   1 
HETATM 1161 O O   . HOH C 3 .   ? -10.304 -24.231 -7.762  1.00 41.48 ? 2109 HOH A O   1 
HETATM 1162 O O   . HOH C 3 .   ? 4.816   -1.236  10.999  1.00 24.98 ? 2110 HOH A O   1 
HETATM 1163 O O   . HOH C 3 .   ? -4.856  6.337   -9.794  1.00 35.62 ? 2111 HOH A O   1 
HETATM 1164 O O   . HOH C 3 .   ? 9.715   7.373   -7.031  1.00 31.35 ? 2112 HOH A O   1 
HETATM 1165 O O   . HOH C 3 .   ? -4.136  18.914  22.261  1.00 21.49 ? 2113 HOH A O   1 
HETATM 1166 O O   . HOH C 3 .   ? -7.076  6.157   -8.252  1.00 33.22 ? 2114 HOH A O   1 
HETATM 1167 O O   . HOH C 3 .   ? -0.855  -4.077  8.437   1.00 17.83 ? 2115 HOH A O   1 
HETATM 1168 O O   . HOH C 3 .   ? 3.376   -18.257 -1.678  0.62 26.09 ? 2116 HOH A O   1 
HETATM 1169 O O   . HOH C 3 .   ? 2.715   16.338  3.667   1.00 43.25 ? 2117 HOH A O   1 
HETATM 1170 O O   . HOH C 3 .   ? 5.864   11.526  8.437   1.00 31.17 ? 2118 HOH A O   1 
HETATM 1171 O O   . HOH C 3 .   ? -6.172  -14.755 -0.437  1.00 27.95 ? 2119 HOH A O   1 
HETATM 1172 O O   . HOH C 3 .   ? 0.053   19.587  -3.401  1.00 48.81 ? 2120 HOH A O   1 
HETATM 1173 O O   . HOH C 3 .   ? 2.839   17.546  7.453   1.00 44.54 ? 2121 HOH A O   1 
HETATM 1174 O O   . HOH C 3 .   ? -13.570 2.155   13.252  1.00 46.40 ? 2122 HOH A O   1 
HETATM 1175 O O   . HOH C 3 .   ? -5.696  -1.201  10.445  1.00 29.96 ? 2123 HOH A O   1 
HETATM 1176 O O   . HOH C 3 .   ? 0.305   -14.756 -14.551 0.62 39.07 ? 2124 HOH A O   1 
HETATM 1177 O O   . HOH C 3 .   ? 11.654  -0.025  6.753   1.00 39.52 ? 2125 HOH A O   1 
HETATM 1178 O O   . HOH C 3 .   ? 1.710   12.974  24.740  1.00 17.75 ? 2126 HOH A O   1 
HETATM 1179 O O   . HOH C 3 .   ? 3.775   -10.297 1.831   1.00 18.71 ? 2127 HOH A O   1 
HETATM 1180 O O   . HOH C 3 .   ? -0.693  -6.401  -15.030 0.62 45.87 ? 2128 HOH A O   1 
HETATM 1181 O O   . HOH C 3 .   ? 5.852   12.054  -7.680  1.00 41.82 ? 2129 HOH A O   1 
HETATM 1182 O O   . HOH C 3 .   ? 2.795   -13.392 -10.537 0.62 38.79 ? 2130 HOH A O   1 
HETATM 1183 O O   . HOH C 3 .   ? 4.430   -13.652 -12.509 0.62 44.86 ? 2131 HOH A O   1 
HETATM 1184 O O   . HOH C 3 .   ? 14.409  -5.013  -1.808  1.00 28.17 ? 2132 HOH A O   1 
HETATM 1185 O O   . HOH C 3 .   ? 1.082   11.007  26.458  1.00 41.64 ? 2133 HOH A O   1 
HETATM 1186 O O   . HOH C 3 .   ? -2.538  -11.408 4.671   1.00 27.34 ? 2134 HOH A O   1 
HETATM 1187 O O   . HOH C 3 .   ? 14.003  -10.697 -5.384  1.00 27.82 ? 2135 HOH A O   1 
HETATM 1188 O O   . HOH C 3 .   ? 2.114   5.317   -17.207 1.00 28.55 ? 2136 HOH A O   1 
HETATM 1189 O O   . HOH C 3 .   ? 2.865   14.608  -8.789  1.00 32.06 ? 2137 HOH A O   1 
HETATM 1190 O O   . HOH C 3 .   ? 6.546   0.885   10.525  1.00 19.08 ? 2138 HOH A O   1 
HETATM 1191 O O   . HOH C 3 .   ? -3.673  6.800   21.193  1.00 33.95 ? 2139 HOH A O   1 
HETATM 1192 O O   . HOH C 3 .   ? 3.330   -7.071  8.170   0.52 26.09 ? 2140 HOH A O   1 
HETATM 1193 O O   . HOH C 3 .   ? 10.276  8.897   13.945  1.00 28.53 ? 2141 HOH A O   1 
HETATM 1194 O O   . HOH C 3 .   ? 4.611   -6.554  3.743   1.00 22.35 ? 2142 HOH A O   1 
HETATM 1195 O O   . HOH C 3 .   ? 11.806  10.610  7.539   1.00 40.91 ? 2143 HOH A O   1 
HETATM 1196 O O   . HOH C 3 .   ? -6.145  -9.326  7.401   0.62 23.63 ? 2144 HOH A O   1 
HETATM 1197 O O   . HOH C 3 .   ? -10.680 -4.577  -6.730  0.62 25.56 ? 2145 HOH A O   1 
HETATM 1198 O O   . HOH C 3 .   ? 0.231   -0.405  10.845  1.00 29.70 ? 2146 HOH A O   1 
HETATM 1199 O O   . HOH C 3 .   ? 0.900   22.129  -3.260  1.00 26.57 ? 2147 HOH A O   1 
HETATM 1200 O O   . HOH C 3 .   ? -6.849  -11.616 2.258   1.00 33.35 ? 2148 HOH A O   1 
HETATM 1201 O O   . HOH C 3 .   ? -1.492  17.967  5.829   1.00 25.86 ? 2149 HOH A O   1 
HETATM 1202 O O   . HOH C 3 .   ? 2.349   -4.284  12.830  1.00 43.93 ? 2150 HOH A O   1 
HETATM 1203 O O   . HOH C 3 .   ? 2.967   16.826  -5.600  1.00 42.59 ? 2151 HOH A O   1 
HETATM 1204 O O   . HOH C 3 .   ? 2.172   -16.754 0.430   1.00 27.64 ? 2152 HOH A O   1 
HETATM 1205 O O   . HOH C 3 .   ? 1.030   -8.954  5.086   0.52 15.22 ? 2153 HOH A O   1 
HETATM 1206 O O   . HOH C 3 .   ? 3.935   12.453  -9.519  1.00 35.33 ? 2154 HOH A O   1 
HETATM 1207 O O   . HOH C 3 .   ? -5.473  16.422  4.029   1.00 20.57 ? 2155 HOH A O   1 
HETATM 1208 O O   . HOH C 3 .   ? 7.455   9.962   -12.715 0.52 20.68 ? 2156 HOH A O   1 
HETATM 1209 O O   . HOH C 3 .   ? -5.481  -7.609  4.969   1.00 26.97 ? 2157 HOH A O   1 
HETATM 1210 O O   . HOH C 3 .   ? 6.172   -9.792  0.532   1.00 17.81 ? 2158 HOH A O   1 
HETATM 1211 O O   . HOH C 3 .   ? -2.132  2.400   -14.690 0.62 31.09 ? 2159 HOH A O   1 
HETATM 1212 O O   . HOH C 3 .   ? 7.272   9.592   1.774   1.00 33.12 ? 2160 HOH A O   1 
HETATM 1213 O O   . HOH C 3 .   ? -3.149  7.205   23.998  1.00 41.25 ? 2161 HOH A O   1 
HETATM 1214 O O   . HOH C 3 .   ? 11.836  6.173   -8.427  0.62 29.12 ? 2162 HOH A O   1 
HETATM 1215 O O   . HOH C 3 .   ? -7.821  16.281  6.380   0.50 11.93 ? 2163 HOH A O   1 
HETATM 1216 O O   . HOH C 3 .   ? 10.957  -3.836  4.563   1.00 29.46 ? 2164 HOH A O   1 
HETATM 1217 O O   . HOH C 3 .   ? 4.796   10.419  -12.550 0.52 27.46 ? 2165 HOH A O   1 
HETATM 1218 O O   . HOH C 3 .   ? -12.982 -1.894  -4.101  0.62 28.09 ? 2166 HOH A O   1 
HETATM 1219 O O   . HOH C 3 .   ? -0.715  4.146   23.187  1.00 34.24 ? 2167 HOH A O   1 
HETATM 1220 O O   . HOH C 3 .   ? 11.907  -8.959  1.165   1.00 40.49 ? 2168 HOH A O   1 
HETATM 1221 O O   . HOH C 3 .   ? -2.944  4.891   17.113  1.00 24.03 ? 2169 HOH A O   1 
# 
